data_3BWR
#
_entry.id   3BWR
#
_cell.length_a   152.764
_cell.length_b   93.087
_cell.length_c   118.882
_cell.angle_alpha   90.00
_cell.angle_beta   105.60
_cell.angle_gamma   90.00
#
_symmetry.space_group_name_H-M   'C 1 2 1'
#
loop_
_entity.id
_entity.type
_entity.pdbx_description
1 polymer 'Capsid protein VP1'
2 branched 'beta-D-galactopyranose-(1-3)-2-acetamido-2-deoxy-beta-D-galactopyranose-(1-4)-[N-acetyl-alpha-neuraminic acid-(2-3)]beta-D-galactopyranose-(1-4)-beta-D-glucopyranose'
3 non-polymer 1,2-ETHANEDIOL
4 water water
#
_entity_poly.entity_id   1
_entity_poly.type   'polypeptide(L)'
_entity_poly.pdbx_seq_one_letter_code
;GSHMGGIEVLGVKTGVDSFTEVECFLNPQMGNPDEHQKGLSKSLAAEKQFTDDSPDKEQLPCYSVARIPLPNINEDLTCG
NILMWEAVTVKTEVIGVTAMLNLHSGTQKTHENGAGKPIQGSNFHFFAVGGEPLELQGVLANYRTKYPAQTVTPKNATVD
SQQMNTDHKAVLDKDNAYPVECWVPDPSKNENTRYFGTYTGGENVPPVLHITNTATTVLLDEQGVGPLCKADSLYVSAVD
ICGLFTNTSGTQQWKGLPRYFKITLRKRSVKN
;
_entity_poly.pdbx_strand_id   A,B,C,D,E
#
loop_
_chem_comp.id
_chem_comp.type
_chem_comp.name
_chem_comp.formula
BGC D-saccharide, beta linking beta-D-glucopyranose 'C6 H12 O6'
EDO non-polymer 1,2-ETHANEDIOL 'C2 H6 O2'
GAL D-saccharide, beta linking beta-D-galactopyranose 'C6 H12 O6'
NGA D-saccharide, beta linking 2-acetamido-2-deoxy-beta-D-galactopyranose 'C8 H15 N O6'
SIA D-saccharide, alpha linking 'N-acetyl-alpha-neuraminic acid' 'C11 H19 N O9'
#
# COMPACT_ATOMS: atom_id res chain seq x y z
N GLY A 6 -26.25 27.54 -7.06
CA GLY A 6 -27.02 26.40 -6.49
C GLY A 6 -28.06 26.85 -5.48
N ILE A 7 -27.99 26.29 -4.28
CA ILE A 7 -28.93 26.64 -3.21
C ILE A 7 -28.24 27.44 -2.12
N GLU A 8 -28.84 28.58 -1.76
CA GLU A 8 -28.31 29.38 -0.66
C GLU A 8 -28.77 28.81 0.68
N VAL A 9 -27.80 28.48 1.53
CA VAL A 9 -28.10 27.97 2.86
C VAL A 9 -27.83 29.02 3.94
N LEU A 10 -28.47 28.85 5.09
CA LEU A 10 -28.10 29.64 6.27
C LEU A 10 -27.47 28.72 7.33
N GLY A 11 -27.05 29.31 8.44
CA GLY A 11 -26.29 28.59 9.47
C GLY A 11 -26.97 27.39 10.09
N VAL A 12 -26.18 26.57 10.77
CA VAL A 12 -26.69 25.36 11.41
CA VAL A 12 -26.67 25.36 11.43
C VAL A 12 -27.30 25.66 12.78
N LYS A 13 -28.48 25.10 13.02
CA LYS A 13 -29.20 25.27 14.29
C LYS A 13 -30.03 24.03 14.61
N THR A 14 -29.48 23.14 15.42
CA THR A 14 -30.12 21.85 15.73
C THR A 14 -30.71 21.83 17.14
N GLY A 15 -31.91 21.27 17.25
CA GLY A 15 -32.56 21.10 18.54
C GLY A 15 -33.02 19.67 18.72
N VAL A 16 -34.10 19.47 19.46
CA VAL A 16 -34.65 18.13 19.65
C VAL A 16 -35.49 17.73 18.43
N ASP A 17 -35.25 16.54 17.92
CA ASP A 17 -36.00 16.02 16.77
C ASP A 17 -35.61 16.72 15.48
N SER A 18 -34.37 17.18 15.40
CA SER A 18 -33.83 17.78 14.19
C SER A 18 -33.09 16.75 13.34
N PHE A 19 -32.99 15.53 13.87
CA PHE A 19 -32.24 14.47 13.21
C PHE A 19 -33.13 13.35 12.71
N THR A 20 -32.65 12.63 11.69
CA THR A 20 -33.29 11.40 11.26
C THR A 20 -32.24 10.47 10.66
N GLU A 21 -32.60 9.20 10.53
CA GLU A 21 -31.68 8.18 10.07
C GLU A 21 -32.42 7.25 9.13
N VAL A 22 -31.85 7.02 7.94
CA VAL A 22 -32.45 6.10 6.99
C VAL A 22 -31.47 5.01 6.55
N GLU A 23 -32.00 3.81 6.32
CA GLU A 23 -31.24 2.64 5.93
C GLU A 23 -31.57 2.20 4.52
N CYS A 24 -30.66 1.46 3.90
CA CYS A 24 -30.92 0.95 2.56
C CYS A 24 -29.99 -0.22 2.21
N PHE A 25 -30.58 -1.28 1.66
CA PHE A 25 -29.84 -2.32 0.99
C PHE A 25 -30.07 -2.22 -0.51
N LEU A 26 -29.00 -2.04 -1.28
CA LEU A 26 -29.09 -1.97 -2.74
C LEU A 26 -28.49 -3.19 -3.43
N ASN A 27 -29.33 -3.98 -4.08
CA ASN A 27 -28.87 -5.09 -4.90
C ASN A 27 -27.99 -4.62 -6.06
N PRO A 28 -27.02 -5.46 -6.45
CA PRO A 28 -26.19 -5.21 -7.62
C PRO A 28 -26.95 -5.49 -8.90
N GLN A 29 -26.60 -4.79 -9.97
CA GLN A 29 -27.26 -4.98 -11.26
C GLN A 29 -26.23 -5.37 -12.31
N MET A 30 -25.74 -6.60 -12.19
CA MET A 30 -24.67 -7.12 -13.04
C MET A 30 -25.19 -7.56 -14.41
N GLY A 31 -26.46 -7.94 -14.48
CA GLY A 31 -27.08 -8.40 -15.72
C GLY A 31 -28.17 -9.44 -15.50
N ASN A 32 -27.88 -10.42 -14.65
CA ASN A 32 -28.80 -11.51 -14.28
C ASN A 32 -29.35 -12.28 -15.48
N PRO A 33 -28.50 -13.11 -16.11
CA PRO A 33 -28.86 -13.90 -17.30
C PRO A 33 -30.15 -14.69 -17.11
N ASP A 34 -30.28 -15.42 -16.00
CA ASP A 34 -31.57 -16.02 -15.61
C ASP A 34 -31.77 -15.91 -14.09
N GLU A 35 -32.90 -16.41 -13.61
CA GLU A 35 -33.27 -16.25 -12.20
C GLU A 35 -32.22 -16.88 -11.29
N HIS A 36 -31.50 -17.87 -11.79
CA HIS A 36 -30.55 -18.64 -10.97
C HIS A 36 -29.20 -17.93 -10.86
N GLN A 37 -29.03 -16.84 -11.60
CA GLN A 37 -27.74 -16.17 -11.68
C GLN A 37 -27.82 -14.70 -11.29
N LYS A 38 -28.51 -14.41 -10.21
CA LYS A 38 -28.58 -13.03 -9.70
C LYS A 38 -27.24 -12.64 -9.09
N GLY A 39 -26.83 -11.41 -9.34
CA GLY A 39 -25.52 -10.92 -8.89
C GLY A 39 -24.43 -11.24 -9.90
N LEU A 40 -24.80 -11.96 -10.95
CA LEU A 40 -23.87 -12.26 -12.03
C LEU A 40 -24.35 -11.63 -13.33
N SER A 41 -23.42 -11.38 -14.23
CA SER A 41 -23.77 -10.98 -15.57
C SER A 41 -23.84 -12.21 -16.48
N LYS A 42 -24.27 -11.99 -17.71
CA LYS A 42 -24.16 -13.01 -18.73
C LYS A 42 -22.69 -13.26 -19.05
N SER A 43 -22.34 -14.49 -19.41
CA SER A 43 -20.95 -14.78 -19.76
C SER A 43 -20.46 -13.69 -20.72
N LEU A 44 -19.18 -13.35 -20.61
CA LEU A 44 -18.61 -12.22 -21.33
C LEU A 44 -18.03 -12.63 -22.68
N ALA A 45 -18.24 -11.77 -23.68
CA ALA A 45 -17.67 -11.96 -25.00
C ALA A 45 -16.31 -11.29 -25.11
N ALA A 46 -15.56 -11.67 -26.15
CA ALA A 46 -14.27 -11.06 -26.41
C ALA A 46 -14.01 -11.04 -27.91
N GLU A 47 -13.13 -10.14 -28.33
CA GLU A 47 -12.63 -10.13 -29.70
C GLU A 47 -13.72 -9.77 -30.71
N LYS A 48 -14.73 -9.04 -30.25
CA LYS A 48 -15.77 -8.53 -31.14
C LYS A 48 -15.24 -7.41 -32.02
N GLN A 49 -15.68 -7.39 -33.27
CA GLN A 49 -15.27 -6.34 -34.20
C GLN A 49 -15.76 -4.98 -33.73
N PHE A 50 -14.91 -3.97 -33.85
CA PHE A 50 -15.24 -2.63 -33.36
C PHE A 50 -16.53 -2.12 -34.01
N THR A 51 -16.75 -2.50 -35.27
CA THR A 51 -17.86 -1.98 -36.07
C THR A 51 -19.11 -2.85 -36.00
N ASP A 52 -19.00 -4.01 -35.36
CA ASP A 52 -20.15 -4.88 -35.16
C ASP A 52 -20.12 -5.53 -33.78
N ASP A 53 -20.24 -4.70 -32.74
CA ASP A 53 -20.25 -5.17 -31.37
C ASP A 53 -21.58 -4.84 -30.72
N SER A 54 -22.44 -5.84 -30.59
CA SER A 54 -23.75 -5.65 -29.98
C SER A 54 -23.86 -6.46 -28.69
N PRO A 55 -23.45 -5.86 -27.57
CA PRO A 55 -23.54 -6.57 -26.30
C PRO A 55 -24.98 -6.76 -25.86
N ASP A 56 -25.24 -7.85 -25.16
CA ASP A 56 -26.54 -8.07 -24.55
C ASP A 56 -26.63 -7.26 -23.28
N LYS A 57 -27.85 -6.84 -22.94
CA LYS A 57 -28.10 -6.08 -21.71
C LYS A 57 -27.61 -6.85 -20.50
N GLU A 58 -27.73 -8.18 -20.54
CA GLU A 58 -27.37 -9.02 -19.40
C GLU A 58 -25.86 -9.14 -19.27
N GLN A 59 -25.13 -8.79 -20.33
CA GLN A 59 -23.68 -8.81 -20.29
C GLN A 59 -23.12 -7.53 -19.69
N LEU A 60 -23.97 -6.51 -19.60
CA LEU A 60 -23.55 -5.18 -19.16
C LEU A 60 -24.02 -4.83 -17.75
N PRO A 61 -23.12 -4.91 -16.77
CA PRO A 61 -23.45 -4.40 -15.44
C PRO A 61 -23.90 -2.94 -15.50
N CYS A 62 -24.87 -2.57 -14.66
CA CYS A 62 -25.41 -1.21 -14.65
C CYS A 62 -25.32 -0.58 -13.27
N TYR A 63 -25.35 0.74 -13.22
CA TYR A 63 -25.39 1.43 -11.93
C TYR A 63 -26.62 1.04 -11.15
N SER A 64 -26.46 0.91 -9.84
CA SER A 64 -27.59 0.73 -8.93
C SER A 64 -28.01 2.07 -8.37
N VAL A 65 -29.31 2.28 -8.26
CA VAL A 65 -29.82 3.53 -7.70
C VAL A 65 -31.15 3.30 -7.00
N ALA A 66 -31.32 3.93 -5.84
CA ALA A 66 -32.57 3.91 -5.10
C ALA A 66 -32.87 5.30 -4.58
N ARG A 67 -34.09 5.75 -4.83
CA ARG A 67 -34.58 6.98 -4.26
C ARG A 67 -35.21 6.68 -2.91
N ILE A 68 -34.66 7.25 -1.86
CA ILE A 68 -35.18 7.05 -0.50
C ILE A 68 -36.03 8.23 -0.07
N PRO A 69 -37.33 7.99 0.15
CA PRO A 69 -38.21 9.02 0.66
C PRO A 69 -37.82 9.39 2.08
N LEU A 70 -37.93 10.68 2.41
CA LEU A 70 -37.67 11.15 3.76
C LEU A 70 -38.95 11.70 4.38
N PRO A 71 -39.00 11.75 5.72
CA PRO A 71 -40.12 12.30 6.48
C PRO A 71 -40.49 13.70 6.00
N ASN A 72 -41.78 13.90 5.71
CA ASN A 72 -42.28 15.18 5.26
C ASN A 72 -42.13 16.24 6.35
N ILE A 73 -41.36 17.28 6.05
CA ILE A 73 -41.19 18.38 7.00
CA ILE A 73 -41.19 18.38 6.99
C ILE A 73 -42.34 19.39 6.81
N ASN A 74 -43.26 19.05 5.92
CA ASN A 74 -44.48 19.85 5.67
C ASN A 74 -44.20 21.33 5.39
N GLU A 75 -43.12 21.60 4.65
CA GLU A 75 -42.77 22.96 4.30
C GLU A 75 -43.51 23.41 3.04
N ASP A 76 -44.15 24.58 3.10
CA ASP A 76 -44.80 25.14 1.92
C ASP A 76 -43.81 25.97 1.12
N LEU A 77 -43.60 25.58 -0.14
CA LEU A 77 -42.55 26.18 -0.97
C LEU A 77 -42.98 27.52 -1.57
N THR A 78 -43.88 28.22 -0.88
CA THR A 78 -44.31 29.56 -1.30
C THR A 78 -43.50 30.63 -0.59
N CYS A 79 -42.87 30.26 0.52
CA CYS A 79 -42.08 31.19 1.34
C CYS A 79 -40.59 31.10 1.02
N GLY A 80 -39.88 32.21 1.24
CA GLY A 80 -38.45 32.29 0.95
C GLY A 80 -37.57 31.56 1.94
N ASN A 81 -38.14 31.09 3.04
CA ASN A 81 -37.39 30.36 4.05
C ASN A 81 -38.08 29.05 4.43
N ILE A 82 -37.41 27.93 4.17
CA ILE A 82 -37.92 26.60 4.46
C ILE A 82 -36.84 25.70 5.04
N LEU A 83 -37.26 24.56 5.57
CA LEU A 83 -36.32 23.56 6.05
C LEU A 83 -36.14 22.45 5.02
N MET A 84 -34.92 21.94 4.94
CA MET A 84 -34.57 20.88 4.02
C MET A 84 -33.80 19.83 4.79
N TRP A 85 -33.93 18.56 4.41
CA TRP A 85 -33.10 17.53 5.01
C TRP A 85 -31.67 17.64 4.46
N GLU A 86 -30.69 17.62 5.35
CA GLU A 86 -29.29 17.65 4.97
C GLU A 86 -28.58 16.39 5.42
N ALA A 87 -28.07 15.63 4.45
CA ALA A 87 -27.32 14.41 4.75
C ALA A 87 -25.94 14.80 5.28
N VAL A 88 -25.60 14.29 6.46
CA VAL A 88 -24.37 14.72 7.13
C VAL A 88 -23.32 13.60 7.20
N THR A 89 -23.77 12.36 7.38
CA THR A 89 -22.86 11.23 7.45
C THR A 89 -23.45 10.00 6.77
N VAL A 90 -22.58 9.11 6.33
CA VAL A 90 -22.98 7.84 5.76
C VAL A 90 -22.07 6.70 6.23
N LYS A 91 -22.68 5.63 6.70
CA LYS A 91 -21.97 4.36 6.88
C LYS A 91 -22.35 3.46 5.73
N THR A 92 -21.36 2.90 5.05
CA THR A 92 -21.68 2.06 3.91
C THR A 92 -20.84 0.78 3.93
N GLU A 93 -21.41 -0.30 3.39
CA GLU A 93 -20.87 -1.63 3.57
C GLU A 93 -21.19 -2.50 2.37
N VAL A 94 -20.19 -3.21 1.86
CA VAL A 94 -20.39 -4.20 0.81
C VAL A 94 -20.84 -5.50 1.45
N ILE A 95 -21.93 -6.08 0.94
CA ILE A 95 -22.58 -7.19 1.63
C ILE A 95 -22.32 -8.54 0.97
N GLY A 96 -21.82 -9.49 1.78
CA GLY A 96 -21.60 -10.86 1.34
C GLY A 96 -20.20 -11.16 0.84
N VAL A 97 -19.21 -10.44 1.36
CA VAL A 97 -17.83 -10.61 0.91
C VAL A 97 -17.34 -12.04 1.12
N THR A 98 -17.84 -12.70 2.16
CA THR A 98 -17.39 -14.05 2.51
C THR A 98 -17.94 -15.13 1.58
N ALA A 99 -18.99 -14.80 0.84
CA ALA A 99 -19.60 -15.72 -0.12
C ALA A 99 -18.59 -16.22 -1.15
N MET A 100 -17.58 -15.40 -1.42
CA MET A 100 -16.56 -15.75 -2.42
C MET A 100 -15.57 -16.77 -1.86
N LEU A 101 -15.79 -17.18 -0.62
CA LEU A 101 -15.00 -18.26 -0.03
C LEU A 101 -15.54 -19.63 -0.46
N ASN A 102 -16.63 -19.63 -1.21
CA ASN A 102 -17.11 -20.83 -1.87
C ASN A 102 -16.32 -21.05 -3.15
N LEU A 103 -15.38 -21.98 -3.09
CA LEU A 103 -14.58 -22.35 -4.27
C LEU A 103 -14.94 -23.73 -4.80
N HIS A 104 -16.12 -24.22 -4.45
CA HIS A 104 -16.51 -25.58 -4.85
C HIS A 104 -17.72 -25.61 -5.81
N SER A 105 -18.53 -24.56 -5.80
CA SER A 105 -19.74 -24.54 -6.62
C SER A 105 -19.48 -24.03 -8.06
N GLY A 106 -19.54 -24.94 -9.01
CA GLY A 106 -19.43 -24.60 -10.43
C GLY A 106 -18.13 -23.92 -10.83
N THR A 107 -17.10 -24.09 -10.00
CA THR A 107 -15.83 -23.44 -10.22
C THR A 107 -14.94 -24.21 -11.19
N GLN A 108 -13.82 -23.60 -11.56
CA GLN A 108 -12.78 -24.26 -12.34
C GLN A 108 -11.53 -24.41 -11.49
N LYS A 109 -11.08 -25.64 -11.30
CA LYS A 109 -9.89 -25.88 -10.47
C LYS A 109 -8.70 -25.11 -11.02
N THR A 110 -7.83 -24.66 -10.11
CA THR A 110 -6.63 -23.92 -10.47
C THR A 110 -5.58 -24.88 -11.00
N HIS A 111 -5.65 -26.12 -10.54
CA HIS A 111 -4.74 -27.17 -10.93
C HIS A 111 -5.32 -28.52 -10.51
N GLU A 112 -4.73 -29.60 -11.01
CA GLU A 112 -5.18 -30.96 -10.67
C GLU A 112 -5.14 -31.19 -9.16
N ASN A 113 -6.29 -31.56 -8.60
CA ASN A 113 -6.46 -31.77 -7.15
C ASN A 113 -6.64 -30.46 -6.37
N GLY A 114 -6.53 -29.34 -7.08
CA GLY A 114 -6.60 -28.02 -6.45
C GLY A 114 -8.00 -27.49 -6.28
N ALA A 115 -8.14 -26.46 -5.45
CA ALA A 115 -9.42 -25.82 -5.20
C ALA A 115 -9.88 -24.99 -6.39
N GLY A 116 -11.15 -24.58 -6.38
CA GLY A 116 -11.69 -23.73 -7.43
C GLY A 116 -11.04 -22.36 -7.49
N LYS A 117 -11.07 -21.75 -8.67
CA LYS A 117 -10.49 -20.43 -8.86
C LYS A 117 -11.39 -19.35 -8.27
N PRO A 118 -10.83 -18.51 -7.39
CA PRO A 118 -11.59 -17.46 -6.73
C PRO A 118 -11.99 -16.36 -7.72
N ILE A 119 -13.06 -15.66 -7.39
CA ILE A 119 -13.45 -14.50 -8.17
C ILE A 119 -12.33 -13.47 -8.11
N GLN A 120 -11.99 -12.89 -9.26
CA GLN A 120 -10.86 -11.99 -9.35
C GLN A 120 -10.85 -11.29 -10.70
N GLY A 121 -9.95 -10.33 -10.86
CA GLY A 121 -9.85 -9.56 -12.09
C GLY A 121 -10.27 -8.12 -11.88
N SER A 122 -10.63 -7.45 -12.97
CA SER A 122 -11.10 -6.07 -12.92
C SER A 122 -12.27 -5.89 -11.96
N ASN A 123 -12.25 -4.80 -11.21
CA ASN A 123 -13.32 -4.50 -10.27
C ASN A 123 -13.60 -3.00 -10.23
N PHE A 124 -14.79 -2.66 -9.77
CA PHE A 124 -15.18 -1.28 -9.62
C PHE A 124 -16.11 -1.16 -8.42
N HIS A 125 -15.65 -0.46 -7.40
CA HIS A 125 -16.46 -0.25 -6.20
C HIS A 125 -16.72 1.23 -6.04
N PHE A 126 -18.01 1.56 -5.96
CA PHE A 126 -18.48 2.92 -6.04
C PHE A 126 -19.74 3.12 -5.23
N PHE A 127 -19.85 4.27 -4.56
CA PHE A 127 -21.09 4.66 -3.92
C PHE A 127 -21.24 6.17 -3.93
N ALA A 128 -22.49 6.63 -3.84
CA ALA A 128 -22.79 8.04 -3.87
C ALA A 128 -24.00 8.33 -3.00
N VAL A 129 -23.97 9.47 -2.32
CA VAL A 129 -25.13 9.97 -1.61
C VAL A 129 -25.40 11.39 -2.08
N GLY A 130 -26.65 11.70 -2.40
CA GLY A 130 -27.03 13.02 -2.87
C GLY A 130 -28.50 13.35 -2.64
N GLY A 131 -28.82 14.63 -2.72
CA GLY A 131 -30.21 15.08 -2.62
C GLY A 131 -30.85 15.17 -3.99
N GLU A 132 -30.15 14.64 -4.98
CA GLU A 132 -30.59 14.55 -6.35
C GLU A 132 -30.04 13.28 -6.98
N PRO A 133 -30.56 12.91 -8.16
CA PRO A 133 -29.91 11.85 -8.90
C PRO A 133 -28.46 12.21 -9.25
N LEU A 134 -27.57 11.23 -9.19
CA LEU A 134 -26.18 11.39 -9.57
C LEU A 134 -26.07 11.86 -11.01
N GLU A 135 -25.32 12.93 -11.23
CA GLU A 135 -25.11 13.43 -12.59
C GLU A 135 -23.94 12.71 -13.24
N LEU A 136 -24.14 12.31 -14.51
CA LEU A 136 -23.21 11.43 -15.20
C LEU A 136 -22.63 12.07 -16.45
N GLN A 137 -21.40 11.66 -16.77
CA GLN A 137 -20.76 11.98 -18.03
C GLN A 137 -20.45 10.68 -18.75
N GLY A 138 -20.72 10.65 -20.05
CA GLY A 138 -20.48 9.46 -20.85
C GLY A 138 -19.10 9.41 -21.48
N VAL A 139 -18.46 8.26 -21.34
CA VAL A 139 -17.20 7.97 -22.02
C VAL A 139 -17.21 6.53 -22.48
N LEU A 140 -16.84 6.29 -23.72
CA LEU A 140 -16.88 4.95 -24.28
C LEU A 140 -15.49 4.44 -24.65
N ALA A 141 -15.29 3.14 -24.50
CA ALA A 141 -14.07 2.51 -24.98
C ALA A 141 -14.15 2.39 -26.50
N ASN A 142 -15.35 2.07 -26.97
CA ASN A 142 -15.64 1.92 -28.39
C ASN A 142 -16.89 2.69 -28.74
N TYR A 143 -16.75 3.80 -29.46
CA TYR A 143 -17.89 4.69 -29.72
C TYR A 143 -18.88 4.10 -30.73
N ARG A 144 -18.46 3.04 -31.42
CA ARG A 144 -19.29 2.39 -32.43
C ARG A 144 -20.09 1.22 -31.85
N THR A 145 -19.92 0.97 -30.55
CA THR A 145 -20.63 -0.12 -29.86
C THR A 145 -22.14 0.04 -30.00
N LYS A 146 -22.81 -1.02 -30.43
CA LYS A 146 -24.25 -1.00 -30.62
C LYS A 146 -24.96 -1.49 -29.37
N TYR A 147 -25.32 -0.55 -28.50
CA TYR A 147 -25.89 -0.92 -27.20
C TYR A 147 -27.36 -1.31 -27.34
N PRO A 148 -27.80 -2.26 -26.50
CA PRO A 148 -29.14 -2.86 -26.49
C PRO A 148 -30.23 -1.84 -26.16
N ALA A 149 -31.44 -2.10 -26.64
CA ALA A 149 -32.56 -1.18 -26.51
C ALA A 149 -32.85 -0.77 -25.06
N GLN A 150 -32.69 -1.73 -24.15
CA GLN A 150 -33.07 -1.53 -22.74
C GLN A 150 -31.90 -1.01 -21.89
N THR A 151 -31.05 -0.18 -22.50
CA THR A 151 -30.03 0.56 -21.76
C THR A 151 -30.06 2.03 -22.13
N VAL A 152 -29.67 2.87 -21.18
CA VAL A 152 -29.47 4.29 -21.48
C VAL A 152 -27.98 4.50 -21.69
N THR A 153 -27.61 4.83 -22.92
CA THR A 153 -26.23 5.05 -23.28
C THR A 153 -26.08 6.36 -24.03
N PRO A 154 -24.85 6.88 -24.11
CA PRO A 154 -24.62 8.17 -24.74
C PRO A 154 -25.32 8.27 -26.11
N LYS A 155 -26.19 9.27 -26.25
CA LYS A 155 -26.91 9.50 -27.50
C LYS A 155 -25.99 10.10 -28.56
N ASN A 156 -26.14 9.63 -29.79
CA ASN A 156 -25.37 10.17 -30.91
C ASN A 156 -23.87 10.15 -30.65
N ALA A 157 -23.37 9.00 -30.20
CA ALA A 157 -21.95 8.86 -29.92
C ALA A 157 -21.11 9.24 -31.14
N THR A 158 -20.00 9.92 -30.90
CA THR A 158 -19.12 10.32 -31.97
C THR A 158 -17.67 9.88 -31.74
N VAL A 159 -16.82 10.24 -32.68
CA VAL A 159 -15.38 10.01 -32.57
C VAL A 159 -14.85 10.46 -31.20
N ASP A 160 -15.36 11.58 -30.70
CA ASP A 160 -14.83 12.19 -29.46
C ASP A 160 -15.35 11.53 -28.19
N SER A 161 -16.30 10.61 -28.32
CA SER A 161 -16.93 9.94 -27.17
C SER A 161 -15.99 8.97 -26.46
N GLN A 162 -14.83 8.72 -27.06
CA GLN A 162 -13.81 7.88 -26.44
C GLN A 162 -12.89 8.73 -25.59
N GLN A 163 -12.97 10.05 -25.79
CA GLN A 163 -12.37 11.01 -24.89
C GLN A 163 -13.47 11.93 -24.38
N MET A 164 -13.29 13.24 -24.55
CA MET A 164 -14.28 14.18 -24.05
C MET A 164 -15.38 14.52 -25.08
N ASN A 165 -16.61 14.11 -24.80
CA ASN A 165 -17.77 14.58 -25.54
C ASN A 165 -18.81 15.14 -24.58
N THR A 166 -18.85 16.47 -24.49
CA THR A 166 -19.65 17.14 -23.44
C THR A 166 -21.17 17.02 -23.64
N ASP A 167 -21.59 16.50 -24.79
CA ASP A 167 -23.00 16.28 -25.05
C ASP A 167 -23.56 15.15 -24.19
N HIS A 168 -22.69 14.20 -23.86
CA HIS A 168 -23.11 13.00 -23.14
C HIS A 168 -23.31 13.30 -21.65
N LYS A 169 -24.35 14.07 -21.35
CA LYS A 169 -24.76 14.34 -19.98
C LYS A 169 -26.02 13.55 -19.65
N ALA A 170 -26.04 12.93 -18.49
CA ALA A 170 -27.21 12.18 -18.04
C ALA A 170 -27.32 12.25 -16.53
N VAL A 171 -28.39 11.66 -15.99
CA VAL A 171 -28.55 11.52 -14.56
C VAL A 171 -28.92 10.08 -14.24
N LEU A 172 -28.45 9.59 -13.11
CA LEU A 172 -28.78 8.23 -12.68
C LEU A 172 -30.16 8.23 -12.03
N ASP A 173 -31.19 8.13 -12.86
CA ASP A 173 -32.58 8.20 -12.39
C ASP A 173 -33.29 6.86 -12.51
N LYS A 174 -32.63 5.87 -13.10
CA LYS A 174 -33.24 4.55 -13.30
C LYS A 174 -32.28 3.42 -12.96
N ASP A 175 -32.76 2.47 -12.17
CA ASP A 175 -31.97 1.33 -11.76
C ASP A 175 -31.82 0.32 -12.89
N ASN A 176 -30.65 -0.29 -13.01
CA ASN A 176 -30.41 -1.32 -14.02
C ASN A 176 -30.67 -0.81 -15.45
N ALA A 177 -30.25 0.42 -15.72
CA ALA A 177 -30.48 1.04 -17.02
C ALA A 177 -29.20 1.65 -17.59
N TYR A 178 -28.39 2.23 -16.72
CA TYR A 178 -27.16 2.89 -17.15
C TYR A 178 -25.96 1.97 -16.98
N PRO A 179 -25.40 1.49 -18.11
CA PRO A 179 -24.26 0.57 -18.09
C PRO A 179 -23.01 1.25 -17.50
N VAL A 180 -22.36 0.57 -16.57
CA VAL A 180 -21.19 1.12 -15.89
C VAL A 180 -20.10 1.52 -16.89
N GLU A 181 -19.97 0.76 -17.97
CA GLU A 181 -18.91 0.98 -18.94
C GLU A 181 -19.15 2.21 -19.83
N CYS A 182 -20.34 2.78 -19.72
CA CYS A 182 -20.71 3.95 -20.53
C CYS A 182 -20.64 5.27 -19.77
N TRP A 183 -20.72 5.21 -18.44
CA TRP A 183 -20.94 6.41 -17.64
C TRP A 183 -20.02 6.53 -16.43
N VAL A 184 -19.57 7.76 -16.15
CA VAL A 184 -18.92 8.07 -14.89
C VAL A 184 -19.62 9.26 -14.26
N PRO A 185 -19.52 9.38 -12.92
CA PRO A 185 -20.02 10.61 -12.32
C PRO A 185 -19.34 11.82 -12.93
N ASP A 186 -20.12 12.89 -13.13
CA ASP A 186 -19.65 14.13 -13.71
C ASP A 186 -19.11 15.07 -12.62
N PRO A 187 -17.79 15.29 -12.61
CA PRO A 187 -17.14 16.16 -11.62
C PRO A 187 -17.41 17.65 -11.88
N SER A 188 -17.92 17.98 -13.06
CA SER A 188 -18.25 19.37 -13.37
C SER A 188 -19.62 19.74 -12.83
N LYS A 189 -20.34 18.73 -12.34
CA LYS A 189 -21.61 18.94 -11.69
C LYS A 189 -21.60 18.25 -10.32
N ASN A 190 -22.73 17.74 -9.89
CA ASN A 190 -22.80 16.97 -8.63
C ASN A 190 -22.48 17.80 -7.40
N GLU A 191 -22.87 19.07 -7.44
CA GLU A 191 -22.73 19.95 -6.30
C GLU A 191 -23.51 19.44 -5.10
N ASN A 192 -24.58 18.70 -5.38
CA ASN A 192 -25.49 18.25 -4.34
C ASN A 192 -25.37 16.75 -4.07
N THR A 193 -24.25 16.19 -4.52
CA THR A 193 -23.94 14.78 -4.38
C THR A 193 -22.49 14.59 -3.94
N ARG A 194 -22.24 13.57 -3.12
CA ARG A 194 -20.89 13.14 -2.80
C ARG A 194 -20.68 11.73 -3.30
N TYR A 195 -19.68 11.52 -4.14
CA TYR A 195 -19.44 10.18 -4.70
C TYR A 195 -17.99 9.72 -4.50
N PHE A 196 -17.82 8.41 -4.49
CA PHE A 196 -16.53 7.80 -4.21
C PHE A 196 -16.40 6.52 -4.99
N GLY A 197 -15.32 6.38 -5.74
CA GLY A 197 -15.12 5.17 -6.54
C GLY A 197 -13.68 4.79 -6.75
N THR A 198 -13.45 3.48 -6.85
CA THR A 198 -12.14 2.96 -7.22
C THR A 198 -12.27 1.90 -8.30
N TYR A 199 -11.57 2.12 -9.42
CA TYR A 199 -11.44 1.12 -10.48
C TYR A 199 -10.09 0.42 -10.42
N THR A 200 -10.11 -0.91 -10.52
CA THR A 200 -8.89 -1.68 -10.64
C THR A 200 -8.96 -2.57 -11.89
N GLY A 201 -7.99 -2.43 -12.79
CA GLY A 201 -7.97 -3.23 -14.02
C GLY A 201 -6.94 -4.34 -14.03
N GLY A 202 -7.26 -5.45 -14.68
CA GLY A 202 -6.35 -6.59 -14.78
C GLY A 202 -7.02 -7.91 -14.42
N GLU A 203 -6.83 -8.91 -15.27
CA GLU A 203 -7.56 -10.17 -15.15
C GLU A 203 -7.18 -10.96 -13.88
N ASN A 204 -6.04 -10.65 -13.28
CA ASN A 204 -5.59 -11.39 -12.11
C ASN A 204 -5.66 -10.58 -10.82
N VAL A 205 -6.30 -9.41 -10.87
CA VAL A 205 -6.41 -8.52 -9.73
C VAL A 205 -7.19 -9.13 -8.57
N PRO A 206 -6.53 -9.33 -7.42
CA PRO A 206 -7.22 -9.84 -6.23
C PRO A 206 -8.15 -8.81 -5.61
N PRO A 207 -9.40 -9.20 -5.38
CA PRO A 207 -10.32 -8.36 -4.62
C PRO A 207 -9.80 -8.14 -3.21
N VAL A 208 -9.85 -6.90 -2.75
CA VAL A 208 -9.58 -6.60 -1.36
C VAL A 208 -10.77 -5.82 -0.80
N LEU A 209 -11.50 -6.47 0.11
CA LEU A 209 -12.75 -5.89 0.62
C LEU A 209 -12.75 -5.84 2.14
N HIS A 210 -12.92 -4.64 2.68
CA HIS A 210 -12.96 -4.43 4.11
C HIS A 210 -14.39 -4.27 4.60
N ILE A 211 -14.70 -4.86 5.74
CA ILE A 211 -15.99 -4.66 6.38
C ILE A 211 -15.81 -4.22 7.82
N THR A 212 -16.70 -3.35 8.28
CA THR A 212 -16.73 -2.84 9.65
C THR A 212 -17.97 -1.99 9.85
N ASN A 213 -18.38 -1.82 11.11
CA ASN A 213 -19.51 -0.95 11.43
C ASN A 213 -19.04 0.32 12.15
N THR A 214 -17.75 0.61 12.03
CA THR A 214 -17.11 1.70 12.76
C THR A 214 -16.59 2.81 11.85
N ALA A 215 -16.71 2.61 10.54
CA ALA A 215 -16.26 3.59 9.56
C ALA A 215 -17.41 4.50 9.13
N THR A 216 -17.19 5.80 9.24
CA THR A 216 -18.19 6.80 8.85
C THR A 216 -17.60 7.81 7.87
N THR A 217 -18.37 8.11 6.82
CA THR A 217 -18.00 9.14 5.87
C THR A 217 -18.84 10.40 6.10
N VAL A 218 -18.16 11.51 6.34
CA VAL A 218 -18.82 12.79 6.51
C VAL A 218 -19.14 13.37 5.14
N LEU A 219 -20.36 13.84 4.97
CA LEU A 219 -20.84 14.26 3.65
C LEU A 219 -20.85 15.79 3.48
N LEU A 220 -20.39 16.50 4.50
CA LEU A 220 -20.33 17.95 4.44
C LEU A 220 -19.25 18.40 3.45
N ASP A 221 -19.55 19.41 2.64
CA ASP A 221 -18.56 19.93 1.70
C ASP A 221 -17.63 20.94 2.40
N GLU A 222 -16.92 21.72 1.61
CA GLU A 222 -15.91 22.65 2.14
C GLU A 222 -16.53 23.78 2.98
N GLN A 223 -17.79 24.10 2.72
CA GLN A 223 -18.49 25.14 3.50
C GLN A 223 -19.34 24.54 4.61
N GLY A 224 -19.14 23.25 4.87
CA GLY A 224 -19.85 22.56 5.96
C GLY A 224 -21.29 22.23 5.63
N VAL A 225 -21.58 22.07 4.34
CA VAL A 225 -22.93 21.73 3.90
C VAL A 225 -22.96 20.35 3.24
N GLY A 226 -23.85 19.50 3.72
CA GLY A 226 -24.07 18.18 3.12
C GLY A 226 -25.11 18.24 2.02
N PRO A 227 -25.34 17.11 1.33
CA PRO A 227 -26.35 17.13 0.27
C PRO A 227 -27.71 17.60 0.77
N LEU A 228 -28.32 18.52 0.04
CA LEU A 228 -29.64 19.04 0.38
C LEU A 228 -30.72 18.28 -0.39
N CYS A 229 -31.58 17.59 0.36
CA CYS A 229 -32.50 16.61 -0.23
C CYS A 229 -33.76 17.23 -0.85
N LYS A 230 -33.72 17.39 -2.16
CA LYS A 230 -34.81 18.02 -2.92
C LYS A 230 -36.06 17.14 -2.93
N ALA A 231 -37.22 17.79 -2.76
CA ALA A 231 -38.51 17.10 -2.72
C ALA A 231 -38.58 16.05 -1.61
N ASP A 232 -37.84 16.31 -0.53
CA ASP A 232 -37.76 15.41 0.62
C ASP A 232 -37.33 14.00 0.22
N SER A 233 -36.41 13.91 -0.74
CA SER A 233 -35.95 12.60 -1.21
CA SER A 233 -35.95 12.61 -1.22
C SER A 233 -34.43 12.52 -1.25
N LEU A 234 -33.92 11.32 -1.02
CA LEU A 234 -32.50 11.06 -0.99
C LEU A 234 -32.16 10.06 -2.08
N TYR A 235 -30.98 10.21 -2.69
CA TYR A 235 -30.53 9.25 -3.70
C TYR A 235 -29.25 8.54 -3.28
N VAL A 236 -29.30 7.21 -3.27
CA VAL A 236 -28.11 6.41 -3.08
C VAL A 236 -27.80 5.67 -4.38
N SER A 237 -26.53 5.70 -4.78
CA SER A 237 -26.09 5.03 -5.99
C SER A 237 -24.91 4.12 -5.67
N ALA A 238 -24.74 3.06 -6.45
CA ALA A 238 -23.66 2.12 -6.17
C ALA A 238 -23.31 1.25 -7.37
N VAL A 239 -22.05 0.84 -7.39
CA VAL A 239 -21.57 -0.24 -8.23
C VAL A 239 -20.56 -1.04 -7.42
N ASP A 240 -20.72 -2.35 -7.42
CA ASP A 240 -19.76 -3.22 -6.74
C ASP A 240 -19.48 -4.43 -7.60
N ILE A 241 -18.75 -4.19 -8.68
CA ILE A 241 -18.21 -5.24 -9.51
C ILE A 241 -16.97 -5.78 -8.83
N CYS A 242 -17.10 -6.96 -8.22
CA CYS A 242 -16.04 -7.54 -7.40
C CYS A 242 -14.92 -8.14 -8.23
N GLY A 243 -15.25 -8.50 -9.46
CA GLY A 243 -14.32 -9.17 -10.37
C GLY A 243 -15.08 -10.14 -11.26
N LEU A 244 -14.35 -11.13 -11.79
CA LEU A 244 -14.95 -12.12 -12.67
C LEU A 244 -15.09 -13.47 -11.99
N PHE A 245 -16.24 -14.12 -12.20
CA PHE A 245 -16.40 -15.51 -11.82
C PHE A 245 -16.00 -16.36 -13.02
N THR A 246 -15.20 -17.39 -12.78
CA THR A 246 -14.78 -18.28 -13.85
C THR A 246 -15.51 -19.62 -13.74
N ASN A 247 -16.29 -19.95 -14.77
CA ASN A 247 -16.97 -21.22 -14.83
C ASN A 247 -16.00 -22.36 -15.12
N THR A 248 -16.42 -23.59 -14.84
CA THR A 248 -15.60 -24.76 -15.09
C THR A 248 -15.09 -24.76 -16.52
N SER A 249 -15.92 -24.25 -17.43
CA SER A 249 -15.63 -24.26 -18.86
C SER A 249 -14.60 -23.21 -19.25
N GLY A 250 -14.47 -22.17 -18.44
CA GLY A 250 -13.56 -21.07 -18.76
C GLY A 250 -14.31 -19.78 -19.04
N THR A 251 -15.61 -19.88 -19.25
CA THR A 251 -16.43 -18.68 -19.45
C THR A 251 -16.45 -17.84 -18.17
N GLN A 252 -16.56 -16.53 -18.33
CA GLN A 252 -16.48 -15.63 -17.19
C GLN A 252 -17.64 -14.66 -17.16
N GLN A 253 -18.12 -14.37 -15.96
CA GLN A 253 -19.20 -13.39 -15.78
C GLN A 253 -18.87 -12.47 -14.61
N TRP A 254 -19.22 -11.19 -14.75
CA TRP A 254 -19.01 -10.23 -13.69
C TRP A 254 -19.75 -10.66 -12.42
N LYS A 255 -19.11 -10.46 -11.28
CA LYS A 255 -19.74 -10.74 -10.00
C LYS A 255 -19.96 -9.42 -9.25
N GLY A 256 -21.14 -9.28 -8.67
CA GLY A 256 -21.47 -8.09 -7.88
C GLY A 256 -22.04 -8.49 -6.53
N LEU A 257 -21.94 -7.57 -5.57
CA LEU A 257 -22.54 -7.77 -4.26
C LEU A 257 -23.38 -6.56 -3.89
N PRO A 258 -24.42 -6.78 -3.07
CA PRO A 258 -25.24 -5.67 -2.57
C PRO A 258 -24.41 -4.69 -1.75
N ARG A 259 -24.91 -3.46 -1.61
CA ARG A 259 -24.28 -2.45 -0.77
C ARG A 259 -25.30 -1.86 0.19
N TYR A 260 -24.88 -1.70 1.44
CA TYR A 260 -25.71 -1.13 2.48
C TYR A 260 -25.39 0.34 2.71
N PHE A 261 -26.42 1.15 2.93
CA PHE A 261 -26.28 2.55 3.28
C PHE A 261 -26.96 2.84 4.61
N LYS A 262 -26.30 3.62 5.45
CA LYS A 262 -26.97 4.22 6.61
C LYS A 262 -26.63 5.71 6.66
N ILE A 263 -27.63 6.54 6.37
CA ILE A 263 -27.41 7.97 6.28
C ILE A 263 -28.07 8.71 7.45
N THR A 264 -27.31 9.61 8.06
CA THR A 264 -27.82 10.47 9.11
C THR A 264 -28.04 11.85 8.53
N LEU A 265 -29.19 12.44 8.86
CA LEU A 265 -29.57 13.73 8.29
C LEU A 265 -29.96 14.72 9.38
N ARG A 266 -29.89 16.00 9.05
CA ARG A 266 -30.33 17.05 9.95
C ARG A 266 -31.13 18.10 9.19
N LYS A 267 -32.09 18.72 9.87
CA LYS A 267 -32.88 19.77 9.27
C LYS A 267 -32.03 21.03 9.09
N ARG A 268 -32.07 21.60 7.90
CA ARG A 268 -31.27 22.80 7.63
C ARG A 268 -32.10 23.89 6.97
N SER A 269 -31.86 25.13 7.39
CA SER A 269 -32.51 26.29 6.81
C SER A 269 -31.88 26.65 5.46
N VAL A 270 -32.73 26.83 4.45
CA VAL A 270 -32.27 27.20 3.13
C VAL A 270 -33.11 28.35 2.58
N LYS A 271 -32.61 29.02 1.54
CA LYS A 271 -33.36 30.05 0.86
C LYS A 271 -34.24 29.43 -0.23
N ASN A 272 -35.44 29.94 -0.39
CA ASN A 272 -36.39 29.38 -1.35
C ASN A 272 -36.94 30.44 -2.30
N SER B 18 -13.56 0.25 39.21
CA SER B 18 -14.54 0.45 38.10
C SER B 18 -14.07 -0.19 36.80
N PHE B 19 -12.86 -0.75 36.82
CA PHE B 19 -12.26 -1.34 35.63
C PHE B 19 -12.04 -2.84 35.79
N THR B 20 -11.98 -3.55 34.67
CA THR B 20 -11.58 -4.95 34.65
C THR B 20 -11.00 -5.32 33.31
N GLU B 21 -10.24 -6.41 33.30
CA GLU B 21 -9.56 -6.88 32.11
C GLU B 21 -9.84 -8.36 31.94
N VAL B 22 -10.29 -8.76 30.76
CA VAL B 22 -10.43 -10.18 30.45
C VAL B 22 -9.65 -10.52 29.19
N GLU B 23 -9.13 -11.74 29.12
CA GLU B 23 -8.37 -12.17 27.95
C GLU B 23 -8.85 -13.52 27.44
N CYS B 24 -8.59 -13.80 26.17
CA CYS B 24 -9.10 -15.01 25.56
C CYS B 24 -8.28 -15.45 24.35
N PHE B 25 -8.05 -16.76 24.25
CA PHE B 25 -7.53 -17.36 23.03
C PHE B 25 -8.65 -18.12 22.33
N LEU B 26 -8.88 -17.79 21.06
CA LEU B 26 -9.92 -18.44 20.27
C LEU B 26 -9.33 -19.31 19.17
N ASN B 27 -9.48 -20.63 19.30
CA ASN B 27 -9.07 -21.55 18.24
C ASN B 27 -9.81 -21.26 16.94
N PRO B 28 -9.16 -21.50 15.80
CA PRO B 28 -9.81 -21.37 14.51
C PRO B 28 -10.74 -22.56 14.26
N GLN B 29 -11.73 -22.39 13.40
CA GLN B 29 -12.63 -23.48 13.08
C GLN B 29 -12.68 -23.73 11.57
N MET B 30 -11.59 -24.27 11.05
CA MET B 30 -11.43 -24.49 9.62
C MET B 30 -12.18 -25.74 9.15
N GLY B 31 -12.45 -26.66 10.08
CA GLY B 31 -13.12 -27.91 9.74
C GLY B 31 -12.57 -29.08 10.55
N ASN B 32 -11.25 -29.22 10.57
CA ASN B 32 -10.58 -30.27 11.32
C ASN B 32 -11.05 -31.68 10.91
N PRO B 33 -10.62 -32.16 9.73
CA PRO B 33 -11.02 -33.44 9.17
C PRO B 33 -10.72 -34.61 10.12
N ASP B 34 -9.56 -34.56 10.78
CA ASP B 34 -9.23 -35.52 11.83
C ASP B 34 -8.34 -34.86 12.88
N GLU B 35 -8.05 -35.58 13.96
CA GLU B 35 -7.36 -35.02 15.12
C GLU B 35 -5.91 -34.61 14.82
N HIS B 36 -5.36 -35.10 13.72
CA HIS B 36 -3.99 -34.76 13.35
C HIS B 36 -3.92 -33.51 12.47
N GLN B 37 -5.07 -33.01 12.04
CA GLN B 37 -5.13 -31.88 11.11
C GLN B 37 -5.90 -30.68 11.68
N LYS B 38 -5.68 -30.36 12.94
CA LYS B 38 -6.36 -29.21 13.54
C LYS B 38 -5.76 -27.91 13.02
N GLY B 39 -6.62 -26.96 12.69
CA GLY B 39 -6.19 -25.72 12.06
C GLY B 39 -6.31 -25.79 10.54
N LEU B 40 -6.66 -26.96 10.03
CA LEU B 40 -6.87 -27.16 8.61
C LEU B 40 -8.31 -27.56 8.32
N SER B 41 -8.75 -27.36 7.08
CA SER B 41 -10.03 -27.86 6.63
C SER B 41 -9.82 -29.22 6.00
N LYS B 42 -10.91 -29.91 5.68
CA LYS B 42 -10.83 -31.11 4.87
C LYS B 42 -10.39 -30.71 3.46
N SER B 43 -9.89 -31.67 2.69
CA SER B 43 -9.53 -31.40 1.31
C SER B 43 -10.67 -30.69 0.60
N LEU B 44 -10.33 -29.67 -0.18
CA LEU B 44 -11.34 -28.86 -0.86
C LEU B 44 -11.70 -29.43 -2.22
N ALA B 45 -12.99 -29.40 -2.54
CA ALA B 45 -13.49 -29.88 -3.82
C ALA B 45 -13.62 -28.71 -4.81
N ALA B 46 -13.57 -29.03 -6.09
CA ALA B 46 -13.76 -28.03 -7.13
C ALA B 46 -14.66 -28.55 -8.25
N GLU B 47 -15.17 -27.64 -9.08
CA GLU B 47 -15.88 -28.01 -10.29
C GLU B 47 -17.12 -28.88 -10.01
N LYS B 48 -17.78 -28.63 -8.89
CA LYS B 48 -19.02 -29.36 -8.58
C LYS B 48 -20.22 -28.64 -9.18
N GLN B 49 -21.25 -29.41 -9.53
CA GLN B 49 -22.46 -28.87 -10.16
C GLN B 49 -23.25 -28.00 -9.20
N PHE B 50 -23.86 -26.94 -9.73
CA PHE B 50 -24.64 -26.03 -8.91
C PHE B 50 -25.83 -26.75 -8.26
N THR B 51 -26.43 -27.67 -9.00
CA THR B 51 -27.64 -28.35 -8.54
C THR B 51 -27.33 -29.60 -7.71
N ASP B 52 -26.05 -29.93 -7.59
CA ASP B 52 -25.64 -31.08 -6.78
C ASP B 52 -24.31 -30.81 -6.07
N ASP B 53 -24.29 -29.78 -5.24
CA ASP B 53 -23.10 -29.44 -4.46
C ASP B 53 -23.37 -29.65 -2.97
N SER B 54 -22.88 -30.76 -2.44
CA SER B 54 -23.08 -31.10 -1.05
C SER B 54 -21.75 -31.17 -0.31
N PRO B 55 -21.26 -30.02 0.16
CA PRO B 55 -19.99 -29.94 0.87
C PRO B 55 -20.07 -30.54 2.27
N ASP B 56 -18.98 -31.16 2.71
CA ASP B 56 -18.90 -31.69 4.05
C ASP B 56 -18.62 -30.56 5.03
N LYS B 57 -19.06 -30.72 6.28
CA LYS B 57 -18.85 -29.69 7.28
C LYS B 57 -17.36 -29.37 7.43
N GLU B 58 -16.53 -30.41 7.36
CA GLU B 58 -15.09 -30.26 7.56
C GLU B 58 -14.45 -29.47 6.42
N GLN B 59 -15.17 -29.32 5.32
CA GLN B 59 -14.68 -28.57 4.17
C GLN B 59 -15.05 -27.09 4.29
N LEU B 60 -15.87 -26.78 5.28
CA LEU B 60 -16.35 -25.42 5.46
C LEU B 60 -15.80 -24.80 6.75
N PRO B 61 -14.95 -23.78 6.61
CA PRO B 61 -14.53 -23.01 7.77
C PRO B 61 -15.72 -22.28 8.36
N CYS B 62 -15.74 -22.16 9.69
CA CYS B 62 -16.85 -21.53 10.39
C CYS B 62 -16.35 -20.40 11.27
N TYR B 63 -17.26 -19.49 11.60
CA TYR B 63 -16.96 -18.43 12.57
C TYR B 63 -16.58 -19.04 13.91
N SER B 64 -15.58 -18.43 14.56
CA SER B 64 -15.28 -18.72 15.95
C SER B 64 -16.02 -17.76 16.83
N VAL B 65 -16.47 -18.25 17.99
CA VAL B 65 -17.14 -17.39 18.96
C VAL B 65 -16.93 -17.96 20.36
N ALA B 66 -16.79 -17.07 21.33
CA ALA B 66 -16.72 -17.45 22.72
C ALA B 66 -17.44 -16.41 23.55
N ARG B 67 -18.29 -16.87 24.45
CA ARG B 67 -18.91 -15.99 25.43
C ARG B 67 -18.05 -15.96 26.68
N ILE B 68 -17.65 -14.75 27.08
CA ILE B 68 -16.82 -14.54 28.26
C ILE B 68 -17.68 -14.03 29.41
N PRO B 69 -17.85 -14.85 30.45
CA PRO B 69 -18.60 -14.43 31.62
C PRO B 69 -17.87 -13.33 32.39
N LEU B 70 -18.61 -12.32 32.83
CA LEU B 70 -18.02 -11.19 33.55
C LEU B 70 -18.51 -11.15 35.00
N PRO B 71 -17.74 -10.51 35.90
CA PRO B 71 -18.21 -10.41 37.29
C PRO B 71 -19.61 -9.82 37.38
N ASN B 72 -20.42 -10.36 38.30
CA ASN B 72 -21.75 -9.83 38.56
C ASN B 72 -21.68 -8.52 39.33
N ILE B 73 -22.44 -7.52 38.89
CA ILE B 73 -22.36 -6.19 39.49
C ILE B 73 -23.72 -5.66 39.99
N ASN B 74 -24.78 -6.43 39.75
CA ASN B 74 -26.12 -6.03 40.19
C ASN B 74 -26.77 -7.05 41.13
N GLU B 75 -27.72 -6.59 41.93
CA GLU B 75 -28.40 -7.46 42.89
C GLU B 75 -29.93 -7.33 42.80
N ASP B 76 -30.39 -6.33 42.04
CA ASP B 76 -31.82 -6.17 41.79
C ASP B 76 -32.06 -5.64 40.38
N LEU B 77 -32.76 -6.44 39.57
CA LEU B 77 -32.96 -6.13 38.16
C LEU B 77 -34.22 -5.28 37.92
N THR B 78 -35.02 -5.11 38.96
CA THR B 78 -36.24 -4.31 38.86
C THR B 78 -35.93 -2.82 39.02
N CYS B 79 -34.69 -2.52 39.39
CA CYS B 79 -34.25 -1.13 39.58
C CYS B 79 -34.25 -0.35 38.28
N GLY B 80 -34.53 0.95 38.39
CA GLY B 80 -34.55 1.83 37.22
C GLY B 80 -33.15 2.26 36.83
N ASN B 81 -32.18 1.99 37.70
CA ASN B 81 -30.79 2.32 37.42
C ASN B 81 -29.86 1.20 37.86
N ILE B 82 -29.11 0.66 36.89
CA ILE B 82 -28.18 -0.44 37.13
C ILE B 82 -26.83 -0.18 36.47
N LEU B 83 -25.85 -1.02 36.82
CA LEU B 83 -24.53 -0.95 36.21
C LEU B 83 -24.35 -2.06 35.18
N MET B 84 -23.77 -1.71 34.04
CA MET B 84 -23.40 -2.69 33.03
C MET B 84 -21.92 -2.57 32.68
N TRP B 85 -21.27 -3.70 32.45
CA TRP B 85 -19.90 -3.69 31.94
C TRP B 85 -19.92 -3.11 30.52
N GLU B 86 -18.99 -2.19 30.27
CA GLU B 86 -18.87 -1.54 28.99
C GLU B 86 -17.47 -1.74 28.43
N ALA B 87 -17.38 -2.38 27.26
CA ALA B 87 -16.09 -2.65 26.61
C ALA B 87 -15.51 -1.37 26.03
N VAL B 88 -14.29 -1.04 26.45
CA VAL B 88 -13.69 0.24 26.10
C VAL B 88 -12.61 0.07 25.04
N THR B 89 -11.77 -0.94 25.21
CA THR B 89 -10.67 -1.18 24.28
C THR B 89 -10.41 -2.66 24.08
N VAL B 90 -9.78 -3.00 22.95
CA VAL B 90 -9.37 -4.37 22.70
C VAL B 90 -7.98 -4.46 22.07
N LYS B 91 -7.15 -5.33 22.60
CA LYS B 91 -5.92 -5.73 21.95
C LYS B 91 -6.15 -7.11 21.38
N THR B 92 -5.86 -7.27 20.09
CA THR B 92 -6.13 -8.54 19.42
C THR B 92 -4.94 -8.92 18.55
N GLU B 93 -4.73 -10.22 18.40
CA GLU B 93 -3.50 -10.75 17.82
C GLU B 93 -3.75 -12.12 17.20
N VAL B 94 -3.30 -12.29 15.95
CA VAL B 94 -3.31 -13.59 15.30
C VAL B 94 -2.13 -14.41 15.83
N ILE B 95 -2.39 -15.65 16.25
CA ILE B 95 -1.41 -16.46 16.96
C ILE B 95 -0.78 -17.57 16.12
N GLY B 96 0.53 -17.53 15.95
CA GLY B 96 1.25 -18.59 15.26
C GLY B 96 1.67 -18.28 13.84
N VAL B 97 1.73 -17.00 13.51
CA VAL B 97 2.01 -16.59 12.14
C VAL B 97 3.31 -17.20 11.59
N THR B 98 4.29 -17.42 12.46
CA THR B 98 5.61 -17.94 12.06
C THR B 98 5.57 -19.44 11.69
N ALA B 99 4.52 -20.13 12.12
CA ALA B 99 4.37 -21.56 11.85
C ALA B 99 4.39 -21.83 10.35
N MET B 100 3.96 -20.83 9.58
CA MET B 100 3.90 -20.94 8.13
C MET B 100 5.28 -20.83 7.48
N LEU B 101 6.31 -20.60 8.30
CA LEU B 101 7.70 -20.65 7.84
C LEU B 101 8.18 -22.10 7.76
N ASN B 102 7.32 -23.03 8.17
CA ASN B 102 7.55 -24.44 7.94
C ASN B 102 7.17 -24.80 6.52
N LEU B 103 8.17 -25.02 5.67
CA LEU B 103 7.92 -25.33 4.27
C LEU B 103 8.31 -26.78 3.94
N HIS B 104 8.58 -27.57 4.98
CA HIS B 104 9.01 -28.96 4.78
C HIS B 104 7.89 -29.97 5.03
N SER B 105 7.03 -29.70 6.01
CA SER B 105 6.00 -30.66 6.40
C SER B 105 4.87 -30.77 5.37
N GLY B 106 4.81 -31.92 4.70
CA GLY B 106 3.71 -32.26 3.79
C GLY B 106 3.44 -31.26 2.69
N THR B 107 4.45 -30.46 2.35
CA THR B 107 4.28 -29.39 1.38
C THR B 107 4.47 -29.87 -0.04
N GLN B 108 4.09 -29.02 -1.01
CA GLN B 108 4.39 -29.28 -2.39
C GLN B 108 5.57 -28.43 -2.82
N LYS B 109 6.52 -29.08 -3.47
CA LYS B 109 7.68 -28.43 -4.05
C LYS B 109 7.29 -27.41 -5.11
N THR B 110 7.90 -26.23 -5.07
CA THR B 110 7.63 -25.21 -6.08
C THR B 110 8.29 -25.57 -7.41
N HIS B 111 9.45 -26.23 -7.33
CA HIS B 111 10.22 -26.64 -8.49
C HIS B 111 11.22 -27.71 -8.10
N GLU B 112 11.86 -28.34 -9.08
CA GLU B 112 12.90 -29.32 -8.76
C GLU B 112 13.93 -28.74 -7.78
N ASN B 113 14.17 -29.46 -6.70
CA ASN B 113 15.16 -29.09 -5.66
C ASN B 113 14.73 -27.92 -4.77
N GLY B 114 13.58 -27.32 -5.08
CA GLY B 114 13.15 -26.12 -4.38
C GLY B 114 12.43 -26.38 -3.07
N ALA B 115 12.28 -25.31 -2.28
CA ALA B 115 11.51 -25.38 -1.03
C ALA B 115 10.03 -25.63 -1.31
N GLY B 116 9.29 -25.92 -0.26
CA GLY B 116 7.86 -26.16 -0.38
C GLY B 116 7.10 -24.86 -0.62
N LYS B 117 5.89 -24.99 -1.14
CA LYS B 117 5.03 -23.85 -1.43
C LYS B 117 4.39 -23.34 -0.14
N PRO B 118 4.55 -22.04 0.14
CA PRO B 118 3.99 -21.46 1.36
C PRO B 118 2.47 -21.34 1.27
N ILE B 119 1.82 -21.34 2.41
CA ILE B 119 0.40 -21.08 2.47
C ILE B 119 0.13 -19.72 1.83
N GLN B 120 -0.89 -19.67 0.99
CA GLN B 120 -1.24 -18.48 0.24
C GLN B 120 -2.62 -18.65 -0.37
N GLY B 121 -3.13 -17.59 -1.00
CA GLY B 121 -4.44 -17.66 -1.64
C GLY B 121 -5.47 -16.83 -0.89
N SER B 122 -6.75 -17.06 -1.21
CA SER B 122 -7.83 -16.33 -0.58
C SER B 122 -7.70 -16.38 0.94
N ASN B 123 -7.93 -15.24 1.58
CA ASN B 123 -7.91 -15.16 3.04
C ASN B 123 -9.03 -14.26 3.58
N PHE B 124 -9.34 -14.44 4.85
CA PHE B 124 -10.33 -13.60 5.52
C PHE B 124 -9.98 -13.48 6.99
N HIS B 125 -9.62 -12.27 7.41
CA HIS B 125 -9.25 -12.01 8.79
C HIS B 125 -10.28 -11.06 9.40
N PHE B 126 -10.83 -11.49 10.54
CA PHE B 126 -12.02 -10.86 11.08
C PHE B 126 -12.10 -11.04 12.58
N PHE B 127 -12.48 -9.98 13.29
CA PHE B 127 -12.79 -10.10 14.71
C PHE B 127 -13.93 -9.16 15.11
N ALA B 128 -14.62 -9.53 16.18
CA ALA B 128 -15.67 -8.70 16.71
C ALA B 128 -15.70 -8.76 18.22
N VAL B 129 -16.04 -7.64 18.84
CA VAL B 129 -16.28 -7.56 20.27
C VAL B 129 -17.63 -6.93 20.49
N GLY B 130 -18.46 -7.55 21.31
CA GLY B 130 -19.80 -7.05 21.57
C GLY B 130 -20.35 -7.54 22.89
N GLY B 131 -21.48 -6.94 23.30
CA GLY B 131 -22.17 -7.34 24.53
C GLY B 131 -23.35 -8.26 24.22
N GLU B 132 -23.43 -8.67 22.96
CA GLU B 132 -24.38 -9.66 22.49
C GLU B 132 -23.70 -10.50 21.43
N PRO B 133 -24.34 -11.60 21.03
CA PRO B 133 -23.83 -12.35 19.89
C PRO B 133 -23.79 -11.48 18.64
N LEU B 134 -22.80 -11.70 17.79
CA LEU B 134 -22.69 -11.02 16.51
C LEU B 134 -23.89 -11.33 15.64
N GLU B 135 -24.50 -10.28 15.09
CA GLU B 135 -25.68 -10.43 14.24
C GLU B 135 -25.26 -10.57 12.78
N LEU B 136 -25.81 -11.58 12.12
CA LEU B 136 -25.36 -11.99 10.79
C LEU B 136 -26.42 -11.80 9.72
N GLN B 137 -25.96 -11.62 8.50
CA GLN B 137 -26.78 -11.62 7.31
C GLN B 137 -26.30 -12.70 6.36
N GLY B 138 -27.23 -13.51 5.85
CA GLY B 138 -26.87 -14.58 4.95
C GLY B 138 -26.75 -14.13 3.50
N VAL B 139 -25.60 -14.42 2.89
CA VAL B 139 -25.41 -14.27 1.45
C VAL B 139 -24.67 -15.48 0.89
N LEU B 140 -25.16 -16.02 -0.23
CA LEU B 140 -24.60 -17.27 -0.76
C LEU B 140 -24.07 -17.09 -2.18
N ALA B 141 -22.94 -17.73 -2.46
CA ALA B 141 -22.42 -17.79 -3.83
C ALA B 141 -23.35 -18.64 -4.69
N ASN B 142 -23.78 -19.77 -4.14
CA ASN B 142 -24.73 -20.65 -4.80
C ASN B 142 -25.89 -20.98 -3.89
N TYR B 143 -27.08 -20.48 -4.22
CA TYR B 143 -28.23 -20.63 -3.33
C TYR B 143 -28.75 -22.07 -3.31
N ARG B 144 -28.31 -22.87 -4.28
CA ARG B 144 -28.75 -24.26 -4.39
C ARG B 144 -27.77 -25.22 -3.73
N THR B 145 -26.83 -24.66 -2.98
CA THR B 145 -25.87 -25.48 -2.24
C THR B 145 -26.56 -26.29 -1.16
N LYS B 146 -26.26 -27.58 -1.11
CA LYS B 146 -26.86 -28.46 -0.11
C LYS B 146 -25.95 -28.54 1.10
N TYR B 147 -26.23 -27.72 2.10
CA TYR B 147 -25.36 -27.63 3.27
C TYR B 147 -25.62 -28.80 4.24
N PRO B 148 -24.53 -29.30 4.85
CA PRO B 148 -24.51 -30.50 5.68
C PRO B 148 -25.12 -30.28 7.07
N ALA B 149 -25.35 -31.37 7.79
CA ALA B 149 -25.87 -31.31 9.14
C ALA B 149 -24.82 -30.77 10.10
N GLN B 150 -25.28 -30.17 11.19
CA GLN B 150 -24.37 -29.62 12.20
C GLN B 150 -23.85 -28.25 11.78
N THR B 151 -24.46 -27.67 10.74
CA THR B 151 -24.19 -26.29 10.36
C THR B 151 -25.47 -25.47 10.36
N VAL B 152 -25.36 -24.21 10.77
CA VAL B 152 -26.47 -23.27 10.68
C VAL B 152 -26.29 -22.39 9.46
N THR B 153 -27.16 -22.58 8.46
CA THR B 153 -27.07 -21.86 7.21
C THR B 153 -28.40 -21.19 6.89
N PRO B 154 -28.40 -20.28 5.91
CA PRO B 154 -29.63 -19.56 5.56
C PRO B 154 -30.80 -20.52 5.28
N LYS B 155 -31.89 -20.36 6.03
CA LYS B 155 -33.06 -21.22 5.85
C LYS B 155 -33.91 -20.76 4.68
N ASN B 156 -34.38 -21.71 3.89
CA ASN B 156 -35.23 -21.42 2.74
C ASN B 156 -34.53 -20.50 1.73
N ALA B 157 -33.30 -20.85 1.39
CA ALA B 157 -32.50 -20.08 0.44
C ALA B 157 -33.21 -19.96 -0.91
N THR B 158 -33.28 -18.74 -1.43
CA THR B 158 -33.99 -18.51 -2.68
C THR B 158 -33.07 -17.92 -3.74
N VAL B 159 -33.68 -17.54 -4.85
CA VAL B 159 -33.00 -16.91 -5.96
C VAL B 159 -32.27 -15.63 -5.52
N ASP B 160 -32.84 -14.94 -4.54
CA ASP B 160 -32.32 -13.65 -4.10
C ASP B 160 -31.23 -13.78 -3.04
N SER B 161 -30.94 -15.00 -2.61
CA SER B 161 -29.96 -15.24 -1.55
C SER B 161 -28.53 -15.06 -2.05
N GLN B 162 -28.38 -14.91 -3.36
CA GLN B 162 -27.07 -14.64 -3.96
C GLN B 162 -26.86 -13.13 -4.01
N GLN B 163 -27.93 -12.39 -3.75
CA GLN B 163 -27.87 -10.97 -3.50
C GLN B 163 -28.57 -10.69 -2.17
N MET B 164 -29.47 -9.71 -2.15
CA MET B 164 -30.09 -9.33 -0.89
C MET B 164 -31.34 -10.16 -0.57
N ASN B 165 -31.25 -10.96 0.49
CA ASN B 165 -32.38 -11.71 1.02
C ASN B 165 -32.51 -11.47 2.52
N THR B 166 -33.35 -10.51 2.89
CA THR B 166 -33.40 -10.02 4.26
C THR B 166 -34.03 -11.03 5.24
N ASP B 167 -34.49 -12.15 4.73
CA ASP B 167 -35.01 -13.21 5.59
C ASP B 167 -33.88 -13.93 6.31
N HIS B 168 -32.69 -13.90 5.72
CA HIS B 168 -31.54 -14.60 6.28
C HIS B 168 -30.88 -13.78 7.39
N LYS B 169 -31.51 -13.78 8.56
CA LYS B 169 -30.93 -13.14 9.73
C LYS B 169 -30.59 -14.21 10.75
N ALA B 170 -29.44 -14.05 11.39
CA ALA B 170 -29.02 -14.98 12.43
C ALA B 170 -28.11 -14.29 13.42
N VAL B 171 -27.74 -15.01 14.48
CA VAL B 171 -26.78 -14.52 15.45
C VAL B 171 -25.68 -15.57 15.64
N LEU B 172 -24.45 -15.11 15.82
CA LEU B 172 -23.35 -16.01 16.08
C LEU B 172 -23.38 -16.47 17.54
N ASP B 173 -24.13 -17.53 17.81
CA ASP B 173 -24.33 -18.01 19.16
C ASP B 173 -23.69 -19.38 19.39
N LYS B 174 -23.16 -19.96 18.32
CA LYS B 174 -22.57 -21.29 18.37
C LYS B 174 -21.22 -21.32 17.67
N ASP B 175 -20.22 -21.89 18.33
CA ASP B 175 -18.89 -22.04 17.75
C ASP B 175 -18.84 -23.23 16.79
N ASN B 176 -18.11 -23.07 15.70
CA ASN B 176 -17.95 -24.12 14.69
C ASN B 176 -19.29 -24.62 14.16
N ALA B 177 -20.15 -23.69 13.75
CA ALA B 177 -21.49 -24.02 13.26
C ALA B 177 -21.93 -23.14 12.09
N TYR B 178 -21.52 -21.87 12.11
CA TYR B 178 -21.90 -20.93 11.05
C TYR B 178 -20.79 -20.79 10.00
N PRO B 179 -20.99 -21.42 8.84
CA PRO B 179 -19.97 -21.40 7.79
C PRO B 179 -19.66 -19.98 7.32
N VAL B 180 -18.38 -19.63 7.30
CA VAL B 180 -17.96 -18.29 6.91
C VAL B 180 -18.53 -17.90 5.54
N GLU B 181 -18.58 -18.84 4.61
CA GLU B 181 -19.02 -18.57 3.24
C GLU B 181 -20.52 -18.28 3.15
N CYS B 182 -21.25 -18.44 4.25
CA CYS B 182 -22.70 -18.25 4.25
C CYS B 182 -23.11 -16.93 4.88
N TRP B 183 -22.31 -16.47 5.85
CA TRP B 183 -22.71 -15.36 6.70
C TRP B 183 -21.72 -14.20 6.72
N VAL B 184 -22.26 -13.00 6.78
CA VAL B 184 -21.48 -11.81 7.07
C VAL B 184 -22.13 -11.06 8.21
N PRO B 185 -21.33 -10.28 8.95
CA PRO B 185 -21.94 -9.43 9.95
C PRO B 185 -22.96 -8.49 9.32
N ASP B 186 -24.08 -8.29 10.02
CA ASP B 186 -25.17 -7.45 9.55
C ASP B 186 -24.96 -6.00 9.95
N PRO B 187 -24.71 -5.12 8.97
CA PRO B 187 -24.47 -3.70 9.22
C PRO B 187 -25.75 -2.94 9.58
N SER B 188 -26.91 -3.53 9.27
CA SER B 188 -28.19 -2.91 9.62
C SER B 188 -28.51 -3.11 11.10
N LYS B 189 -27.76 -4.01 11.74
CA LYS B 189 -27.87 -4.22 13.18
C LYS B 189 -26.51 -4.01 13.85
N ASN B 190 -26.19 -4.86 14.83
CA ASN B 190 -24.90 -4.81 15.54
C ASN B 190 -24.59 -3.44 16.16
N GLU B 191 -25.60 -2.84 16.77
CA GLU B 191 -25.45 -1.60 17.53
C GLU B 191 -24.60 -1.83 18.77
N ASN B 192 -24.62 -3.05 19.28
CA ASN B 192 -23.94 -3.38 20.52
C ASN B 192 -22.65 -4.18 20.29
N THR B 193 -22.19 -4.16 19.05
CA THR B 193 -21.00 -4.89 18.65
C THR B 193 -20.10 -4.02 17.77
N ARG B 194 -18.79 -4.23 17.87
CA ARG B 194 -17.84 -3.63 16.95
C ARG B 194 -17.14 -4.73 16.18
N TYR B 195 -17.23 -4.70 14.86
CA TYR B 195 -16.58 -5.74 14.06
C TYR B 195 -15.71 -5.15 12.97
N PHE B 196 -14.68 -5.91 12.62
CA PHE B 196 -13.69 -5.52 11.63
C PHE B 196 -13.28 -6.71 10.80
N GLY B 197 -13.36 -6.59 9.49
CA GLY B 197 -13.00 -7.71 8.62
C GLY B 197 -12.36 -7.31 7.30
N THR B 198 -11.43 -8.13 6.83
CA THR B 198 -10.85 -7.94 5.50
C THR B 198 -10.78 -9.25 4.72
N TYR B 199 -11.40 -9.25 3.55
CA TYR B 199 -11.34 -10.37 2.62
C TYR B 199 -10.40 -10.06 1.47
N THR B 200 -9.52 -11.01 1.16
CA THR B 200 -8.68 -10.93 0.00
C THR B 200 -8.87 -12.19 -0.83
N GLY B 201 -9.20 -12.02 -2.10
CA GLY B 201 -9.41 -13.16 -2.98
C GLY B 201 -8.32 -13.30 -4.03
N GLY B 202 -8.07 -14.54 -4.44
CA GLY B 202 -7.01 -14.84 -5.42
C GLY B 202 -6.15 -15.99 -4.92
N GLU B 203 -5.87 -16.96 -5.79
CA GLU B 203 -5.19 -18.19 -5.36
C GLU B 203 -3.71 -17.95 -5.03
N ASN B 204 -3.16 -16.85 -5.54
CA ASN B 204 -1.75 -16.53 -5.35
C ASN B 204 -1.52 -15.39 -4.36
N VAL B 205 -2.57 -15.00 -3.64
CA VAL B 205 -2.48 -13.87 -2.71
C VAL B 205 -1.53 -14.16 -1.55
N PRO B 206 -0.50 -13.32 -1.39
CA PRO B 206 0.41 -13.48 -0.26
C PRO B 206 -0.21 -13.00 1.04
N PRO B 207 -0.26 -13.88 2.04
CA PRO B 207 -0.68 -13.47 3.38
C PRO B 207 0.25 -12.38 3.93
N VAL B 208 -0.35 -11.35 4.51
CA VAL B 208 0.40 -10.32 5.20
C VAL B 208 -0.15 -10.18 6.61
N LEU B 209 0.67 -10.55 7.60
CA LEU B 209 0.21 -10.62 8.99
C LEU B 209 1.15 -9.87 9.92
N HIS B 210 0.59 -8.89 10.63
CA HIS B 210 1.34 -8.07 11.57
C HIS B 210 1.08 -8.52 12.99
N ILE B 211 2.13 -8.51 13.81
CA ILE B 211 1.97 -8.81 15.23
C ILE B 211 2.67 -7.75 16.09
N THR B 212 2.04 -7.42 17.22
CA THR B 212 2.57 -6.46 18.15
C THR B 212 1.75 -6.50 19.42
N ASN B 213 2.31 -5.99 20.52
CA ASN B 213 1.55 -5.83 21.75
C ASN B 213 1.32 -4.36 22.08
N THR B 214 1.37 -3.52 21.06
CA THR B 214 1.29 -2.07 21.24
C THR B 214 0.12 -1.45 20.49
N ALA B 215 -0.68 -2.29 19.84
CA ALA B 215 -1.78 -1.82 19.06
C ALA B 215 -3.10 -2.04 19.80
N THR B 216 -3.86 -0.96 19.97
CA THR B 216 -5.14 -1.02 20.68
C THR B 216 -6.29 -0.44 19.85
N THR B 217 -7.42 -1.12 19.87
CA THR B 217 -8.62 -0.61 19.21
C THR B 217 -9.61 -0.08 20.25
N VAL B 218 -10.03 1.16 20.08
CA VAL B 218 -11.04 1.76 20.95
C VAL B 218 -12.43 1.34 20.47
N LEU B 219 -13.25 0.87 21.40
CA LEU B 219 -14.54 0.28 21.04
C LEU B 219 -15.72 1.24 21.25
N LEU B 220 -15.44 2.44 21.72
CA LEU B 220 -16.48 3.44 21.89
C LEU B 220 -17.02 3.89 20.54
N ASP B 221 -18.33 4.09 20.46
CA ASP B 221 -18.97 4.55 19.24
C ASP B 221 -18.97 6.08 19.16
N GLU B 222 -19.75 6.62 18.23
CA GLU B 222 -19.78 8.06 17.98
C GLU B 222 -20.26 8.87 19.18
N GLN B 223 -21.07 8.25 20.04
CA GLN B 223 -21.58 8.93 21.23
C GLN B 223 -20.71 8.69 22.47
N GLY B 224 -19.64 7.92 22.34
CA GLY B 224 -18.74 7.67 23.46
C GLY B 224 -19.11 6.44 24.27
N VAL B 225 -19.93 5.58 23.70
CA VAL B 225 -20.36 4.37 24.39
C VAL B 225 -19.79 3.12 23.72
N GLY B 226 -19.16 2.26 24.51
CA GLY B 226 -18.71 0.96 24.02
C GLY B 226 -19.80 -0.08 24.14
N PRO B 227 -19.54 -1.30 23.65
CA PRO B 227 -20.52 -2.38 23.79
C PRO B 227 -20.91 -2.62 25.25
N LEU B 228 -22.21 -2.68 25.51
CA LEU B 228 -22.73 -2.94 26.85
C LEU B 228 -23.07 -4.41 26.99
N CYS B 229 -22.45 -5.06 27.97
CA CYS B 229 -22.52 -6.51 28.11
C CYS B 229 -23.81 -6.95 28.79
N LYS B 230 -24.76 -7.39 27.98
CA LYS B 230 -26.02 -7.93 28.46
C LYS B 230 -25.76 -9.22 29.24
N ALA B 231 -26.50 -9.40 30.34
CA ALA B 231 -26.39 -10.60 31.16
C ALA B 231 -24.96 -10.87 31.57
N ASP B 232 -24.22 -9.80 31.87
CA ASP B 232 -22.81 -9.92 32.28
C ASP B 232 -22.05 -10.90 31.36
N SER B 233 -22.20 -10.70 30.06
CA SER B 233 -21.58 -11.58 29.08
C SER B 233 -20.91 -10.77 27.97
N LEU B 234 -19.69 -11.18 27.63
CA LEU B 234 -18.94 -10.54 26.57
C LEU B 234 -18.69 -11.53 25.43
N TYR B 235 -19.03 -11.13 24.21
CA TYR B 235 -18.86 -12.03 23.07
C TYR B 235 -17.67 -11.62 22.21
N VAL B 236 -16.78 -12.57 21.96
CA VAL B 236 -15.68 -12.36 21.03
C VAL B 236 -15.83 -13.31 19.83
N SER B 237 -15.81 -12.74 18.64
CA SER B 237 -15.97 -13.51 17.41
C SER B 237 -14.77 -13.33 16.50
N ALA B 238 -14.39 -14.39 15.77
CA ALA B 238 -13.22 -14.31 14.91
C ALA B 238 -13.30 -15.24 13.69
N VAL B 239 -12.56 -14.86 12.66
CA VAL B 239 -12.26 -15.72 11.54
C VAL B 239 -10.87 -15.33 11.05
N ASP B 240 -9.99 -16.31 10.91
CA ASP B 240 -8.64 -16.02 10.43
C ASP B 240 -8.19 -17.09 9.45
N ILE B 241 -8.84 -17.07 8.29
CA ILE B 241 -8.43 -17.91 7.18
C ILE B 241 -7.22 -17.26 6.53
N CYS B 242 -6.05 -17.87 6.76
CA CYS B 242 -4.78 -17.31 6.33
C CYS B 242 -4.51 -17.53 4.85
N GLY B 243 -5.13 -18.55 4.28
CA GLY B 243 -4.91 -18.94 2.90
C GLY B 243 -5.08 -20.43 2.73
N LEU B 244 -4.53 -20.97 1.64
CA LEU B 244 -4.64 -22.39 1.35
C LEU B 244 -3.33 -23.12 1.59
N PHE B 245 -3.39 -24.24 2.31
CA PHE B 245 -2.25 -25.13 2.40
C PHE B 245 -2.28 -26.09 1.22
N THR B 246 -1.18 -26.15 0.47
CA THR B 246 -1.09 -27.05 -0.66
C THR B 246 -0.30 -28.30 -0.31
N ASN B 247 -1.01 -29.43 -0.26
CA ASN B 247 -0.39 -30.73 -0.04
C ASN B 247 0.49 -31.13 -1.21
N THR B 248 1.38 -32.08 -0.98
CA THR B 248 2.27 -32.58 -2.02
C THR B 248 1.49 -32.97 -3.29
N SER B 249 0.33 -33.59 -3.11
CA SER B 249 -0.46 -34.08 -4.25
C SER B 249 -1.10 -32.94 -5.03
N GLY B 250 -1.08 -31.74 -4.45
CA GLY B 250 -1.69 -30.58 -5.07
C GLY B 250 -3.06 -30.31 -4.46
N THR B 251 -3.51 -31.24 -3.62
CA THR B 251 -4.75 -31.09 -2.90
C THR B 251 -4.63 -29.97 -1.88
N GLN B 252 -5.71 -29.22 -1.67
CA GLN B 252 -5.63 -28.03 -0.84
C GLN B 252 -6.66 -28.03 0.29
N GLN B 253 -6.29 -27.35 1.37
CA GLN B 253 -7.17 -27.19 2.52
C GLN B 253 -6.91 -25.82 3.16
N TRP B 254 -7.98 -25.18 3.64
CA TRP B 254 -7.85 -23.89 4.30
C TRP B 254 -6.97 -24.00 5.52
N LYS B 255 -6.27 -22.92 5.84
CA LYS B 255 -5.44 -22.87 7.03
C LYS B 255 -5.89 -21.70 7.89
N GLY B 256 -6.06 -21.98 9.19
CA GLY B 256 -6.49 -20.98 10.15
C GLY B 256 -5.54 -20.92 11.32
N LEU B 257 -5.57 -19.80 12.02
CA LEU B 257 -4.75 -19.63 13.22
C LEU B 257 -5.62 -19.08 14.34
N PRO B 258 -5.20 -19.34 15.60
CA PRO B 258 -5.91 -18.79 16.74
C PRO B 258 -5.84 -17.26 16.79
N ARG B 259 -6.82 -16.64 17.42
CA ARG B 259 -6.82 -15.21 17.66
C ARG B 259 -6.93 -14.93 19.16
N TYR B 260 -6.09 -14.00 19.63
CA TYR B 260 -6.10 -13.60 21.03
C TYR B 260 -6.87 -12.29 21.21
N PHE B 261 -7.67 -12.22 22.28
CA PHE B 261 -8.38 -11.00 22.65
C PHE B 261 -8.03 -10.55 24.04
N LYS B 262 -7.84 -9.24 24.17
CA LYS B 262 -7.57 -8.61 25.45
CA LYS B 262 -7.57 -8.61 25.45
C LYS B 262 -8.43 -7.37 25.60
N ILE B 263 -9.57 -7.53 26.26
CA ILE B 263 -10.57 -6.47 26.36
C ILE B 263 -10.61 -5.79 27.74
N THR B 264 -10.58 -4.47 27.73
CA THR B 264 -10.72 -3.69 28.96
C THR B 264 -12.15 -3.19 29.11
N LEU B 265 -12.72 -3.30 30.30
CA LEU B 265 -14.12 -2.98 30.52
C LEU B 265 -14.30 -2.05 31.71
N ARG B 266 -15.27 -1.15 31.61
CA ARG B 266 -15.57 -0.23 32.70
C ARG B 266 -17.05 -0.30 33.06
N LYS B 267 -17.37 0.05 34.30
CA LYS B 267 -18.75 0.02 34.77
C LYS B 267 -19.51 1.27 34.32
N ARG B 268 -20.67 1.07 33.71
CA ARG B 268 -21.48 2.18 33.24
C ARG B 268 -22.92 2.07 33.75
N SER B 269 -23.50 3.22 34.10
CA SER B 269 -24.88 3.25 34.56
C SER B 269 -25.85 3.40 33.38
N VAL B 270 -26.92 2.63 33.41
CA VAL B 270 -27.92 2.66 32.34
C VAL B 270 -29.34 2.62 32.90
N LYS B 271 -30.29 3.10 32.12
CA LYS B 271 -31.71 3.02 32.47
C LYS B 271 -32.16 1.57 32.50
N ASN B 272 -33.14 1.27 33.34
CA ASN B 272 -33.69 -0.08 33.40
C ASN B 272 -35.11 -0.09 33.94
N GLY C 6 3.58 -6.46 40.89
CA GLY C 6 5.01 -6.74 40.55
C GLY C 6 5.93 -5.61 40.96
N ILE C 7 6.15 -4.67 40.05
CA ILE C 7 7.00 -3.52 40.33
C ILE C 7 6.18 -2.24 40.44
N GLU C 8 6.13 -1.67 41.65
CA GLU C 8 5.50 -0.37 41.84
C GLU C 8 6.42 0.71 41.30
N VAL C 9 5.97 1.38 40.24
CA VAL C 9 6.80 2.37 39.56
C VAL C 9 6.61 3.77 40.18
N LEU C 10 7.73 4.42 40.46
CA LEU C 10 7.78 5.74 41.07
C LEU C 10 8.24 6.81 40.08
N GLY C 11 8.85 7.86 40.61
CA GLY C 11 9.26 9.01 39.81
C GLY C 11 10.42 8.78 38.87
N VAL C 12 10.41 9.46 37.74
CA VAL C 12 11.49 9.41 36.76
C VAL C 12 12.60 10.40 37.12
N LYS C 13 13.85 9.93 37.12
CA LYS C 13 14.98 10.81 37.36
C LYS C 13 15.22 11.66 36.12
N THR C 14 15.35 12.97 36.32
CA THR C 14 15.45 13.89 35.19
C THR C 14 16.78 14.66 35.19
N GLY C 15 17.07 15.30 34.07
CA GLY C 15 18.23 16.19 33.97
C GLY C 15 19.56 15.50 33.82
N VAL C 16 20.56 16.02 34.55
CA VAL C 16 21.94 15.56 34.43
C VAL C 16 22.14 14.15 34.98
N ASP C 17 22.93 13.36 34.25
CA ASP C 17 23.22 11.96 34.61
C ASP C 17 21.92 11.21 34.94
N SER C 18 21.04 11.13 33.94
CA SER C 18 19.75 10.48 34.10
C SER C 18 19.46 9.59 32.91
N PHE C 19 20.18 9.84 31.82
CA PHE C 19 20.02 9.11 30.57
C PHE C 19 21.23 8.26 30.23
N THR C 20 21.00 7.19 29.48
CA THR C 20 22.09 6.48 28.82
C THR C 20 21.63 5.96 27.45
N GLU C 21 22.59 5.60 26.63
CA GLU C 21 22.31 5.12 25.30
C GLU C 21 23.16 3.88 25.03
N VAL C 22 22.51 2.79 24.62
CA VAL C 22 23.26 1.59 24.25
C VAL C 22 22.92 1.18 22.82
N GLU C 23 23.89 0.55 22.16
CA GLU C 23 23.69 0.08 20.79
C GLU C 23 24.08 -1.38 20.66
N CYS C 24 23.59 -2.03 19.62
CA CYS C 24 23.87 -3.43 19.39
C CYS C 24 23.65 -3.85 17.94
N PHE C 25 24.60 -4.59 17.40
CA PHE C 25 24.40 -5.28 16.13
C PHE C 25 24.13 -6.75 16.42
N LEU C 26 22.97 -7.24 15.98
CA LEU C 26 22.58 -8.64 16.15
C LEU C 26 22.65 -9.43 14.85
N ASN C 27 23.59 -10.36 14.77
CA ASN C 27 23.64 -11.28 13.65
C ASN C 27 22.34 -12.07 13.51
N PRO C 28 21.97 -12.43 12.28
CA PRO C 28 20.86 -13.33 12.06
C PRO C 28 21.26 -14.77 12.37
N GLN C 29 20.28 -15.61 12.72
CA GLN C 29 20.54 -17.01 12.98
C GLN C 29 19.71 -17.89 12.04
N MET C 30 20.15 -17.99 10.78
CA MET C 30 19.38 -18.68 9.76
C MET C 30 19.70 -20.18 9.68
N GLY C 31 20.83 -20.57 10.25
CA GLY C 31 21.26 -21.97 10.25
C GLY C 31 22.76 -22.13 10.10
N ASN C 32 23.33 -21.38 9.16
CA ASN C 32 24.78 -21.42 8.86
C ASN C 32 25.30 -22.85 8.61
N PRO C 33 25.12 -23.35 7.37
CA PRO C 33 25.52 -24.71 6.97
C PRO C 33 27.01 -24.96 7.20
N ASP C 34 27.84 -24.03 6.74
CA ASP C 34 29.27 -24.04 7.07
C ASP C 34 29.79 -22.61 7.21
N GLU C 35 31.09 -22.45 7.39
CA GLU C 35 31.68 -21.13 7.65
C GLU C 35 31.49 -20.18 6.46
N HIS C 36 31.28 -20.73 5.27
CA HIS C 36 31.18 -19.91 4.06
C HIS C 36 29.76 -19.39 3.81
N GLN C 37 28.79 -19.90 4.57
CA GLN C 37 27.38 -19.59 4.34
C GLN C 37 26.71 -18.97 5.56
N LYS C 38 27.40 -18.06 6.24
CA LYS C 38 26.79 -17.35 7.35
C LYS C 38 25.76 -16.37 6.80
N GLY C 39 24.61 -16.30 7.46
CA GLY C 39 23.50 -15.50 6.96
C GLY C 39 22.52 -16.31 6.12
N LEU C 40 22.84 -17.59 5.90
CA LEU C 40 21.98 -18.48 5.13
C LEU C 40 21.63 -19.72 5.95
N SER C 41 20.52 -20.35 5.61
CA SER C 41 20.19 -21.64 6.17
C SER C 41 20.75 -22.74 5.29
N LYS C 42 20.62 -23.98 5.75
CA LYS C 42 20.90 -25.14 4.91
C LYS C 42 19.81 -25.26 3.86
N SER C 43 20.12 -25.87 2.72
CA SER C 43 19.13 -26.11 1.68
CA SER C 43 19.13 -26.11 1.68
C SER C 43 17.85 -26.62 2.30
N LEU C 44 16.71 -26.13 1.84
CA LEU C 44 15.42 -26.52 2.42
C LEU C 44 14.84 -27.75 1.74
N ALA C 45 14.30 -28.64 2.57
CA ALA C 45 13.60 -29.82 2.10
C ALA C 45 12.12 -29.55 1.96
N ALA C 46 11.47 -30.26 1.05
CA ALA C 46 10.02 -30.15 0.88
C ALA C 46 9.39 -31.53 0.78
N GLU C 47 8.07 -31.58 0.88
CA GLU C 47 7.32 -32.81 0.64
C GLU C 47 7.63 -33.94 1.65
N LYS C 48 8.23 -33.58 2.78
CA LYS C 48 8.45 -34.54 3.87
C LYS C 48 7.12 -34.96 4.46
N GLN C 49 6.91 -36.26 4.61
CA GLN C 49 5.65 -36.75 5.16
C GLN C 49 5.54 -36.37 6.63
N PHE C 50 4.31 -36.07 7.06
CA PHE C 50 4.05 -35.56 8.42
C PHE C 50 4.63 -36.46 9.51
N THR C 51 4.70 -37.75 9.23
CA THR C 51 5.17 -38.75 10.20
C THR C 51 6.67 -38.96 10.13
N ASP C 52 7.29 -38.54 9.03
CA ASP C 52 8.73 -38.71 8.86
C ASP C 52 9.40 -37.38 8.51
N ASP C 53 9.18 -36.38 9.34
CA ASP C 53 9.72 -35.05 9.10
C ASP C 53 10.72 -34.66 10.20
N SER C 54 12.01 -34.83 9.90
CA SER C 54 13.10 -34.58 10.84
C SER C 54 14.06 -33.53 10.31
N PRO C 55 13.70 -32.25 10.48
CA PRO C 55 14.52 -31.14 9.97
C PRO C 55 15.84 -30.98 10.72
N ASP C 56 16.91 -30.73 9.97
CA ASP C 56 18.19 -30.39 10.56
C ASP C 56 18.11 -29.02 11.22
N LYS C 57 18.99 -28.76 12.19
CA LYS C 57 18.99 -27.46 12.85
C LYS C 57 19.40 -26.37 11.86
N GLU C 58 20.37 -26.70 11.01
CA GLU C 58 20.87 -25.76 10.01
C GLU C 58 19.79 -25.34 9.01
N GLN C 59 18.71 -26.11 8.93
CA GLN C 59 17.60 -25.79 8.04
C GLN C 59 16.58 -24.89 8.72
N LEU C 60 16.75 -24.67 10.01
CA LEU C 60 15.76 -23.94 10.79
C LEU C 60 16.30 -22.60 11.31
N PRO C 61 15.88 -21.49 10.69
CA PRO C 61 16.18 -20.17 11.24
C PRO C 61 15.67 -20.07 12.67
N CYS C 62 16.46 -19.43 13.53
CA CYS C 62 16.08 -19.25 14.92
C CYS C 62 16.02 -17.77 15.30
N TYR C 63 15.29 -17.47 16.38
CA TYR C 63 15.27 -16.14 16.94
C TYR C 63 16.68 -15.72 17.36
N SER C 64 17.02 -14.47 17.10
CA SER C 64 18.24 -13.87 17.61
C SER C 64 17.95 -13.14 18.91
N VAL C 65 18.89 -13.20 19.85
CA VAL C 65 18.73 -12.49 21.12
C VAL C 65 20.09 -12.08 21.69
N ALA C 66 20.11 -10.91 22.32
CA ALA C 66 21.28 -10.44 23.03
C ALA C 66 20.83 -9.80 24.32
N ARG C 67 21.47 -10.18 25.41
CA ARG C 67 21.30 -9.49 26.67
C ARG C 67 22.35 -8.41 26.75
N ILE C 68 21.91 -7.17 26.95
CA ILE C 68 22.83 -6.04 27.01
C ILE C 68 22.96 -5.56 28.45
N PRO C 69 24.15 -5.73 29.04
CA PRO C 69 24.43 -5.30 30.40
C PRO C 69 24.40 -3.79 30.48
N LEU C 70 23.77 -3.28 31.53
CA LEU C 70 23.67 -1.83 31.72
C LEU C 70 24.47 -1.39 32.95
N PRO C 71 24.97 -0.15 32.92
CA PRO C 71 25.75 0.37 34.04
C PRO C 71 25.03 0.16 35.37
N ASN C 72 25.80 -0.16 36.40
CA ASN C 72 25.29 -0.26 37.76
C ASN C 72 24.72 1.07 38.22
N ILE C 73 23.50 1.02 38.77
CA ILE C 73 22.78 2.24 39.14
CA ILE C 73 22.75 2.21 39.13
C ILE C 73 22.53 2.33 40.64
N ASN C 74 22.62 1.19 41.33
CA ASN C 74 22.37 1.14 42.77
C ASN C 74 23.60 0.75 43.59
N GLU C 75 24.02 1.64 44.48
CA GLU C 75 25.17 1.38 45.35
C GLU C 75 24.77 0.50 46.54
N ASP C 76 23.47 0.47 46.84
CA ASP C 76 22.96 -0.32 47.94
C ASP C 76 21.62 -0.95 47.58
N LEU C 77 21.57 -2.29 47.61
CA LEU C 77 20.35 -3.01 47.21
C LEU C 77 19.51 -3.45 48.41
N THR C 78 19.67 -2.74 49.53
CA THR C 78 18.87 -2.99 50.74
C THR C 78 17.90 -1.85 50.99
N CYS C 79 17.34 -1.29 49.92
CA CYS C 79 16.56 -0.04 50.02
C CYS C 79 15.04 -0.25 49.86
N GLY C 80 14.29 0.66 50.48
CA GLY C 80 12.82 0.64 50.39
C GLY C 80 12.34 0.89 48.98
N ASN C 81 13.03 1.77 48.27
CA ASN C 81 12.81 1.95 46.84
C ASN C 81 14.12 2.20 46.09
N ILE C 82 14.18 1.79 44.83
CA ILE C 82 15.42 1.84 44.06
C ILE C 82 15.25 2.40 42.65
N LEU C 83 16.36 2.50 41.93
CA LEU C 83 16.38 2.99 40.55
C LEU C 83 16.54 1.85 39.55
N MET C 84 15.74 1.90 38.48
CA MET C 84 15.85 0.94 37.39
C MET C 84 16.02 1.66 36.06
N TRP C 85 16.82 1.08 35.17
CA TRP C 85 16.91 1.59 33.81
C TRP C 85 15.59 1.35 33.09
N GLU C 86 15.09 2.39 32.44
CA GLU C 86 13.83 2.32 31.72
C GLU C 86 14.05 2.64 30.25
N ALA C 87 13.71 1.70 29.38
CA ALA C 87 13.87 1.91 27.94
C ALA C 87 12.77 2.82 27.39
N VAL C 88 13.17 3.90 26.74
CA VAL C 88 12.23 4.94 26.33
C VAL C 88 11.99 4.91 24.83
N THR C 89 13.09 4.83 24.07
CA THR C 89 13.01 4.81 22.61
C THR C 89 13.98 3.81 22.00
N VAL C 90 13.68 3.39 20.77
CA VAL C 90 14.60 2.55 20.02
C VAL C 90 14.62 2.97 18.55
N LYS C 91 15.84 3.09 18.01
CA LYS C 91 16.05 3.15 16.58
C LYS C 91 16.55 1.80 16.14
N THR C 92 15.93 1.23 15.13
CA THR C 92 16.35 -0.09 14.67
C THR C 92 16.40 -0.19 13.14
N GLU C 93 17.39 -0.93 12.65
CA GLU C 93 17.76 -0.95 11.25
C GLU C 93 18.14 -2.35 10.78
N VAL C 94 17.63 -2.76 9.62
CA VAL C 94 18.10 -3.98 8.98
C VAL C 94 19.38 -3.67 8.19
N ILE C 95 20.43 -4.44 8.46
CA ILE C 95 21.78 -4.15 7.96
C ILE C 95 22.16 -4.97 6.73
N GLY C 96 22.51 -4.28 5.65
CA GLY C 96 23.04 -4.92 4.44
C GLY C 96 22.04 -5.17 3.33
N VAL C 97 20.95 -4.40 3.31
CA VAL C 97 19.87 -4.63 2.35
C VAL C 97 20.37 -4.59 0.91
N THR C 98 21.40 -3.79 0.67
CA THR C 98 21.92 -3.60 -0.68
C THR C 98 22.77 -4.79 -1.15
N ALA C 99 23.13 -5.67 -0.21
CA ALA C 99 23.88 -6.89 -0.54
C ALA C 99 23.12 -7.76 -1.51
N MET C 100 21.80 -7.62 -1.52
CA MET C 100 20.96 -8.47 -2.35
C MET C 100 20.89 -7.96 -3.79
N LEU C 101 21.62 -6.88 -4.07
CA LEU C 101 21.75 -6.36 -5.42
C LEU C 101 22.93 -7.02 -6.16
N ASN C 102 23.56 -7.99 -5.49
CA ASN C 102 24.46 -8.92 -6.13
C ASN C 102 23.68 -10.08 -6.70
N LEU C 103 23.49 -10.06 -8.02
CA LEU C 103 22.76 -11.11 -8.72
C LEU C 103 23.68 -12.03 -9.52
N HIS C 104 24.98 -12.00 -9.24
CA HIS C 104 25.94 -12.75 -10.05
C HIS C 104 26.63 -13.91 -9.32
N SER C 105 26.71 -13.85 -7.99
CA SER C 105 27.41 -14.90 -7.23
C SER C 105 26.53 -16.11 -6.95
N GLY C 106 26.82 -17.21 -7.64
CA GLY C 106 26.12 -18.48 -7.42
C GLY C 106 24.62 -18.45 -7.66
N THR C 107 24.16 -17.49 -8.45
CA THR C 107 22.73 -17.27 -8.67
C THR C 107 22.19 -18.14 -9.79
N GLN C 108 20.86 -18.20 -9.89
CA GLN C 108 20.20 -18.84 -11.01
C GLN C 108 19.64 -17.79 -11.95
N LYS C 109 19.99 -17.86 -13.23
CA LYS C 109 19.48 -16.90 -14.19
C LYS C 109 17.96 -17.00 -14.26
N THR C 110 17.31 -15.87 -14.50
CA THR C 110 15.86 -15.85 -14.63
C THR C 110 15.45 -16.38 -16.00
N HIS C 111 16.32 -16.15 -16.99
CA HIS C 111 16.09 -16.57 -18.35
C HIS C 111 17.41 -16.61 -19.10
N GLU C 112 17.35 -16.91 -20.39
CA GLU C 112 18.55 -16.95 -21.24
C GLU C 112 19.21 -15.57 -21.35
N ASN C 113 20.47 -15.49 -20.96
CA ASN C 113 21.23 -14.25 -21.03
C ASN C 113 20.83 -13.26 -19.95
N GLY C 114 19.96 -13.70 -19.04
CA GLY C 114 19.40 -12.81 -18.02
C GLY C 114 20.15 -12.80 -16.71
N ALA C 115 19.87 -11.80 -15.90
CA ALA C 115 20.52 -11.66 -14.60
C ALA C 115 20.05 -12.74 -13.64
N GLY C 116 20.73 -12.86 -12.50
CA GLY C 116 20.36 -13.86 -11.50
C GLY C 116 19.08 -13.52 -10.76
N LYS C 117 18.40 -14.55 -10.28
CA LYS C 117 17.15 -14.38 -9.55
C LYS C 117 17.42 -13.77 -8.17
N PRO C 118 16.78 -12.63 -7.88
CA PRO C 118 16.94 -11.98 -6.58
C PRO C 118 16.35 -12.81 -5.46
N ILE C 119 16.81 -12.56 -4.24
CA ILE C 119 16.22 -13.19 -3.06
C ILE C 119 14.79 -12.70 -2.89
N GLN C 120 13.88 -13.63 -2.66
CA GLN C 120 12.46 -13.34 -2.59
C GLN C 120 11.73 -14.48 -1.93
N GLY C 121 10.43 -14.31 -1.70
CA GLY C 121 9.62 -15.36 -1.07
C GLY C 121 9.16 -14.97 0.32
N SER C 122 8.71 -15.96 1.08
CA SER C 122 8.26 -15.71 2.44
C SER C 122 9.32 -14.96 3.22
N ASN C 123 8.89 -13.98 4.01
CA ASN C 123 9.79 -13.23 4.87
C ASN C 123 9.15 -12.96 6.22
N PHE C 124 10.01 -12.72 7.22
CA PHE C 124 9.56 -12.37 8.56
C PHE C 124 10.55 -11.39 9.16
N HIS C 125 10.07 -10.19 9.46
CA HIS C 125 10.90 -9.16 10.05
C HIS C 125 10.31 -8.76 11.40
N PHE C 126 11.13 -8.93 12.42
CA PHE C 126 10.67 -8.85 13.79
C PHE C 126 11.75 -8.29 14.70
N PHE C 127 11.35 -7.47 15.66
CA PHE C 127 12.27 -7.04 16.71
C PHE C 127 11.50 -6.81 18.01
N ALA C 128 12.21 -6.87 19.11
CA ALA C 128 11.65 -6.67 20.43
C ALA C 128 12.67 -6.02 21.34
N VAL C 129 12.19 -5.16 22.23
CA VAL C 129 13.00 -4.55 23.27
C VAL C 129 12.30 -4.77 24.59
N GLY C 130 13.01 -5.35 25.56
CA GLY C 130 12.42 -5.62 26.87
C GLY C 130 13.43 -5.60 28.00
N GLY C 131 12.92 -5.53 29.23
CA GLY C 131 13.76 -5.62 30.42
C GLY C 131 13.84 -7.05 30.92
N GLU C 132 13.27 -7.96 30.14
CA GLU C 132 13.33 -9.38 30.39
C GLU C 132 13.49 -10.08 29.07
N PRO C 133 13.78 -11.39 29.10
CA PRO C 133 13.69 -12.17 27.88
C PRO C 133 12.29 -12.11 27.31
N LEU C 134 12.18 -12.20 25.98
CA LEU C 134 10.89 -12.22 25.30
C LEU C 134 10.12 -13.50 25.63
N GLU C 135 8.84 -13.35 25.94
CA GLU C 135 8.01 -14.50 26.31
C GLU C 135 7.32 -15.08 25.07
N LEU C 136 7.48 -16.39 24.88
CA LEU C 136 7.05 -17.07 23.65
C LEU C 136 5.90 -18.04 23.86
N GLN C 137 5.04 -18.12 22.85
CA GLN C 137 4.02 -19.15 22.77
C GLN C 137 4.36 -20.07 21.62
N GLY C 138 4.26 -21.37 21.86
CA GLY C 138 4.54 -22.35 20.81
C GLY C 138 3.32 -22.65 19.95
N VAL C 139 3.51 -22.58 18.64
CA VAL C 139 2.53 -23.01 17.66
C VAL C 139 3.26 -23.75 16.54
N LEU C 140 2.71 -24.87 16.11
CA LEU C 140 3.37 -25.70 15.10
C LEU C 140 2.50 -25.92 13.87
N ALA C 141 3.12 -25.93 12.70
CA ALA C 141 2.41 -26.29 11.48
C ALA C 141 2.15 -27.78 11.46
N ASN C 142 3.13 -28.55 11.96
CA ASN C 142 3.02 -29.98 12.08
C ASN C 142 3.48 -30.46 13.44
N TYR C 143 2.56 -30.92 14.28
CA TYR C 143 2.91 -31.24 15.67
C TYR C 143 3.75 -32.51 15.76
N ARG C 144 3.76 -33.31 14.68
CA ARG C 144 4.52 -34.57 14.67
C ARG C 144 5.94 -34.36 14.14
N THR C 145 6.33 -33.10 13.96
CA THR C 145 7.66 -32.76 13.51
C THR C 145 8.70 -33.15 14.54
N LYS C 146 9.70 -33.90 14.10
CA LYS C 146 10.79 -34.34 14.96
C LYS C 146 11.91 -33.33 14.94
N TYR C 147 11.90 -32.43 15.92
CA TYR C 147 12.88 -31.35 15.97
C TYR C 147 14.22 -31.84 16.51
N PRO C 148 15.32 -31.35 15.92
CA PRO C 148 16.68 -31.81 16.16
C PRO C 148 17.22 -31.34 17.50
N ALA C 149 18.35 -31.91 17.90
CA ALA C 149 19.02 -31.51 19.14
C ALA C 149 19.59 -30.11 19.00
N GLN C 150 19.76 -29.43 20.12
CA GLN C 150 20.31 -28.06 20.14
C GLN C 150 19.26 -27.04 19.73
N THR C 151 18.00 -27.45 19.76
CA THR C 151 16.89 -26.51 19.59
C THR C 151 15.91 -26.64 20.74
N VAL C 152 15.35 -25.51 21.17
CA VAL C 152 14.31 -25.51 22.17
C VAL C 152 12.96 -25.36 21.45
N THR C 153 12.19 -26.44 21.46
CA THR C 153 10.90 -26.47 20.80
C THR C 153 9.82 -26.90 21.78
N PRO C 154 8.56 -26.68 21.43
CA PRO C 154 7.46 -27.03 22.33
C PRO C 154 7.58 -28.47 22.85
N LYS C 155 7.62 -28.62 24.17
CA LYS C 155 7.69 -29.92 24.82
C LYS C 155 6.35 -30.63 24.79
N ASN C 156 6.36 -31.93 24.56
CA ASN C 156 5.14 -32.73 24.56
C ASN C 156 4.08 -32.17 23.61
N ALA C 157 4.49 -31.92 22.37
CA ALA C 157 3.58 -31.42 21.35
C ALA C 157 2.39 -32.37 21.20
N THR C 158 1.19 -31.80 21.16
CA THR C 158 -0.02 -32.59 21.00
C THR C 158 -0.80 -32.17 19.77
N VAL C 159 -1.98 -32.76 19.62
CA VAL C 159 -2.90 -32.46 18.53
C VAL C 159 -3.22 -30.97 18.47
N ASP C 160 -3.20 -30.32 19.63
CA ASP C 160 -3.66 -28.94 19.77
C ASP C 160 -2.54 -27.93 19.57
N SER C 161 -1.32 -28.42 19.36
CA SER C 161 -0.15 -27.55 19.17
C SER C 161 -0.15 -26.87 17.80
N GLN C 162 -1.04 -27.30 16.93
CA GLN C 162 -1.21 -26.64 15.62
C GLN C 162 -2.22 -25.51 15.73
N GLN C 163 -2.95 -25.50 16.85
CA GLN C 163 -3.76 -24.36 17.23
C GLN C 163 -3.28 -23.91 18.61
N MET C 164 -4.18 -23.80 19.57
CA MET C 164 -3.82 -23.29 20.89
C MET C 164 -3.48 -24.42 21.88
N ASN C 165 -2.19 -24.50 22.24
CA ASN C 165 -1.74 -25.33 23.35
C ASN C 165 -1.00 -24.48 24.38
N THR C 166 -1.72 -24.11 25.44
CA THR C 166 -1.21 -23.14 26.41
C THR C 166 -0.02 -23.66 27.24
N ASP C 167 0.30 -24.93 27.10
CA ASP C 167 1.43 -25.51 27.84
C ASP C 167 2.75 -25.03 27.25
N HIS C 168 2.74 -24.73 25.95
CA HIS C 168 3.95 -24.30 25.24
C HIS C 168 4.27 -22.84 25.54
N LYS C 169 4.77 -22.59 26.74
CA LYS C 169 5.30 -21.30 27.12
C LYS C 169 6.80 -21.38 27.24
N ALA C 170 7.50 -20.34 26.77
CA ALA C 170 8.94 -20.30 26.88
C ALA C 170 9.40 -18.85 26.90
N VAL C 171 10.69 -18.64 27.17
CA VAL C 171 11.29 -17.33 27.07
C VAL C 171 12.50 -17.40 26.16
N LEU C 172 12.73 -16.32 25.41
CA LEU C 172 13.86 -16.25 24.50
C LEU C 172 15.12 -15.91 25.29
N ASP C 173 15.73 -16.95 25.85
CA ASP C 173 16.89 -16.77 26.72
C ASP C 173 18.17 -17.32 26.09
N LYS C 174 18.07 -17.83 24.87
CA LYS C 174 19.21 -18.42 24.19
C LYS C 174 19.20 -18.04 22.71
N ASP C 175 20.36 -17.60 22.23
CA ASP C 175 20.52 -17.24 20.83
C ASP C 175 20.73 -18.49 19.96
N ASN C 176 20.16 -18.48 18.76
CA ASN C 176 20.27 -19.60 17.83
C ASN C 176 19.83 -20.92 18.43
N ALA C 177 18.65 -20.92 19.04
CA ALA C 177 18.11 -22.11 19.71
C ALA C 177 16.60 -22.27 19.53
N TYR C 178 15.87 -21.16 19.54
CA TYR C 178 14.41 -21.20 19.36
C TYR C 178 14.05 -20.97 17.89
N PRO C 179 13.61 -22.05 17.20
CA PRO C 179 13.25 -21.97 15.80
C PRO C 179 12.07 -21.02 15.57
N VAL C 180 12.19 -20.17 14.56
CA VAL C 180 11.17 -19.16 14.31
C VAL C 180 9.81 -19.81 14.01
N GLU C 181 9.84 -20.96 13.35
CA GLU C 181 8.61 -21.68 12.94
C GLU C 181 7.89 -22.35 14.11
N CYS C 182 8.52 -22.36 15.28
CA CYS C 182 7.93 -23.01 16.45
C CYS C 182 7.30 -22.02 17.42
N TRP C 183 7.80 -20.78 17.41
CA TRP C 183 7.47 -19.84 18.47
C TRP C 183 7.02 -18.48 17.95
N VAL C 184 6.06 -17.90 18.65
CA VAL C 184 5.71 -16.51 18.48
C VAL C 184 5.73 -15.82 19.83
N PRO C 185 5.90 -14.48 19.82
CA PRO C 185 5.76 -13.70 21.04
C PRO C 185 4.39 -13.92 21.65
N ASP C 186 4.35 -14.06 22.97
CA ASP C 186 3.12 -14.32 23.69
C ASP C 186 2.45 -13.00 24.08
N PRO C 187 1.26 -12.75 23.49
CA PRO C 187 0.54 -11.49 23.75
C PRO C 187 -0.16 -11.51 25.09
N SER C 188 -0.28 -12.69 25.71
CA SER C 188 -0.92 -12.82 27.03
C SER C 188 0.04 -12.44 28.15
N LYS C 189 1.33 -12.37 27.83
CA LYS C 189 2.32 -11.81 28.75
C LYS C 189 3.08 -10.68 28.06
N ASN C 190 4.39 -10.62 28.27
CA ASN C 190 5.25 -9.58 27.67
C ASN C 190 4.87 -8.17 28.13
N GLU C 191 4.49 -8.05 29.39
CA GLU C 191 4.16 -6.77 30.00
C GLU C 191 5.37 -5.85 30.02
N ASN C 192 6.56 -6.43 30.04
CA ASN C 192 7.80 -5.67 30.17
C ASN C 192 8.63 -5.66 28.90
N THR C 193 7.98 -5.96 27.78
CA THR C 193 8.62 -6.04 26.48
C THR C 193 7.73 -5.41 25.41
N ARG C 194 8.34 -4.71 24.46
CA ARG C 194 7.63 -4.25 23.28
C ARG C 194 8.13 -5.02 22.06
N TYR C 195 7.22 -5.67 21.34
CA TYR C 195 7.61 -6.41 20.13
C TYR C 195 6.78 -6.01 18.90
N PHE C 196 7.44 -6.10 17.74
CA PHE C 196 6.84 -5.76 16.47
C PHE C 196 7.33 -6.71 15.39
N GLY C 197 6.40 -7.31 14.65
CA GLY C 197 6.79 -8.20 13.56
C GLY C 197 5.83 -8.23 12.40
N THR C 198 6.34 -8.55 11.22
CA THR C 198 5.49 -8.73 10.05
C THR C 198 5.86 -10.01 9.29
N TYR C 199 4.87 -10.88 9.11
CA TYR C 199 5.04 -12.06 8.27
C TYR C 199 4.43 -11.85 6.89
N THR C 200 5.19 -12.19 5.85
CA THR C 200 4.66 -12.18 4.50
C THR C 200 4.94 -13.52 3.82
N GLY C 201 3.89 -14.19 3.36
CA GLY C 201 4.01 -15.52 2.77
C GLY C 201 3.78 -15.56 1.28
N GLY C 202 4.54 -16.42 0.61
CA GLY C 202 4.44 -16.55 -0.86
C GLY C 202 5.82 -16.64 -1.48
N GLU C 203 6.01 -17.62 -2.34
CA GLU C 203 7.35 -17.90 -2.89
C GLU C 203 7.82 -16.81 -3.85
N ASN C 204 6.92 -15.93 -4.27
CA ASN C 204 7.28 -14.85 -5.19
C ASN C 204 7.25 -13.46 -4.56
N VAL C 205 7.03 -13.40 -3.25
CA VAL C 205 6.92 -12.13 -2.54
C VAL C 205 8.19 -11.30 -2.61
N PRO C 206 8.08 -10.07 -3.12
CA PRO C 206 9.20 -9.13 -3.17
C PRO C 206 9.53 -8.57 -1.79
N PRO C 207 10.77 -8.76 -1.33
CA PRO C 207 11.22 -8.08 -0.13
C PRO C 207 11.15 -6.55 -0.31
N VAL C 208 10.60 -5.88 0.69
CA VAL C 208 10.55 -4.42 0.71
C VAL C 208 11.13 -3.94 2.01
N LEU C 209 12.32 -3.33 1.94
CA LEU C 209 13.08 -2.96 3.13
C LEU C 209 13.49 -1.50 3.12
N HIS C 210 13.06 -0.77 4.15
CA HIS C 210 13.37 0.64 4.28
C HIS C 210 14.50 0.86 5.28
N ILE C 211 15.37 1.82 4.97
CA ILE C 211 16.44 2.19 5.89
C ILE C 211 16.45 3.70 6.12
N THR C 212 16.85 4.09 7.31
CA THR C 212 16.88 5.50 7.70
C THR C 212 17.43 5.60 9.13
N ASN C 213 17.95 6.77 9.47
CA ASN C 213 18.40 7.04 10.83
C ASN C 213 17.53 8.09 11.52
N THR C 214 16.33 8.28 10.98
CA THR C 214 15.41 9.31 11.46
C THR C 214 14.13 8.73 12.04
N ALA C 215 14.00 7.40 11.99
CA ALA C 215 12.82 6.73 12.52
C ALA C 215 13.05 6.23 13.94
N THR C 216 12.18 6.64 14.85
CA THR C 216 12.28 6.27 16.25
C THR C 216 10.99 5.65 16.76
N THR C 217 11.12 4.55 17.49
CA THR C 217 9.96 3.94 18.12
C THR C 217 9.98 4.23 19.62
N VAL C 218 8.88 4.79 20.12
CA VAL C 218 8.73 5.07 21.54
C VAL C 218 8.27 3.80 22.23
N LEU C 219 8.89 3.48 23.36
CA LEU C 219 8.66 2.20 24.02
C LEU C 219 7.79 2.32 25.26
N LEU C 220 7.33 3.54 25.54
CA LEU C 220 6.44 3.78 26.67
C LEU C 220 5.06 3.18 26.43
N ASP C 221 4.49 2.57 27.46
CA ASP C 221 3.18 1.96 27.35
C ASP C 221 2.07 2.98 27.61
N GLU C 222 0.84 2.48 27.71
CA GLU C 222 -0.33 3.33 27.88
C GLU C 222 -0.23 4.19 29.14
N GLN C 223 0.60 3.76 30.09
CA GLN C 223 0.74 4.44 31.37
C GLN C 223 1.96 5.33 31.41
N GLY C 224 2.69 5.40 30.29
CA GLY C 224 3.90 6.23 30.21
C GLY C 224 5.14 5.55 30.75
N VAL C 225 5.09 4.22 30.84
CA VAL C 225 6.20 3.44 31.37
C VAL C 225 6.83 2.58 30.27
N GLY C 226 8.14 2.69 30.13
CA GLY C 226 8.88 1.83 29.20
C GLY C 226 9.39 0.58 29.90
N PRO C 227 9.89 -0.38 29.12
CA PRO C 227 10.41 -1.61 29.73
C PRO C 227 11.38 -1.31 30.87
N LEU C 228 11.16 -1.98 32.01
CA LEU C 228 12.03 -1.81 33.17
C LEU C 228 13.07 -2.94 33.20
N CYS C 229 14.34 -2.56 33.24
CA CYS C 229 15.43 -3.51 33.01
C CYS C 229 15.86 -4.22 34.29
N LYS C 230 15.32 -5.42 34.48
CA LYS C 230 15.59 -6.25 35.65
C LYS C 230 17.02 -6.76 35.65
N ALA C 231 17.65 -6.73 36.81
CA ALA C 231 19.06 -7.12 36.93
C ALA C 231 19.93 -6.30 35.99
N ASP C 232 19.61 -5.01 35.87
CA ASP C 232 20.34 -4.10 34.99
C ASP C 232 20.68 -4.74 33.65
N SER C 233 19.71 -5.47 33.09
CA SER C 233 19.89 -6.11 31.79
C SER C 233 18.80 -5.70 30.80
N LEU C 234 19.22 -5.43 29.57
CA LEU C 234 18.30 -5.11 28.49
C LEU C 234 18.32 -6.22 27.45
N TYR C 235 17.14 -6.60 26.98
CA TYR C 235 17.04 -7.68 25.99
C TYR C 235 16.60 -7.17 24.63
N VAL C 236 17.40 -7.44 23.61
CA VAL C 236 17.01 -7.18 22.24
C VAL C 236 16.86 -8.50 21.50
N SER C 237 15.73 -8.65 20.81
CA SER C 237 15.39 -9.86 20.07
C SER C 237 15.11 -9.50 18.61
N ALA C 238 15.38 -10.43 17.70
CA ALA C 238 15.24 -10.13 16.28
C ALA C 238 15.06 -11.38 15.44
N VAL C 239 14.25 -11.24 14.40
CA VAL C 239 14.24 -12.16 13.28
C VAL C 239 14.14 -11.33 12.00
N ASP C 240 15.02 -11.59 11.04
CA ASP C 240 14.95 -10.89 9.76
C ASP C 240 15.17 -11.84 8.60
N ILE C 241 14.19 -12.71 8.39
CA ILE C 241 14.15 -13.60 7.24
C ILE C 241 13.71 -12.79 6.02
N CYS C 242 14.67 -12.51 5.13
CA CYS C 242 14.42 -11.63 4.00
C CYS C 242 13.72 -12.35 2.87
N GLY C 243 13.91 -13.66 2.82
CA GLY C 243 13.34 -14.47 1.76
C GLY C 243 14.26 -15.64 1.44
N LEU C 244 14.07 -16.24 0.27
CA LEU C 244 14.84 -17.41 -0.14
C LEU C 244 15.92 -17.05 -1.16
N PHE C 245 17.14 -17.53 -0.92
CA PHE C 245 18.17 -17.47 -1.92
C PHE C 245 18.05 -18.70 -2.82
N THR C 246 18.17 -18.51 -4.12
CA THR C 246 18.06 -19.61 -5.07
C THR C 246 19.39 -19.91 -5.74
N ASN C 247 19.95 -21.07 -5.45
CA ASN C 247 21.17 -21.50 -6.11
C ASN C 247 20.95 -21.82 -7.57
N THR C 248 22.02 -21.85 -8.35
CA THR C 248 21.93 -22.23 -9.75
C THR C 248 21.14 -23.54 -9.91
N SER C 249 21.32 -24.45 -8.97
CA SER C 249 20.74 -25.79 -9.02
C SER C 249 19.25 -25.83 -8.72
N GLY C 250 18.73 -24.74 -8.16
CA GLY C 250 17.31 -24.66 -7.82
C GLY C 250 17.04 -24.87 -6.35
N THR C 251 18.07 -25.30 -5.62
CA THR C 251 17.98 -25.44 -4.18
C THR C 251 17.84 -24.06 -3.55
N GLN C 252 17.11 -23.99 -2.44
CA GLN C 252 16.83 -22.70 -1.82
C GLN C 252 17.19 -22.72 -0.34
N GLN C 253 17.72 -21.59 0.14
CA GLN C 253 18.02 -21.44 1.56
C GLN C 253 17.54 -20.08 2.05
N TRP C 254 17.01 -20.04 3.27
CA TRP C 254 16.58 -18.80 3.87
C TRP C 254 17.73 -17.79 3.93
N LYS C 255 17.45 -16.54 3.62
CA LYS C 255 18.45 -15.50 3.85
C LYS C 255 18.04 -14.58 4.99
N GLY C 256 19.00 -14.24 5.84
CA GLY C 256 18.78 -13.31 6.92
C GLY C 256 19.84 -12.22 6.92
N LEU C 257 19.51 -11.09 7.54
CA LEU C 257 20.44 -9.98 7.67
C LEU C 257 20.52 -9.52 9.11
N PRO C 258 21.65 -8.94 9.51
CA PRO C 258 21.79 -8.44 10.86
C PRO C 258 20.81 -7.32 11.15
N ARG C 259 20.51 -7.10 12.44
CA ARG C 259 19.69 -5.96 12.83
C ARG C 259 20.45 -5.10 13.83
N TYR C 260 20.32 -3.78 13.69
CA TYR C 260 20.92 -2.83 14.61
C TYR C 260 19.90 -2.29 15.58
N PHE C 261 20.32 -2.10 16.83
CA PHE C 261 19.49 -1.51 17.87
C PHE C 261 20.17 -0.31 18.49
N LYS C 262 19.41 0.75 18.71
CA LYS C 262 19.89 1.92 19.43
CA LYS C 262 19.88 1.92 19.42
C LYS C 262 18.83 2.37 20.42
N ILE C 263 19.05 2.02 21.69
CA ILE C 263 18.05 2.24 22.73
C ILE C 263 18.47 3.33 23.72
N THR C 264 17.53 4.20 24.02
CA THR C 264 17.76 5.27 24.98
C THR C 264 17.02 4.93 26.27
N LEU C 265 17.74 5.04 27.39
CA LEU C 265 17.18 4.66 28.67
C LEU C 265 17.24 5.81 29.66
N ARG C 266 16.31 5.83 30.59
CA ARG C 266 16.33 6.81 31.67
C ARG C 266 16.22 6.11 33.02
N LYS C 267 16.77 6.74 34.06
CA LYS C 267 16.71 6.19 35.41
C LYS C 267 15.32 6.39 36.01
N ARG C 268 14.72 5.30 36.46
CA ARG C 268 13.38 5.31 37.03
C ARG C 268 13.39 4.82 38.47
N SER C 269 12.67 5.52 39.33
CA SER C 269 12.52 5.10 40.71
C SER C 269 11.43 4.04 40.82
N VAL C 270 11.72 2.98 41.55
CA VAL C 270 10.74 1.90 41.76
C VAL C 270 10.82 1.41 43.19
N LYS C 271 9.72 0.85 43.68
CA LYS C 271 9.68 0.34 45.05
C LYS C 271 10.40 -1.01 45.15
N ASN C 272 11.16 -1.19 46.22
CA ASN C 272 11.92 -2.41 46.43
C ASN C 272 11.57 -3.08 47.76
N GLY D 6 29.66 15.61 20.20
CA GLY D 6 30.88 16.47 20.18
C GLY D 6 30.57 17.96 20.09
N ILE D 7 29.78 18.34 19.08
CA ILE D 7 29.48 19.74 18.80
C ILE D 7 28.29 20.28 19.58
N GLU D 8 28.55 21.28 20.43
CA GLU D 8 27.51 21.89 21.24
C GLU D 8 26.92 23.11 20.54
N VAL D 9 25.63 23.07 20.25
CA VAL D 9 24.98 24.12 19.45
C VAL D 9 24.51 25.30 20.29
N LEU D 10 24.45 26.47 19.68
CA LEU D 10 23.94 27.67 20.33
C LEU D 10 22.76 28.25 19.54
N GLY D 11 22.65 29.57 19.47
CA GLY D 11 21.51 30.21 18.81
C GLY D 11 21.53 30.18 17.30
N VAL D 12 20.37 30.41 16.70
CA VAL D 12 20.23 30.48 15.25
C VAL D 12 20.06 31.92 14.78
N LYS D 13 20.79 32.30 13.73
CA LYS D 13 20.64 33.63 13.16
C LYS D 13 19.29 33.76 12.44
N THR D 14 18.62 34.88 12.65
CA THR D 14 17.27 35.10 12.14
C THR D 14 17.26 36.23 11.09
N GLY D 15 16.19 36.29 10.31
CA GLY D 15 16.05 37.31 9.27
C GLY D 15 16.58 36.84 7.93
N SER D 18 20.57 35.11 7.02
CA SER D 18 20.72 33.96 7.90
C SER D 18 20.38 32.65 7.19
N PHE D 19 19.73 32.76 6.03
CA PHE D 19 19.35 31.61 5.23
C PHE D 19 20.17 31.49 3.95
N THR D 20 20.17 30.31 3.35
CA THR D 20 20.69 30.10 2.01
C THR D 20 20.06 28.86 1.39
N GLU D 21 20.00 28.83 0.06
CA GLU D 21 19.51 27.67 -0.67
C GLU D 21 20.57 27.18 -1.64
N VAL D 22 20.77 25.86 -1.69
CA VAL D 22 21.68 25.28 -2.67
C VAL D 22 20.99 24.15 -3.44
N GLU D 23 21.31 24.05 -4.74
CA GLU D 23 20.76 23.05 -5.63
C GLU D 23 21.81 22.07 -6.11
N CYS D 24 21.38 20.89 -6.54
CA CYS D 24 22.30 19.90 -7.06
C CYS D 24 21.58 18.83 -7.90
N PHE D 25 22.07 18.61 -9.10
CA PHE D 25 21.68 17.43 -9.88
C PHE D 25 22.80 16.40 -9.83
N LEU D 26 22.49 15.22 -9.30
CA LEU D 26 23.46 14.14 -9.21
C LEU D 26 23.18 13.05 -10.24
N ASN D 27 24.11 12.86 -11.17
CA ASN D 27 24.03 11.74 -12.09
C ASN D 27 24.09 10.42 -11.35
N PRO D 28 23.41 9.38 -11.90
CA PRO D 28 23.54 8.03 -11.38
C PRO D 28 24.88 7.45 -11.79
N GLN D 29 25.34 6.46 -11.04
CA GLN D 29 26.60 5.78 -11.37
C GLN D 29 26.34 4.28 -11.47
N MET D 30 25.74 3.86 -12.58
CA MET D 30 25.32 2.47 -12.75
C MET D 30 26.44 1.60 -13.33
N GLY D 31 27.45 2.24 -13.90
CA GLY D 31 28.58 1.54 -14.50
C GLY D 31 29.08 2.16 -15.78
N ASN D 32 28.13 2.56 -16.64
CA ASN D 32 28.43 3.18 -17.94
C ASN D 32 29.43 2.37 -18.75
N PRO D 33 28.97 1.26 -19.36
CA PRO D 33 29.84 0.35 -20.11
C PRO D 33 30.60 1.05 -21.24
N ASP D 34 29.93 1.99 -21.90
CA ASP D 34 30.59 2.85 -22.89
C ASP D 34 29.92 4.22 -22.94
N GLU D 35 30.45 5.09 -23.78
CA GLU D 35 30.00 6.49 -23.86
C GLU D 35 28.52 6.59 -24.19
N HIS D 36 28.00 5.59 -24.90
CA HIS D 36 26.63 5.64 -25.42
C HIS D 36 25.59 5.14 -24.41
N GLN D 37 26.06 4.53 -23.33
CA GLN D 37 25.16 3.83 -22.40
C GLN D 37 25.21 4.38 -20.98
N LYS D 38 25.15 5.70 -20.86
CA LYS D 38 25.11 6.31 -19.53
C LYS D 38 23.74 6.06 -18.88
N GLY D 39 23.74 5.84 -17.57
CA GLY D 39 22.51 5.52 -16.84
C GLY D 39 22.25 4.03 -16.83
N LEU D 40 23.11 3.28 -17.51
CA LEU D 40 23.01 1.83 -17.52
C LEU D 40 24.29 1.21 -17.00
N SER D 41 24.17 0.02 -16.44
CA SER D 41 25.33 -0.79 -16.11
C SER D 41 25.72 -1.61 -17.32
N LYS D 42 26.83 -2.32 -17.19
CA LYS D 42 27.24 -3.28 -18.20
C LYS D 42 26.39 -4.55 -18.08
N SER D 43 26.25 -5.28 -19.18
CA SER D 43 25.55 -6.55 -19.16
C SER D 43 25.84 -7.26 -17.85
N LEU D 44 24.79 -7.78 -17.23
CA LEU D 44 24.94 -8.42 -15.92
C LEU D 44 25.19 -9.92 -16.07
N ALA D 45 26.07 -10.44 -15.24
CA ALA D 45 26.38 -11.86 -15.23
C ALA D 45 25.52 -12.59 -14.20
N ALA D 46 25.35 -13.89 -14.40
CA ALA D 46 24.67 -14.73 -13.44
C ALA D 46 25.38 -16.08 -13.32
N GLU D 47 25.12 -16.77 -12.22
CA GLU D 47 25.54 -18.16 -12.05
C GLU D 47 27.06 -18.33 -12.00
N LYS D 48 27.76 -17.28 -11.58
CA LYS D 48 29.21 -17.37 -11.40
C LYS D 48 29.52 -18.05 -10.07
N GLN D 49 30.55 -18.88 -10.06
CA GLN D 49 30.89 -19.64 -8.84
C GLN D 49 31.41 -18.71 -7.77
N PHE D 50 31.10 -19.04 -6.52
CA PHE D 50 31.43 -18.21 -5.36
C PHE D 50 32.94 -17.97 -5.21
N THR D 51 33.74 -18.97 -5.59
CA THR D 51 35.18 -18.93 -5.42
C THR D 51 35.89 -18.22 -6.56
N ASP D 52 35.16 -17.95 -7.65
CA ASP D 52 35.73 -17.25 -8.80
C ASP D 52 34.72 -16.28 -9.44
N ASP D 53 34.23 -15.34 -8.65
CA ASP D 53 33.34 -14.29 -9.15
C ASP D 53 34.05 -12.95 -9.20
N SER D 54 34.42 -12.53 -10.41
CA SER D 54 35.16 -11.29 -10.61
C SER D 54 34.38 -10.30 -11.47
N PRO D 55 33.42 -9.58 -10.85
CA PRO D 55 32.59 -8.65 -11.59
C PRO D 55 33.39 -7.43 -12.04
N ASP D 56 33.11 -6.95 -13.25
CA ASP D 56 33.71 -5.73 -13.77
C ASP D 56 33.18 -4.52 -13.01
N LYS D 57 33.91 -3.41 -13.05
CA LYS D 57 33.46 -2.20 -12.37
C LYS D 57 32.16 -1.69 -12.99
N GLU D 58 32.05 -1.82 -14.32
CA GLU D 58 30.89 -1.33 -15.05
C GLU D 58 29.63 -2.16 -14.78
N GLN D 59 29.80 -3.34 -14.20
CA GLN D 59 28.69 -4.20 -13.84
C GLN D 59 28.13 -3.85 -12.47
N LEU D 60 28.87 -3.02 -11.74
CA LEU D 60 28.54 -2.71 -10.36
C LEU D 60 28.13 -1.26 -10.19
N PRO D 61 26.82 -0.99 -10.02
CA PRO D 61 26.38 0.35 -9.68
C PRO D 61 27.05 0.83 -8.40
N CYS D 62 27.36 2.13 -8.35
CA CYS D 62 28.02 2.72 -7.18
C CYS D 62 27.20 3.86 -6.57
N TYR D 63 27.48 4.16 -5.31
CA TYR D 63 26.91 5.31 -4.66
C TYR D 63 27.31 6.60 -5.36
N SER D 64 26.35 7.49 -5.54
CA SER D 64 26.61 8.83 -6.04
C SER D 64 26.79 9.78 -4.86
N VAL D 65 27.73 10.71 -5.01
CA VAL D 65 27.99 11.71 -3.97
C VAL D 65 28.53 12.99 -4.58
N ALA D 66 28.09 14.12 -4.01
CA ALA D 66 28.61 15.42 -4.36
C ALA D 66 28.86 16.22 -3.10
N ARG D 67 30.04 16.80 -3.00
CA ARG D 67 30.34 17.77 -1.95
C ARG D 67 30.00 19.16 -2.47
N ILE D 68 29.07 19.82 -1.79
CA ILE D 68 28.67 21.15 -2.17
C ILE D 68 29.37 22.18 -1.29
N PRO D 69 30.17 23.07 -1.89
CA PRO D 69 30.82 24.15 -1.13
C PRO D 69 29.83 25.23 -0.72
N LEU D 70 29.96 25.70 0.52
CA LEU D 70 29.15 26.79 1.04
C LEU D 70 30.03 27.94 1.48
N PRO D 71 29.46 29.15 1.56
CA PRO D 71 30.25 30.30 2.00
C PRO D 71 30.83 30.16 3.42
N ASN D 72 32.05 30.62 3.60
CA ASN D 72 32.66 30.69 4.93
C ASN D 72 32.03 31.79 5.76
N ILE D 73 31.75 31.52 7.04
CA ILE D 73 31.06 32.51 7.86
C ILE D 73 31.94 33.06 9.00
N ASN D 74 33.13 32.51 9.18
CA ASN D 74 33.98 32.89 10.32
C ASN D 74 35.30 33.55 9.92
N GLU D 75 35.63 34.66 10.58
CA GLU D 75 36.90 35.34 10.36
C GLU D 75 38.02 34.74 11.22
N ASP D 76 37.64 34.14 12.34
CA ASP D 76 38.62 33.60 13.28
C ASP D 76 38.08 32.32 13.94
N LEU D 77 38.83 31.23 13.80
CA LEU D 77 38.39 29.93 14.33
C LEU D 77 38.96 29.64 15.72
N THR D 78 39.41 30.67 16.42
CA THR D 78 39.82 30.55 17.82
C THR D 78 38.76 31.10 18.75
N CYS D 79 37.77 31.79 18.18
CA CYS D 79 36.65 32.33 18.95
C CYS D 79 35.85 31.22 19.63
N GLY D 80 35.36 31.52 20.83
CA GLY D 80 34.55 30.57 21.59
C GLY D 80 33.21 30.28 20.93
N ASN D 81 32.70 31.26 20.18
CA ASN D 81 31.48 31.10 19.40
C ASN D 81 31.73 31.27 17.91
N ILE D 82 31.20 30.35 17.13
CA ILE D 82 31.43 30.27 15.70
C ILE D 82 30.15 29.90 14.97
N LEU D 83 30.01 30.34 13.72
CA LEU D 83 28.81 30.05 12.94
C LEU D 83 29.05 28.86 12.01
N MET D 84 28.03 28.01 11.91
CA MET D 84 28.06 26.88 10.99
C MET D 84 26.78 26.81 10.19
N TRP D 85 26.89 26.35 8.95
CA TRP D 85 25.71 26.14 8.12
C TRP D 85 24.95 24.92 8.64
N GLU D 86 23.65 25.10 8.85
CA GLU D 86 22.79 24.04 9.32
C GLU D 86 21.72 23.70 8.29
N ALA D 87 21.77 22.48 7.77
CA ALA D 87 20.76 22.05 6.80
C ALA D 87 19.44 21.81 7.51
N VAL D 88 18.39 22.49 7.05
CA VAL D 88 17.09 22.46 7.72
C VAL D 88 16.05 21.62 6.97
N THR D 89 16.00 21.80 5.66
CA THR D 89 15.04 21.07 4.84
C THR D 89 15.66 20.62 3.51
N VAL D 90 15.08 19.59 2.92
CA VAL D 90 15.49 19.17 1.58
C VAL D 90 14.27 18.79 0.73
N LYS D 91 14.26 19.30 -0.50
CA LYS D 91 13.37 18.81 -1.53
C LYS D 91 14.19 17.94 -2.46
N THR D 92 13.72 16.74 -2.73
CA THR D 92 14.50 15.84 -3.58
C THR D 92 13.59 15.10 -4.59
N GLU D 93 14.16 14.79 -5.75
CA GLU D 93 13.39 14.37 -6.89
C GLU D 93 14.19 13.46 -7.80
N VAL D 94 13.61 12.33 -8.17
CA VAL D 94 14.22 11.47 -9.18
C VAL D 94 13.90 12.03 -10.56
N ILE D 95 14.93 12.22 -11.38
CA ILE D 95 14.80 12.94 -12.64
C ILE D 95 14.74 12.00 -13.85
N GLY D 96 13.66 12.13 -14.63
CA GLY D 96 13.52 11.41 -15.89
C GLY D 96 12.66 10.15 -15.83
N VAL D 97 11.73 10.09 -14.88
CA VAL D 97 10.95 8.87 -14.66
C VAL D 97 10.16 8.47 -15.91
N THR D 98 9.75 9.46 -16.70
CA THR D 98 8.98 9.21 -17.92
C THR D 98 9.79 8.58 -19.05
N ALA D 99 11.11 8.74 -19.00
CA ALA D 99 11.97 8.18 -20.04
C ALA D 99 11.74 6.70 -20.22
N MET D 100 11.23 6.05 -19.17
CA MET D 100 11.03 4.61 -19.20
C MET D 100 9.73 4.21 -19.93
N LEU D 101 9.03 5.22 -20.47
CA LEU D 101 7.86 4.97 -21.31
C LEU D 101 8.29 4.74 -22.76
N ASN D 102 9.60 4.91 -23.02
CA ASN D 102 10.20 4.42 -24.25
C ASN D 102 10.26 2.91 -24.22
N LEU D 103 9.34 2.25 -24.92
CA LEU D 103 9.37 0.78 -24.96
C LEU D 103 9.81 0.26 -26.32
N HIS D 104 10.37 1.14 -27.14
CA HIS D 104 10.73 0.78 -28.52
C HIS D 104 12.25 0.64 -28.75
N SER D 105 13.06 1.35 -27.96
CA SER D 105 14.52 1.37 -28.18
C SER D 105 15.24 0.19 -27.53
N GLY D 106 15.73 -0.72 -28.36
CA GLY D 106 16.58 -1.84 -27.89
C GLY D 106 15.88 -2.78 -26.93
N THR D 107 14.56 -2.67 -26.87
CA THR D 107 13.75 -3.45 -25.95
C THR D 107 13.52 -4.87 -26.42
N GLN D 108 12.98 -5.71 -25.55
CA GLN D 108 12.55 -7.05 -25.94
C GLN D 108 11.04 -7.17 -25.89
N LYS D 109 10.46 -7.66 -26.99
CA LYS D 109 9.03 -7.94 -27.08
C LYS D 109 8.53 -8.77 -25.92
N THR D 110 7.37 -8.42 -25.38
CA THR D 110 6.75 -9.22 -24.34
C THR D 110 6.05 -10.41 -24.99
N HIS D 111 5.66 -10.21 -26.25
CA HIS D 111 5.04 -11.23 -27.07
C HIS D 111 5.08 -10.80 -28.53
N GLU D 112 4.67 -11.70 -29.43
CA GLU D 112 4.64 -11.39 -30.85
C GLU D 112 3.68 -10.23 -31.13
N ASN D 113 4.14 -9.24 -31.88
CA ASN D 113 3.34 -8.06 -32.18
C ASN D 113 3.21 -7.10 -31.01
N GLY D 114 3.78 -7.50 -29.87
CA GLY D 114 3.65 -6.73 -28.63
C GLY D 114 4.67 -5.63 -28.44
N ALA D 115 4.44 -4.79 -27.43
CA ALA D 115 5.36 -3.71 -27.09
C ALA D 115 6.57 -4.26 -26.34
N GLY D 116 7.57 -3.41 -26.15
CA GLY D 116 8.80 -3.81 -25.45
C GLY D 116 8.58 -3.95 -23.96
N LYS D 117 9.39 -4.79 -23.33
CA LYS D 117 9.31 -5.00 -21.88
C LYS D 117 9.84 -3.78 -21.13
N PRO D 118 9.02 -3.22 -20.22
CA PRO D 118 9.43 -2.06 -19.45
C PRO D 118 10.54 -2.40 -18.46
N ILE D 119 11.31 -1.39 -18.08
CA ILE D 119 12.30 -1.57 -17.02
C ILE D 119 11.57 -1.98 -15.74
N GLN D 120 12.09 -3.00 -15.07
CA GLN D 120 11.45 -3.59 -13.89
C GLN D 120 12.44 -4.49 -13.17
N GLY D 121 12.07 -4.93 -11.97
CA GLY D 121 12.94 -5.78 -11.18
C GLY D 121 13.44 -5.12 -9.91
N SER D 122 14.47 -5.70 -9.31
CA SER D 122 15.05 -5.16 -8.08
C SER D 122 15.40 -3.69 -8.25
N ASN D 123 15.07 -2.89 -7.22
CA ASN D 123 15.38 -1.47 -7.24
C ASN D 123 15.87 -1.00 -5.87
N PHE D 124 16.55 0.14 -5.87
CA PHE D 124 17.01 0.76 -4.63
C PHE D 124 17.05 2.25 -4.83
N HIS D 125 16.22 2.95 -4.07
CA HIS D 125 16.19 4.41 -4.13
C HIS D 125 16.56 4.97 -2.77
N PHE D 126 17.58 5.81 -2.77
CA PHE D 126 18.24 6.25 -1.55
C PHE D 126 18.79 7.66 -1.70
N PHE D 127 18.70 8.44 -0.63
CA PHE D 127 19.35 9.75 -0.61
C PHE D 127 19.77 10.11 0.81
N ALA D 128 20.76 10.99 0.91
CA ALA D 128 21.28 11.42 2.19
C ALA D 128 21.73 12.88 2.10
N VAL D 129 21.50 13.61 3.19
CA VAL D 129 22.03 14.96 3.34
C VAL D 129 22.75 15.05 4.66
N GLY D 130 24.00 15.52 4.64
CA GLY D 130 24.80 15.59 5.85
C GLY D 130 25.88 16.66 5.78
N GLY D 131 26.41 17.03 6.95
CA GLY D 131 27.48 18.02 7.03
C GLY D 131 28.85 17.38 6.89
N GLU D 132 28.85 16.10 6.54
CA GLU D 132 30.06 15.34 6.31
C GLU D 132 29.75 14.12 5.46
N PRO D 133 30.78 13.44 4.94
CA PRO D 133 30.49 12.29 4.10
C PRO D 133 29.63 11.28 4.83
N LEU D 134 28.78 10.57 4.08
CA LEU D 134 27.98 9.47 4.60
C LEU D 134 28.88 8.35 5.11
N GLU D 135 28.61 7.89 6.33
CA GLU D 135 29.39 6.81 6.92
C GLU D 135 28.76 5.47 6.59
N LEU D 136 29.60 4.53 6.15
CA LEU D 136 29.12 3.26 5.60
C LEU D 136 29.56 2.05 6.42
N GLN D 137 28.72 1.02 6.39
CA GLN D 137 29.07 -0.30 6.91
C GLN D 137 29.06 -1.30 5.75
N GLY D 138 30.12 -2.09 5.63
CA GLY D 138 30.19 -3.09 4.58
C GLY D 138 29.48 -4.39 4.92
N VAL D 139 28.67 -4.88 3.98
CA VAL D 139 28.04 -6.18 4.08
C VAL D 139 28.01 -6.79 2.70
N LEU D 140 28.36 -8.07 2.61
CA LEU D 140 28.49 -8.73 1.32
C LEU D 140 27.58 -9.94 1.20
N ALA D 141 27.03 -10.17 0.00
CA ALA D 141 26.28 -11.37 -0.27
C ALA D 141 27.24 -12.55 -0.38
N ASN D 142 28.38 -12.31 -1.01
CA ASN D 142 29.43 -13.29 -1.15
C ASN D 142 30.78 -12.69 -0.77
N TYR D 143 31.31 -13.12 0.37
CA TYR D 143 32.54 -12.54 0.92
C TYR D 143 33.77 -12.87 0.07
N ARG D 144 33.64 -13.90 -0.76
CA ARG D 144 34.75 -14.36 -1.60
C ARG D 144 34.73 -13.72 -2.98
N THR D 145 33.90 -12.68 -3.14
CA THR D 145 33.83 -11.93 -4.39
C THR D 145 35.12 -11.17 -4.65
N LYS D 146 35.65 -11.30 -5.87
CA LYS D 146 36.86 -10.61 -6.26
C LYS D 146 36.53 -9.27 -6.89
N TYR D 147 36.53 -8.21 -6.10
CA TYR D 147 36.12 -6.89 -6.59
C TYR D 147 37.25 -6.22 -7.37
N PRO D 148 36.87 -5.50 -8.43
CA PRO D 148 37.79 -4.93 -9.42
C PRO D 148 38.54 -3.69 -8.90
N ALA D 149 39.57 -3.29 -9.62
CA ALA D 149 40.31 -2.08 -9.29
C ALA D 149 39.43 -0.85 -9.54
N GLN D 150 39.75 0.22 -8.82
CA GLN D 150 39.01 1.48 -8.94
C GLN D 150 37.67 1.43 -8.19
N THR D 151 37.52 0.43 -7.33
CA THR D 151 36.38 0.37 -6.41
C THR D 151 36.88 0.28 -4.98
N VAL D 152 36.18 0.95 -4.07
CA VAL D 152 36.45 0.82 -2.65
C VAL D 152 35.47 -0.17 -2.05
N THR D 153 35.95 -1.35 -1.71
CA THR D 153 35.13 -2.39 -1.12
C THR D 153 35.72 -2.80 0.21
N PRO D 154 34.96 -3.58 1.00
CA PRO D 154 35.38 -4.01 2.33
C PRO D 154 36.74 -4.72 2.31
N LYS D 155 37.68 -4.20 3.08
CA LYS D 155 39.03 -4.72 3.10
C LYS D 155 39.12 -5.94 4.01
N ASN D 156 39.85 -6.95 3.56
CA ASN D 156 40.03 -8.18 4.34
C ASN D 156 38.68 -8.81 4.68
N ALA D 157 37.86 -9.00 3.65
CA ALA D 157 36.55 -9.62 3.83
C ALA D 157 36.70 -11.01 4.43
N THR D 158 35.90 -11.30 5.45
CA THR D 158 35.98 -12.59 6.12
C THR D 158 34.65 -13.33 6.06
N VAL D 159 34.61 -14.45 6.78
CA VAL D 159 33.41 -15.26 6.90
C VAL D 159 32.21 -14.45 7.40
N ASP D 160 32.49 -13.46 8.23
CA ASP D 160 31.43 -12.70 8.91
C ASP D 160 30.94 -11.51 8.09
N SER D 161 31.62 -11.23 6.99
CA SER D 161 31.28 -10.09 6.15
C SER D 161 29.91 -10.25 5.47
N GLN D 162 29.36 -11.46 5.55
CA GLN D 162 28.01 -11.73 5.02
C GLN D 162 26.96 -11.43 6.10
N GLN D 163 27.43 -11.29 7.34
CA GLN D 163 26.64 -10.76 8.43
C GLN D 163 27.33 -9.51 8.98
N MET D 164 27.58 -9.48 10.29
CA MET D 164 28.24 -8.30 10.87
C MET D 164 29.77 -8.45 10.96
N ASN D 165 30.46 -7.63 10.18
CA ASN D 165 31.89 -7.45 10.34
C ASN D 165 32.18 -5.98 10.57
N THR D 166 32.36 -5.61 11.83
CA THR D 166 32.47 -4.21 12.25
C THR D 166 33.78 -3.54 11.81
N ASP D 167 34.69 -4.32 11.23
CA ASP D 167 35.91 -3.76 10.67
C ASP D 167 35.61 -3.00 9.39
N HIS D 168 34.52 -3.40 8.71
CA HIS D 168 34.17 -2.78 7.44
C HIS D 168 33.50 -1.43 7.65
N LYS D 169 34.33 -0.42 7.94
CA LYS D 169 33.87 0.94 8.09
C LYS D 169 34.46 1.81 6.98
N ALA D 170 33.63 2.68 6.41
CA ALA D 170 34.08 3.56 5.35
C ALA D 170 33.26 4.83 5.32
N VAL D 171 33.64 5.76 4.44
CA VAL D 171 32.90 6.99 4.23
C VAL D 171 32.70 7.22 2.74
N LEU D 172 31.54 7.74 2.38
CA LEU D 172 31.27 8.04 0.98
C LEU D 172 31.98 9.32 0.59
N ASP D 173 33.25 9.21 0.24
CA ASP D 173 34.08 10.37 -0.06
C ASP D 173 34.48 10.42 -1.53
N LYS D 174 34.01 9.43 -2.31
CA LYS D 174 34.35 9.34 -3.71
C LYS D 174 33.15 8.91 -4.55
N ASP D 175 32.90 9.64 -5.64
CA ASP D 175 31.83 9.30 -6.56
C ASP D 175 32.22 8.16 -7.50
N ASN D 176 31.27 7.28 -7.79
CA ASN D 176 31.50 6.14 -8.68
C ASN D 176 32.67 5.27 -8.22
N ALA D 177 32.67 4.90 -6.94
CA ALA D 177 33.77 4.12 -6.37
C ALA D 177 33.28 3.07 -5.37
N TYR D 178 32.25 3.43 -4.59
CA TYR D 178 31.68 2.52 -3.60
C TYR D 178 30.48 1.75 -4.16
N PRO D 179 30.67 0.47 -4.47
CA PRO D 179 29.58 -0.34 -5.02
C PRO D 179 28.39 -0.42 -4.07
N VAL D 180 27.18 -0.23 -4.60
CA VAL D 180 25.96 -0.27 -3.80
C VAL D 180 25.81 -1.60 -3.07
N GLU D 181 26.21 -2.68 -3.74
CA GLU D 181 26.03 -4.03 -3.21
C GLU D 181 27.01 -4.37 -2.09
N CYS D 182 27.93 -3.46 -1.78
CA CYS D 182 28.95 -3.71 -0.75
C CYS D 182 28.70 -2.90 0.52
N TRP D 183 28.05 -1.75 0.38
CA TRP D 183 27.93 -0.81 1.48
C TRP D 183 26.48 -0.41 1.76
N VAL D 184 26.18 -0.27 3.05
CA VAL D 184 24.97 0.39 3.50
C VAL D 184 25.35 1.48 4.48
N PRO D 185 24.52 2.53 4.56
CA PRO D 185 24.72 3.57 5.56
C PRO D 185 24.79 2.96 6.95
N ASP D 186 25.69 3.49 7.78
CA ASP D 186 25.96 2.95 9.11
C ASP D 186 25.11 3.63 10.17
N PRO D 187 24.11 2.92 10.72
CA PRO D 187 23.19 3.49 11.70
C PRO D 187 23.85 3.70 13.06
N SER D 188 25.01 3.10 13.28
CA SER D 188 25.75 3.26 14.53
C SER D 188 26.49 4.59 14.54
N LYS D 189 26.57 5.21 13.36
CA LYS D 189 27.20 6.51 13.24
C LYS D 189 26.23 7.48 12.58
N ASN D 190 26.75 8.32 11.68
CA ASN D 190 25.89 9.22 10.89
C ASN D 190 25.09 10.22 11.73
N GLU D 191 25.67 10.65 12.86
CA GLU D 191 25.05 11.62 13.74
C GLU D 191 24.79 12.95 13.03
N ASN D 192 25.60 13.23 12.01
CA ASN D 192 25.55 14.51 11.31
C ASN D 192 24.99 14.37 9.90
N THR D 193 24.28 13.26 9.66
CA THR D 193 23.70 12.95 8.37
C THR D 193 22.28 12.42 8.53
N ARG D 194 21.39 12.78 7.60
CA ARG D 194 20.07 12.17 7.52
C ARG D 194 19.99 11.37 6.24
N TYR D 195 19.64 10.09 6.34
CA TYR D 195 19.59 9.25 5.14
C TYR D 195 18.27 8.48 5.07
N PHE D 196 17.86 8.17 3.85
CA PHE D 196 16.60 7.49 3.59
C PHE D 196 16.72 6.56 2.40
N GLY D 197 16.35 5.29 2.57
CA GLY D 197 16.43 4.35 1.47
C GLY D 197 15.36 3.30 1.46
N THR D 198 15.02 2.80 0.27
CA THR D 198 14.08 1.70 0.13
C THR D 198 14.61 0.70 -0.89
N TYR D 199 14.82 -0.53 -0.43
CA TYR D 199 15.20 -1.62 -1.30
C TYR D 199 13.99 -2.50 -1.60
N THR D 200 13.79 -2.80 -2.89
CA THR D 200 12.78 -3.75 -3.32
C THR D 200 13.44 -4.83 -4.16
N GLY D 201 13.18 -6.09 -3.84
CA GLY D 201 13.82 -7.20 -4.55
C GLY D 201 12.83 -8.08 -5.28
N GLY D 202 13.23 -8.61 -6.43
CA GLY D 202 12.36 -9.45 -7.24
C GLY D 202 12.39 -9.03 -8.70
N GLU D 203 12.62 -9.98 -9.60
CA GLU D 203 12.89 -9.65 -11.00
C GLU D 203 11.68 -9.03 -11.71
N ASN D 204 10.49 -9.21 -11.15
CA ASN D 204 9.29 -8.69 -11.81
C ASN D 204 8.69 -7.48 -11.10
N VAL D 205 9.44 -6.90 -10.16
CA VAL D 205 8.93 -5.77 -9.37
C VAL D 205 8.70 -4.53 -10.24
N PRO D 206 7.45 -4.04 -10.28
CA PRO D 206 7.15 -2.78 -10.93
C PRO D 206 7.77 -1.58 -10.20
N PRO D 207 8.51 -0.73 -10.92
CA PRO D 207 8.95 0.52 -10.32
C PRO D 207 7.77 1.44 -10.07
N VAL D 208 7.72 2.04 -8.89
CA VAL D 208 6.72 3.04 -8.55
C VAL D 208 7.43 4.33 -8.16
N LEU D 209 7.30 5.34 -8.99
CA LEU D 209 8.06 6.57 -8.79
C LEU D 209 7.16 7.81 -8.79
N HIS D 210 7.21 8.56 -7.70
CA HIS D 210 6.42 9.76 -7.54
C HIS D 210 7.26 11.01 -7.78
N ILE D 211 6.65 12.02 -8.38
CA ILE D 211 7.32 13.30 -8.60
C ILE D 211 6.41 14.44 -8.18
N THR D 212 6.99 15.47 -7.59
CA THR D 212 6.26 16.63 -7.09
C THR D 212 7.24 17.68 -6.61
N ASN D 213 6.85 18.95 -6.69
CA ASN D 213 7.67 20.03 -6.13
C ASN D 213 7.07 20.57 -4.83
N THR D 214 6.24 19.75 -4.19
CA THR D 214 5.52 20.16 -2.99
C THR D 214 5.87 19.32 -1.78
N ALA D 215 6.80 18.37 -1.95
CA ALA D 215 7.24 17.49 -0.87
C ALA D 215 8.56 17.95 -0.28
N THR D 216 8.58 18.18 1.03
CA THR D 216 9.76 18.64 1.73
C THR D 216 10.09 17.75 2.91
N THR D 217 11.36 17.38 3.05
CA THR D 217 11.81 16.62 4.20
C THR D 217 12.54 17.53 5.19
N VAL D 218 12.10 17.52 6.45
CA VAL D 218 12.76 18.29 7.49
C VAL D 218 13.97 17.51 8.01
N LEU D 219 15.10 18.19 8.13
CA LEU D 219 16.37 17.52 8.44
C LEU D 219 16.79 17.68 9.90
N LEU D 220 15.95 18.37 10.69
CA LEU D 220 16.20 18.54 12.10
C LEU D 220 16.05 17.22 12.87
N ASP D 221 16.98 16.96 13.79
CA ASP D 221 16.94 15.77 14.64
C ASP D 221 16.03 15.98 15.86
N GLU D 222 16.01 14.99 16.74
CA GLU D 222 15.12 15.01 17.92
C GLU D 222 15.29 16.28 18.77
N GLN D 223 16.48 16.88 18.71
CA GLN D 223 16.81 18.06 19.52
C GLN D 223 16.60 19.36 18.75
N GLY D 224 16.18 19.26 17.49
CA GLY D 224 15.94 20.43 16.67
C GLY D 224 17.17 20.94 15.94
N VAL D 225 18.13 20.04 15.74
CA VAL D 225 19.37 20.40 15.06
C VAL D 225 19.51 19.61 13.75
N GLY D 226 19.77 20.33 12.67
CA GLY D 226 20.00 19.71 11.36
C GLY D 226 21.48 19.43 11.18
N PRO D 227 21.83 18.73 10.10
CA PRO D 227 23.23 18.48 9.82
C PRO D 227 24.05 19.79 9.87
N LEU D 228 25.17 19.76 10.58
CA LEU D 228 26.05 20.92 10.68
C LEU D 228 27.23 20.75 9.73
N CYS D 229 27.38 21.70 8.82
CA CYS D 229 28.30 21.53 7.70
C CYS D 229 29.75 21.85 8.08
N LYS D 230 30.53 20.80 8.29
CA LYS D 230 31.93 20.92 8.65
C LYS D 230 32.78 21.36 7.46
N ALA D 231 33.65 22.33 7.69
CA ALA D 231 34.53 22.84 6.66
C ALA D 231 33.72 23.51 5.54
N ASP D 232 32.59 24.10 5.90
CA ASP D 232 31.75 24.78 4.92
C ASP D 232 31.45 23.87 3.74
N SER D 233 31.10 22.63 4.04
CA SER D 233 30.83 21.63 3.02
C SER D 233 29.54 20.85 3.30
N LEU D 234 28.73 20.71 2.26
CA LEU D 234 27.51 19.94 2.35
C LEU D 234 27.60 18.71 1.47
N TYR D 235 27.23 17.56 2.01
CA TYR D 235 27.30 16.31 1.24
C TYR D 235 25.90 15.79 0.88
N VAL D 236 25.69 15.61 -0.43
CA VAL D 236 24.50 14.91 -0.91
C VAL D 236 24.93 13.56 -1.49
N SER D 237 24.19 12.52 -1.13
CA SER D 237 24.49 11.17 -1.59
C SER D 237 23.22 10.51 -2.12
N ALA D 238 23.35 9.66 -3.14
CA ALA D 238 22.18 9.05 -3.74
C ALA D 238 22.49 7.72 -4.43
N VAL D 239 21.47 6.85 -4.44
CA VAL D 239 21.38 5.73 -5.33
C VAL D 239 19.97 5.66 -5.85
N ASP D 240 19.81 5.56 -7.16
CA ASP D 240 18.46 5.40 -7.73
C ASP D 240 18.48 4.33 -8.81
N ILE D 241 18.69 3.09 -8.39
CA ILE D 241 18.54 1.94 -9.24
C ILE D 241 17.06 1.69 -9.45
N CYS D 242 16.59 1.94 -10.67
CA CYS D 242 15.18 1.87 -11.00
C CYS D 242 14.73 0.44 -11.29
N GLY D 243 15.67 -0.39 -11.68
CA GLY D 243 15.38 -1.77 -12.06
C GLY D 243 16.31 -2.25 -13.16
N LEU D 244 15.87 -3.29 -13.88
CA LEU D 244 16.66 -3.87 -14.95
C LEU D 244 16.07 -3.51 -16.31
N PHE D 245 16.94 -3.04 -17.21
CA PHE D 245 16.59 -2.89 -18.62
C PHE D 245 16.89 -4.18 -19.36
N THR D 246 15.88 -4.76 -19.99
CA THR D 246 16.07 -6.00 -20.73
C THR D 246 16.27 -5.72 -22.22
N ASN D 247 17.42 -6.12 -22.73
CA ASN D 247 17.73 -6.01 -24.15
C ASN D 247 16.97 -7.03 -24.99
N THR D 248 16.85 -6.77 -26.28
CA THR D 248 16.25 -7.71 -27.21
C THR D 248 16.74 -9.13 -26.96
N SER D 249 18.03 -9.29 -26.71
CA SER D 249 18.65 -10.61 -26.54
C SER D 249 18.33 -11.25 -25.19
N GLY D 250 17.77 -10.46 -24.27
CA GLY D 250 17.47 -10.97 -22.94
C GLY D 250 18.51 -10.57 -21.91
N THR D 251 19.64 -10.04 -22.38
CA THR D 251 20.68 -9.52 -21.49
C THR D 251 20.16 -8.30 -20.76
N GLN D 252 20.51 -8.20 -19.49
CA GLN D 252 19.97 -7.13 -18.65
C GLN D 252 21.07 -6.25 -18.09
N GLN D 253 20.72 -5.00 -17.82
CA GLN D 253 21.63 -4.06 -17.19
C GLN D 253 20.84 -3.11 -16.30
N TRP D 254 21.45 -2.74 -15.16
CA TRP D 254 20.81 -1.84 -14.22
C TRP D 254 20.50 -0.50 -14.88
N LYS D 255 19.34 0.05 -14.56
CA LYS D 255 18.96 1.37 -15.00
C LYS D 255 18.97 2.30 -13.79
N GLY D 256 19.56 3.47 -13.98
CA GLY D 256 19.58 4.49 -12.95
C GLY D 256 19.09 5.79 -13.51
N LEU D 257 18.68 6.70 -12.62
CA LEU D 257 18.30 8.05 -13.01
C LEU D 257 18.96 9.06 -12.10
N PRO D 258 19.15 10.29 -12.60
CA PRO D 258 19.68 11.38 -11.80
C PRO D 258 18.77 11.71 -10.62
N ARG D 259 19.32 12.34 -9.60
CA ARG D 259 18.51 12.84 -8.49
C ARG D 259 18.81 14.32 -8.24
N TYR D 260 17.75 15.08 -7.98
CA TYR D 260 17.88 16.51 -7.68
C TYR D 260 17.75 16.77 -6.19
N PHE D 261 18.57 17.68 -5.69
CA PHE D 261 18.50 18.14 -4.32
C PHE D 261 18.34 19.64 -4.24
N LYS D 262 17.43 20.08 -3.40
CA LYS D 262 17.34 21.48 -3.03
CA LYS D 262 17.32 21.48 -3.03
C LYS D 262 17.32 21.59 -1.51
N ILE D 263 18.42 22.09 -0.96
CA ILE D 263 18.58 22.13 0.49
C ILE D 263 18.57 23.56 1.01
N THR D 264 17.79 23.77 2.06
CA THR D 264 17.73 25.08 2.73
C THR D 264 18.60 25.03 3.98
N LEU D 265 19.43 26.06 4.12
CA LEU D 265 20.40 26.10 5.21
C LEU D 265 20.23 27.38 6.02
N ARG D 266 20.54 27.31 7.29
CA ARG D 266 20.53 28.50 8.14
C ARG D 266 21.82 28.56 8.94
N LYS D 267 22.21 29.77 9.32
CA LYS D 267 23.41 29.96 10.11
C LYS D 267 23.14 29.68 11.58
N ARG D 268 23.94 28.81 12.17
CA ARG D 268 23.80 28.46 13.58
C ARG D 268 25.08 28.75 14.34
N SER D 269 24.95 29.36 15.51
CA SER D 269 26.11 29.60 16.35
C SER D 269 26.44 28.33 17.14
N VAL D 270 27.73 28.09 17.30
CA VAL D 270 28.20 26.84 17.89
C VAL D 270 29.40 27.08 18.79
N LYS D 271 29.46 26.36 19.90
CA LYS D 271 30.61 26.43 20.80
C LYS D 271 31.88 25.99 20.10
N ASN D 272 32.96 26.72 20.36
CA ASN D 272 34.25 26.42 19.75
C ASN D 272 35.39 26.61 20.75
N ILE E 7 8.13 37.30 -7.75
CA ILE E 7 7.10 38.32 -7.43
C ILE E 7 6.91 38.49 -5.93
N GLU E 8 7.09 39.72 -5.44
CA GLU E 8 6.85 40.04 -4.03
C GLU E 8 5.36 40.09 -3.74
N VAL E 9 4.92 39.24 -2.81
CA VAL E 9 3.50 39.12 -2.49
C VAL E 9 3.15 39.89 -1.22
N LEU E 10 1.89 40.32 -1.13
CA LEU E 10 1.38 40.95 0.09
C LEU E 10 0.42 40.01 0.83
N GLY E 11 0.01 40.40 2.03
CA GLY E 11 -0.95 39.63 2.82
C GLY E 11 -2.26 39.42 2.08
N VAL E 12 -3.14 38.59 2.62
CA VAL E 12 -4.38 38.21 1.93
C VAL E 12 -5.58 39.14 2.24
N LYS E 13 -6.49 39.24 1.28
CA LYS E 13 -7.71 40.03 1.44
C LYS E 13 -8.92 39.12 1.68
N THR E 14 -10.07 39.73 1.98
CA THR E 14 -11.28 38.97 2.25
C THR E 14 -12.37 39.26 1.22
N ASP E 17 -16.57 38.62 -4.27
CA ASP E 17 -15.91 39.41 -5.32
C ASP E 17 -14.42 39.08 -5.40
N SER E 18 -13.87 38.63 -4.28
CA SER E 18 -12.44 38.31 -4.18
C SER E 18 -12.10 36.92 -4.73
N PHE E 19 -13.12 36.10 -4.92
CA PHE E 19 -12.94 34.72 -5.36
C PHE E 19 -13.46 34.47 -6.79
N THR E 20 -12.91 33.44 -7.43
CA THR E 20 -13.44 32.96 -8.70
C THR E 20 -13.13 31.48 -8.86
N GLU E 21 -13.90 30.81 -9.71
CA GLU E 21 -13.77 29.39 -9.92
C GLU E 21 -13.77 29.08 -11.41
N VAL E 22 -12.77 28.31 -11.86
CA VAL E 22 -12.73 27.91 -13.27
C VAL E 22 -12.63 26.38 -13.43
N GLU E 23 -13.22 25.90 -14.52
CA GLU E 23 -13.25 24.49 -14.85
C GLU E 23 -12.52 24.20 -16.17
N CYS E 24 -12.12 22.95 -16.34
CA CYS E 24 -11.48 22.50 -17.57
C CYS E 24 -11.52 20.98 -17.71
N PHE E 25 -12.01 20.52 -18.85
CA PHE E 25 -11.80 19.14 -19.29
C PHE E 25 -10.63 19.11 -20.29
N LEU E 26 -9.62 18.32 -19.98
CA LEU E 26 -8.45 18.17 -20.84
C LEU E 26 -8.40 16.79 -21.48
N ASN E 27 -8.51 16.75 -22.80
CA ASN E 27 -8.38 15.51 -23.55
C ASN E 27 -6.95 14.97 -23.49
N PRO E 28 -6.82 13.63 -23.46
CA PRO E 28 -5.49 13.02 -23.50
C PRO E 28 -4.90 13.15 -24.90
N GLN E 29 -3.57 13.12 -24.99
CA GLN E 29 -2.88 13.21 -26.27
C GLN E 29 -1.95 12.01 -26.47
N MET E 30 -2.56 10.85 -26.73
CA MET E 30 -1.82 9.60 -26.83
C MET E 30 -1.26 9.34 -28.22
N GLY E 31 -1.73 10.09 -29.21
CA GLY E 31 -1.29 9.91 -30.59
C GLY E 31 -2.41 9.99 -31.61
N ASN E 32 -3.47 9.23 -31.37
CA ASN E 32 -4.68 9.28 -32.19
C ASN E 32 -4.42 8.87 -33.65
N PRO E 33 -4.07 7.59 -33.87
CA PRO E 33 -3.65 7.04 -35.16
C PRO E 33 -4.65 7.36 -36.28
N ASP E 34 -5.93 7.34 -35.98
CA ASP E 34 -6.95 7.84 -36.91
C ASP E 34 -8.16 8.37 -36.14
N GLU E 35 -9.17 8.85 -36.88
CA GLU E 35 -10.34 9.47 -36.27
C GLU E 35 -11.07 8.52 -35.32
N HIS E 36 -10.96 7.22 -35.57
CA HIS E 36 -11.69 6.23 -34.76
C HIS E 36 -10.97 5.83 -33.48
N GLN E 37 -9.73 6.27 -33.33
CA GLN E 37 -8.87 5.78 -32.25
C GLN E 37 -8.37 6.89 -31.34
N LYS E 38 -9.23 7.86 -31.05
CA LYS E 38 -8.91 8.90 -30.09
C LYS E 38 -8.85 8.30 -28.70
N GLY E 39 -7.86 8.73 -27.92
CA GLY E 39 -7.61 8.17 -26.60
C GLY E 39 -6.63 7.02 -26.67
N LEU E 40 -6.07 6.81 -27.86
CA LEU E 40 -5.11 5.73 -28.08
C LEU E 40 -3.89 6.22 -28.86
N SER E 41 -2.80 5.48 -28.73
CA SER E 41 -1.64 5.71 -29.56
C SER E 41 -1.68 4.77 -30.74
N LYS E 42 -0.78 4.98 -31.69
CA LYS E 42 -0.54 4.02 -32.74
C LYS E 42 0.02 2.74 -32.12
N SER E 43 -0.08 1.63 -32.83
CA SER E 43 0.53 0.39 -32.38
C SER E 43 1.98 0.68 -32.00
N LEU E 44 2.44 0.06 -30.92
CA LEU E 44 3.79 0.31 -30.43
C LEU E 44 4.80 -0.64 -31.06
N ALA E 45 5.95 -0.09 -31.44
CA ALA E 45 7.05 -0.90 -31.92
C ALA E 45 7.86 -1.43 -30.75
N ALA E 46 8.69 -2.43 -31.02
CA ALA E 46 9.63 -2.93 -30.03
C ALA E 46 10.89 -3.39 -30.74
N GLU E 47 11.95 -3.61 -29.97
CA GLU E 47 13.20 -4.23 -30.45
C GLU E 47 13.89 -3.43 -31.55
N LYS E 48 13.59 -2.14 -31.64
CA LYS E 48 14.28 -1.30 -32.60
C LYS E 48 15.68 -1.01 -32.11
N GLN E 49 16.63 -0.91 -33.03
CA GLN E 49 18.03 -0.70 -32.64
C GLN E 49 18.23 0.75 -32.24
N PHE E 50 19.11 0.97 -31.27
CA PHE E 50 19.33 2.29 -30.70
C PHE E 50 19.71 3.30 -31.78
N THR E 51 20.47 2.83 -32.77
CA THR E 51 21.01 3.69 -33.82
C THR E 51 20.00 3.99 -34.92
N ASP E 52 18.96 3.19 -35.01
CA ASP E 52 17.94 3.38 -36.03
C ASP E 52 16.52 3.24 -35.45
N ASP E 53 16.17 4.18 -34.57
CA ASP E 53 14.84 4.17 -33.95
C ASP E 53 14.12 5.48 -34.27
N SER E 54 13.10 5.39 -35.11
CA SER E 54 12.33 6.56 -35.54
C SER E 54 10.84 6.37 -35.25
N PRO E 55 10.42 6.69 -34.02
CA PRO E 55 9.02 6.56 -33.60
C PRO E 55 8.13 7.56 -34.33
N ASP E 56 6.95 7.11 -34.75
CA ASP E 56 5.96 8.01 -35.32
C ASP E 56 5.33 8.87 -34.24
N LYS E 57 4.95 10.09 -34.59
CA LYS E 57 4.33 10.99 -33.62
C LYS E 57 3.15 10.31 -32.93
N GLU E 58 2.39 9.51 -33.69
CA GLU E 58 1.17 8.89 -33.19
C GLU E 58 1.48 7.77 -32.22
N GLN E 59 2.72 7.29 -32.24
CA GLN E 59 3.16 6.27 -31.29
C GLN E 59 3.61 6.88 -29.97
N LEU E 60 3.74 8.20 -29.94
CA LEU E 60 4.27 8.91 -28.79
C LEU E 60 3.21 9.76 -28.08
N PRO E 61 2.76 9.32 -26.89
CA PRO E 61 1.90 10.17 -26.06
C PRO E 61 2.59 11.48 -25.71
N CYS E 62 1.83 12.56 -25.68
CA CYS E 62 2.38 13.86 -25.36
C CYS E 62 1.67 14.45 -24.14
N TYR E 63 2.32 15.44 -23.51
CA TYR E 63 1.71 16.22 -22.46
C TYR E 63 0.52 17.01 -22.99
N SER E 64 -0.55 17.02 -22.20
CA SER E 64 -1.69 17.86 -22.45
C SER E 64 -1.57 19.15 -21.66
N VAL E 65 -1.93 20.26 -22.30
CA VAL E 65 -1.87 21.57 -21.64
C VAL E 65 -2.96 22.49 -22.17
N ALA E 66 -3.56 23.25 -21.26
CA ALA E 66 -4.53 24.26 -21.62
C ALA E 66 -4.26 25.53 -20.86
N ARG E 67 -4.25 26.65 -21.57
CA ARG E 67 -4.19 27.95 -20.93
C ARG E 67 -5.60 28.46 -20.71
N ILE E 68 -5.94 28.70 -19.46
CA ILE E 68 -7.26 29.20 -19.10
C ILE E 68 -7.21 30.70 -18.81
N PRO E 69 -7.94 31.48 -19.61
CA PRO E 69 -8.04 32.93 -19.45
C PRO E 69 -8.84 33.30 -18.21
N LEU E 70 -8.33 34.23 -17.42
CA LEU E 70 -9.02 34.68 -16.23
C LEU E 70 -9.46 36.13 -16.39
N PRO E 71 -10.52 36.52 -15.65
CA PRO E 71 -11.04 37.89 -15.74
C PRO E 71 -9.95 38.93 -15.48
N ASN E 72 -9.90 39.95 -16.33
CA ASN E 72 -9.03 41.10 -16.16
C ASN E 72 -9.22 41.73 -14.78
N ILE E 73 -8.13 42.16 -14.16
CA ILE E 73 -8.28 42.74 -12.82
CA ILE E 73 -8.16 42.66 -12.79
C ILE E 73 -7.46 44.03 -12.65
N ASN E 74 -6.63 44.36 -13.63
CA ASN E 74 -5.83 45.60 -13.58
C ASN E 74 -5.96 46.51 -14.82
N GLU E 75 -6.39 47.75 -14.61
CA GLU E 75 -6.46 48.75 -15.67
C GLU E 75 -5.08 49.15 -16.19
N ASP E 76 -4.12 49.24 -15.28
CA ASP E 76 -2.77 49.72 -15.61
C ASP E 76 -1.70 48.85 -14.95
N LEU E 77 -0.87 48.21 -15.78
CA LEU E 77 0.14 47.28 -15.27
C LEU E 77 1.46 47.97 -14.90
N THR E 78 1.48 49.29 -15.01
CA THR E 78 2.64 50.07 -14.59
C THR E 78 2.53 50.50 -13.12
N CYS E 79 1.35 50.27 -12.53
CA CYS E 79 1.11 50.64 -11.14
C CYS E 79 1.98 49.80 -10.18
N GLY E 80 2.48 50.45 -9.13
CA GLY E 80 3.37 49.83 -8.15
C GLY E 80 2.71 48.72 -7.36
N ASN E 81 1.39 48.79 -7.24
CA ASN E 81 0.65 47.74 -6.56
C ASN E 81 -0.50 47.27 -7.44
N ILE E 82 -0.45 46.00 -7.81
CA ILE E 82 -1.51 45.42 -8.62
C ILE E 82 -2.07 44.16 -7.98
N LEU E 83 -3.18 43.67 -8.52
CA LEU E 83 -3.77 42.42 -8.09
C LEU E 83 -3.47 41.32 -9.10
N MET E 84 -3.18 40.12 -8.60
CA MET E 84 -3.02 38.94 -9.44
C MET E 84 -3.96 37.83 -8.98
N TRP E 85 -4.39 36.99 -9.90
CA TRP E 85 -5.15 35.81 -9.51
C TRP E 85 -4.21 34.79 -8.89
N GLU E 86 -4.61 34.26 -7.74
CA GLU E 86 -3.82 33.28 -7.01
C GLU E 86 -4.59 31.97 -6.89
N ALA E 87 -4.07 30.92 -7.51
CA ALA E 87 -4.70 29.60 -7.42
C ALA E 87 -4.50 29.00 -6.03
N VAL E 88 -5.61 28.74 -5.34
CA VAL E 88 -5.57 28.33 -3.94
C VAL E 88 -5.85 26.84 -3.74
N THR E 89 -6.81 26.31 -4.49
CA THR E 89 -7.14 24.88 -4.43
C THR E 89 -7.46 24.31 -5.81
N VAL E 90 -7.37 23.00 -5.93
CA VAL E 90 -7.78 22.31 -7.14
C VAL E 90 -8.42 20.98 -6.80
N LYS E 91 -9.56 20.71 -7.42
CA LYS E 91 -10.12 19.38 -7.49
C LYS E 91 -9.81 18.85 -8.86
N THR E 92 -9.30 17.62 -8.94
CA THR E 92 -8.98 17.05 -10.24
C THR E 92 -9.38 15.58 -10.34
N GLU E 93 -9.76 15.16 -11.55
CA GLU E 93 -10.42 13.89 -11.75
C GLU E 93 -10.08 13.29 -13.10
N VAL E 94 -9.71 12.01 -13.11
CA VAL E 94 -9.57 11.26 -14.36
C VAL E 94 -10.96 10.82 -14.84
N ILE E 95 -11.26 11.10 -16.09
CA ILE E 95 -12.60 10.91 -16.65
C ILE E 95 -12.71 9.68 -17.54
N GLY E 96 -13.62 8.79 -17.19
CA GLY E 96 -13.95 7.62 -18.02
C GLY E 96 -13.33 6.32 -17.56
N VAL E 97 -13.06 6.20 -16.26
CA VAL E 97 -12.34 5.05 -15.73
C VAL E 97 -13.13 3.75 -15.95
N THR E 98 -14.46 3.88 -16.00
CA THR E 98 -15.33 2.72 -16.17
C THR E 98 -15.35 2.20 -17.61
N ALA E 99 -14.94 3.05 -18.54
CA ALA E 99 -14.91 2.68 -19.95
C ALA E 99 -14.06 1.42 -20.16
N MET E 100 -13.14 1.15 -19.22
CA MET E 100 -12.19 0.04 -19.35
C MET E 100 -12.82 -1.26 -18.90
N LEU E 101 -14.07 -1.18 -18.45
CA LEU E 101 -14.85 -2.37 -18.11
C LEU E 101 -15.42 -3.03 -19.38
N ASN E 102 -15.26 -2.35 -20.51
CA ASN E 102 -15.56 -2.95 -21.80
C ASN E 102 -14.44 -3.90 -22.20
N LEU E 103 -14.70 -5.19 -22.02
CA LEU E 103 -13.73 -6.22 -22.36
C LEU E 103 -14.12 -7.00 -23.62
N HIS E 104 -15.06 -6.45 -24.39
CA HIS E 104 -15.59 -7.18 -25.55
C HIS E 104 -15.21 -6.57 -26.89
N SER E 105 -14.98 -5.26 -26.92
CA SER E 105 -14.70 -4.56 -28.19
C SER E 105 -13.24 -4.65 -28.62
N GLY E 106 -12.99 -5.43 -29.67
CA GLY E 106 -11.67 -5.57 -30.28
C GLY E 106 -10.59 -6.09 -29.34
N THR E 107 -11.00 -6.79 -28.30
CA THR E 107 -10.11 -7.24 -27.25
C THR E 107 -9.43 -8.55 -27.61
N GLN E 108 -8.43 -8.93 -26.81
CA GLN E 108 -7.83 -10.25 -26.94
C GLN E 108 -8.25 -11.15 -25.78
N LYS E 109 -8.83 -12.29 -26.14
CA LYS E 109 -9.15 -13.34 -25.20
C LYS E 109 -7.99 -13.59 -24.25
N THR E 110 -8.28 -13.76 -22.96
CA THR E 110 -7.24 -14.16 -22.01
C THR E 110 -7.01 -15.66 -22.09
N HIS E 111 -8.08 -16.38 -22.43
CA HIS E 111 -8.04 -17.82 -22.59
C HIS E 111 -9.27 -18.24 -23.38
N GLU E 112 -9.28 -19.48 -23.83
CA GLU E 112 -10.43 -19.98 -24.57
C GLU E 112 -11.71 -19.87 -23.75
N ASN E 113 -12.69 -19.16 -24.30
CA ASN E 113 -13.97 -18.98 -23.61
C ASN E 113 -13.97 -17.79 -22.66
N GLY E 114 -12.82 -17.15 -22.50
CA GLY E 114 -12.67 -16.11 -21.49
C GLY E 114 -12.98 -14.71 -21.96
N ALA E 115 -13.09 -13.79 -21.00
CA ALA E 115 -13.27 -12.38 -21.32
C ALA E 115 -12.02 -11.81 -21.99
N GLY E 116 -12.15 -10.59 -22.51
CA GLY E 116 -11.02 -9.91 -23.13
C GLY E 116 -10.04 -9.40 -22.10
N LYS E 117 -8.79 -9.22 -22.49
CA LYS E 117 -7.76 -8.70 -21.61
C LYS E 117 -7.96 -7.22 -21.33
N PRO E 118 -8.04 -6.85 -20.04
CA PRO E 118 -8.20 -5.45 -19.62
C PRO E 118 -6.95 -4.62 -19.93
N ILE E 119 -7.14 -3.32 -20.10
CA ILE E 119 -6.01 -2.42 -20.26
C ILE E 119 -5.13 -2.49 -19.00
N GLN E 120 -3.83 -2.60 -19.22
CA GLN E 120 -2.87 -2.77 -18.12
C GLN E 120 -1.46 -2.46 -18.61
N GLY E 121 -0.51 -2.42 -17.67
CA GLY E 121 0.87 -2.16 -18.01
C GLY E 121 1.35 -0.84 -17.45
N SER E 122 2.46 -0.34 -18.01
CA SER E 122 3.03 0.91 -17.56
C SER E 122 2.00 2.03 -17.61
N ASN E 123 2.00 2.87 -16.58
CA ASN E 123 1.11 4.02 -16.55
C ASN E 123 1.83 5.24 -16.00
N PHE E 124 1.30 6.41 -16.36
CA PHE E 124 1.79 7.68 -15.83
C PHE E 124 0.61 8.62 -15.67
N HIS E 125 0.29 8.94 -14.43
CA HIS E 125 -0.80 9.86 -14.11
C HIS E 125 -0.21 11.11 -13.47
N PHE E 126 -0.46 12.25 -14.10
CA PHE E 126 0.23 13.49 -13.77
C PHE E 126 -0.68 14.69 -13.97
N PHE E 127 -0.62 15.65 -13.05
CA PHE E 127 -1.27 16.93 -13.31
C PHE E 127 -0.45 18.08 -12.71
N ALA E 128 -0.68 19.28 -13.22
CA ALA E 128 -0.02 20.48 -12.73
C ALA E 128 -0.94 21.67 -12.85
N VAL E 129 -0.83 22.58 -11.89
CA VAL E 129 -1.53 23.85 -11.94
C VAL E 129 -0.52 24.96 -11.67
N GLY E 130 -0.45 25.93 -12.58
CA GLY E 130 0.49 27.03 -12.43
C GLY E 130 0.03 28.32 -13.09
N GLY E 131 0.66 29.43 -12.71
CA GLY E 131 0.40 30.73 -13.30
C GLY E 131 1.31 31.00 -14.48
N GLU E 132 2.01 29.95 -14.93
CA GLU E 132 2.84 29.96 -16.10
C GLU E 132 2.86 28.56 -16.67
N PRO E 133 3.41 28.39 -17.87
CA PRO E 133 3.64 27.07 -18.44
C PRO E 133 4.57 26.24 -17.57
N LEU E 134 4.26 24.96 -17.46
CA LEU E 134 5.10 24.02 -16.74
C LEU E 134 6.51 24.01 -17.33
N GLU E 135 7.52 24.09 -16.47
CA GLU E 135 8.89 24.09 -16.92
C GLU E 135 9.45 22.66 -16.93
N LEU E 136 10.09 22.29 -18.02
CA LEU E 136 10.45 20.91 -18.26
C LEU E 136 11.96 20.68 -18.32
N GLN E 137 12.36 19.47 -17.97
CA GLN E 137 13.72 19.02 -18.15
C GLN E 137 13.70 17.78 -19.03
N GLY E 138 14.64 17.72 -19.97
CA GLY E 138 14.73 16.61 -20.91
C GLY E 138 15.59 15.46 -20.42
N VAL E 139 15.04 14.26 -20.52
CA VAL E 139 15.78 13.05 -20.23
C VAL E 139 15.33 11.96 -21.20
N LEU E 140 16.29 11.30 -21.85
CA LEU E 140 15.95 10.31 -22.86
C LEU E 140 16.42 8.92 -22.46
N ALA E 141 15.60 7.92 -22.78
CA ALA E 141 16.01 6.53 -22.63
C ALA E 141 17.11 6.23 -23.62
N ASN E 142 16.99 6.81 -24.82
CA ASN E 142 17.96 6.63 -25.89
C ASN E 142 18.23 7.94 -26.59
N TYR E 143 19.42 8.50 -26.40
CA TYR E 143 19.72 9.83 -26.93
C TYR E 143 19.78 9.84 -28.47
N ARG E 144 19.98 8.67 -29.07
CA ARG E 144 20.08 8.59 -30.54
C ARG E 144 18.70 8.43 -31.21
N THR E 145 17.63 8.46 -30.43
CA THR E 145 16.29 8.35 -30.97
C THR E 145 16.01 9.49 -31.95
N LYS E 146 15.52 9.13 -33.13
CA LYS E 146 15.18 10.12 -34.14
C LYS E 146 13.72 10.49 -34.03
N TYR E 147 13.46 11.63 -33.40
CA TYR E 147 12.07 12.04 -33.13
C TYR E 147 11.45 12.76 -34.34
N PRO E 148 10.14 12.51 -34.56
CA PRO E 148 9.37 13.03 -35.69
C PRO E 148 9.27 14.55 -35.68
N ALA E 149 8.88 15.12 -36.82
CA ALA E 149 8.86 16.58 -37.03
C ALA E 149 7.78 17.29 -36.21
N GLN E 150 6.69 16.59 -35.91
CA GLN E 150 5.56 17.21 -35.23
C GLN E 150 5.68 17.13 -33.70
N THR E 151 6.91 16.93 -33.22
CA THR E 151 7.15 16.91 -31.78
C THR E 151 8.24 17.89 -31.39
N VAL E 152 8.14 18.42 -30.17
CA VAL E 152 9.21 19.20 -29.58
C VAL E 152 9.99 18.32 -28.63
N THR E 153 11.22 17.99 -28.98
CA THR E 153 12.06 17.15 -28.16
C THR E 153 13.38 17.86 -27.86
N PRO E 154 14.19 17.27 -26.96
CA PRO E 154 15.48 17.84 -26.54
C PRO E 154 16.40 18.09 -27.73
N LYS E 155 16.78 19.36 -27.91
CA LYS E 155 17.63 19.75 -29.03
C LYS E 155 19.10 19.41 -28.76
N ASN E 156 19.79 18.94 -29.79
CA ASN E 156 21.19 18.56 -29.67
C ASN E 156 21.42 17.55 -28.54
N ALA E 157 20.68 16.44 -28.58
CA ALA E 157 20.82 15.39 -27.59
C ALA E 157 22.23 14.82 -27.60
N THR E 158 22.77 14.57 -26.42
CA THR E 158 24.13 14.04 -26.31
C THR E 158 24.16 12.77 -25.47
N VAL E 159 25.36 12.23 -25.26
CA VAL E 159 25.52 11.05 -24.43
C VAL E 159 24.97 11.28 -23.03
N ASP E 160 24.99 12.54 -22.59
CA ASP E 160 24.57 12.91 -21.24
C ASP E 160 23.04 13.07 -21.09
N SER E 161 22.33 13.01 -22.21
CA SER E 161 20.88 13.20 -22.21
C SER E 161 20.11 12.01 -21.65
N GLN E 162 20.83 10.92 -21.38
CA GLN E 162 20.22 9.75 -20.75
C GLN E 162 20.37 9.87 -19.23
N GLN E 163 21.16 10.85 -18.82
CA GLN E 163 21.23 11.28 -17.44
C GLN E 163 20.95 12.77 -17.40
N MET E 164 21.78 13.54 -16.70
CA MET E 164 21.57 14.99 -16.64
C MET E 164 22.22 15.73 -17.80
N ASN E 165 21.40 16.36 -18.62
CA ASN E 165 21.87 17.31 -19.60
C ASN E 165 21.11 18.62 -19.41
N THR E 166 21.74 19.57 -18.72
CA THR E 166 21.05 20.77 -18.25
C THR E 166 20.60 21.68 -19.39
N ASP E 167 21.11 21.43 -20.60
CA ASP E 167 20.76 22.22 -21.76
C ASP E 167 19.32 21.98 -22.19
N HIS E 168 18.79 20.82 -21.83
CA HIS E 168 17.44 20.44 -22.25
C HIS E 168 16.39 21.07 -21.33
N LYS E 169 16.20 22.38 -21.48
CA LYS E 169 15.15 23.10 -20.78
C LYS E 169 14.07 23.50 -21.76
N ALA E 170 12.83 23.34 -21.33
CA ALA E 170 11.69 23.71 -22.14
C ALA E 170 10.52 24.07 -21.25
N VAL E 171 9.46 24.61 -21.86
CA VAL E 171 8.23 24.87 -21.16
C VAL E 171 7.10 24.18 -21.91
N LEU E 172 6.07 23.77 -21.18
CA LEU E 172 4.91 23.14 -21.80
C LEU E 172 3.97 24.23 -22.32
N ASP E 173 4.25 24.74 -23.52
CA ASP E 173 3.46 25.82 -24.11
C ASP E 173 2.57 25.32 -25.27
N LYS E 174 2.77 24.08 -25.68
CA LYS E 174 1.98 23.47 -26.75
C LYS E 174 1.31 22.16 -26.31
N ASP E 175 0.03 22.02 -26.64
CA ASP E 175 -0.67 20.76 -26.43
C ASP E 175 -0.30 19.77 -27.53
N ASN E 176 -0.20 18.49 -27.17
CA ASN E 176 0.04 17.42 -28.14
C ASN E 176 1.33 17.61 -28.95
N ALA E 177 2.39 18.04 -28.27
CA ALA E 177 3.65 18.36 -28.95
C ALA E 177 4.87 17.86 -28.19
N TYR E 178 4.81 17.86 -26.86
CA TYR E 178 5.93 17.42 -26.05
C TYR E 178 5.75 15.97 -25.58
N PRO E 179 6.51 15.04 -26.19
CA PRO E 179 6.40 13.63 -25.84
C PRO E 179 6.66 13.40 -24.36
N VAL E 180 5.85 12.55 -23.73
CA VAL E 180 5.99 12.27 -22.30
C VAL E 180 7.34 11.58 -22.02
N GLU E 181 7.76 10.69 -22.92
CA GLU E 181 9.01 9.95 -22.72
C GLU E 181 10.26 10.84 -22.82
N CYS E 182 10.06 12.10 -23.21
CA CYS E 182 11.20 13.00 -23.42
C CYS E 182 11.36 14.01 -22.31
N TRP E 183 10.26 14.35 -21.64
CA TRP E 183 10.28 15.47 -20.70
C TRP E 183 9.72 15.10 -19.33
N VAL E 184 10.30 15.69 -18.29
CA VAL E 184 9.76 15.66 -16.95
C VAL E 184 9.68 17.08 -16.43
N PRO E 185 8.78 17.34 -15.48
CA PRO E 185 8.82 18.65 -14.85
C PRO E 185 10.20 18.92 -14.24
N ASP E 186 10.67 20.15 -14.36
CA ASP E 186 11.97 20.55 -13.83
C ASP E 186 11.84 21.03 -12.39
N PRO E 187 12.39 20.27 -11.42
CA PRO E 187 12.24 20.63 -10.01
C PRO E 187 13.17 21.77 -9.59
N SER E 188 14.12 22.13 -10.45
CA SER E 188 15.00 23.25 -10.17
C SER E 188 14.32 24.58 -10.51
N LYS E 189 13.18 24.47 -11.19
CA LYS E 189 12.32 25.62 -11.49
C LYS E 189 10.91 25.36 -10.95
N ASN E 190 9.92 25.87 -11.66
CA ASN E 190 8.50 25.65 -11.32
C ASN E 190 8.12 26.21 -9.93
N GLU E 191 8.66 27.37 -9.61
CA GLU E 191 8.29 28.09 -8.40
C GLU E 191 6.83 28.53 -8.45
N ASN E 192 6.32 28.77 -9.64
CA ASN E 192 4.96 29.29 -9.83
C ASN E 192 3.99 28.21 -10.31
N THR E 193 4.38 26.95 -10.12
CA THR E 193 3.57 25.79 -10.49
C THR E 193 3.60 24.71 -9.40
N ARG E 194 2.48 24.02 -9.21
CA ARG E 194 2.45 22.83 -8.38
C ARG E 194 2.18 21.63 -9.26
N TYR E 195 3.04 20.61 -9.19
CA TYR E 195 2.83 19.43 -10.03
C TYR E 195 2.93 18.13 -9.22
N PHE E 196 2.18 17.13 -9.68
CA PHE E 196 2.10 15.84 -9.02
C PHE E 196 2.01 14.73 -10.05
N GLY E 197 2.91 13.76 -9.97
CA GLY E 197 2.88 12.64 -10.90
C GLY E 197 3.29 11.32 -10.28
N THR E 198 2.76 10.23 -10.81
CA THR E 198 3.21 8.89 -10.43
C THR E 198 3.39 8.02 -11.67
N TYR E 199 4.60 7.48 -11.79
CA TYR E 199 4.93 6.50 -12.83
C TYR E 199 4.94 5.09 -12.26
N THR E 200 4.29 4.16 -12.98
CA THR E 200 4.35 2.76 -12.64
C THR E 200 4.73 1.97 -13.89
N GLY E 201 5.81 1.21 -13.82
CA GLY E 201 6.30 0.43 -14.96
C GLY E 201 6.10 -1.06 -14.79
N GLY E 202 5.91 -1.76 -15.91
CA GLY E 202 5.68 -3.21 -15.88
C GLY E 202 4.48 -3.59 -16.72
N GLU E 203 4.67 -4.54 -17.62
CA GLU E 203 3.65 -4.86 -18.63
C GLU E 203 2.34 -5.39 -18.02
N ASN E 204 2.42 -5.89 -16.78
CA ASN E 204 1.25 -6.49 -16.13
C ASN E 204 0.66 -5.64 -15.02
N VAL E 205 1.14 -4.41 -14.90
CA VAL E 205 0.70 -3.53 -13.81
C VAL E 205 -0.81 -3.24 -13.91
N PRO E 206 -1.55 -3.55 -12.84
CA PRO E 206 -2.97 -3.21 -12.77
C PRO E 206 -3.18 -1.72 -12.52
N PRO E 207 -3.90 -1.04 -13.43
CA PRO E 207 -4.31 0.33 -13.15
C PRO E 207 -5.21 0.42 -11.91
N VAL E 208 -4.90 1.36 -11.03
CA VAL E 208 -5.72 1.66 -9.88
C VAL E 208 -6.14 3.12 -9.97
N LEU E 209 -7.44 3.36 -10.16
CA LEU E 209 -7.92 4.71 -10.40
C LEU E 209 -9.06 5.08 -9.44
N HIS E 210 -8.84 6.13 -8.67
CA HIS E 210 -9.82 6.60 -7.71
C HIS E 210 -10.57 7.79 -8.26
N ILE E 211 -11.88 7.82 -8.01
CA ILE E 211 -12.68 8.99 -8.36
C ILE E 211 -13.48 9.45 -7.16
N THR E 212 -13.64 10.76 -7.04
CA THR E 212 -14.47 11.36 -6.00
C THR E 212 -14.64 12.84 -6.32
N ASN E 213 -15.61 13.49 -5.69
CA ASN E 213 -15.73 14.94 -5.82
C ASN E 213 -15.45 15.63 -4.48
N THR E 214 -14.83 14.88 -3.57
CA THR E 214 -14.60 15.35 -2.20
C THR E 214 -13.12 15.62 -1.90
N ALA E 215 -12.25 15.34 -2.87
CA ALA E 215 -10.81 15.50 -2.67
C ALA E 215 -10.31 16.83 -3.25
N THR E 216 -9.63 17.59 -2.40
CA THR E 216 -9.09 18.89 -2.77
C THR E 216 -7.60 18.95 -2.50
N THR E 217 -6.86 19.51 -3.44
CA THR E 217 -5.44 19.76 -3.24
C THR E 217 -5.23 21.25 -3.01
N VAL E 218 -4.58 21.58 -1.89
CA VAL E 218 -4.25 22.97 -1.62
C VAL E 218 -2.98 23.32 -2.39
N LEU E 219 -2.97 24.49 -3.05
CA LEU E 219 -1.90 24.87 -3.95
C LEU E 219 -0.96 25.92 -3.34
N LEU E 220 -1.20 26.25 -2.07
CA LEU E 220 -0.34 27.19 -1.38
C LEU E 220 1.01 26.55 -1.07
N ASP E 221 2.08 27.32 -1.25
CA ASP E 221 3.41 26.82 -0.95
C ASP E 221 3.73 27.01 0.52
N GLU E 222 5.00 26.83 0.88
CA GLU E 222 5.44 26.85 2.27
C GLU E 222 5.20 28.20 2.96
N GLN E 223 5.20 29.28 2.16
CA GLN E 223 4.92 30.62 2.69
C GLN E 223 3.44 31.01 2.55
N GLY E 224 2.60 30.08 2.09
CA GLY E 224 1.17 30.33 1.99
C GLY E 224 0.75 31.06 0.72
N VAL E 225 1.56 30.92 -0.33
CA VAL E 225 1.24 31.52 -1.62
C VAL E 225 1.00 30.45 -2.66
N GLY E 226 -0.14 30.54 -3.35
CA GLY E 226 -0.44 29.66 -4.47
C GLY E 226 0.09 30.26 -5.75
N PRO E 227 0.05 29.50 -6.85
CA PRO E 227 0.52 30.01 -8.14
C PRO E 227 -0.14 31.34 -8.49
N LEU E 228 0.68 32.32 -8.86
CA LEU E 228 0.22 33.63 -9.26
C LEU E 228 0.14 33.73 -10.77
N CYS E 229 -1.07 33.98 -11.28
CA CYS E 229 -1.32 33.88 -12.71
C CYS E 229 -0.86 35.10 -13.49
N LYS E 230 0.24 34.94 -14.21
CA LYS E 230 0.82 36.00 -15.02
C LYS E 230 -0.02 36.23 -16.26
N ALA E 231 -0.18 37.52 -16.62
CA ALA E 231 -1.02 37.91 -17.75
C ALA E 231 -2.43 37.33 -17.62
N ASP E 232 -2.92 37.23 -16.39
CA ASP E 232 -4.27 36.74 -16.11
C ASP E 232 -4.54 35.39 -16.78
N SER E 233 -3.53 34.54 -16.80
CA SER E 233 -3.65 33.20 -17.41
C SER E 233 -3.30 32.10 -16.42
N LEU E 234 -4.11 31.05 -16.44
CA LEU E 234 -3.87 29.86 -15.62
C LEU E 234 -3.49 28.71 -16.53
N TYR E 235 -2.55 27.88 -16.09
CA TYR E 235 -2.11 26.74 -16.90
C TYR E 235 -2.39 25.42 -16.20
N VAL E 236 -3.11 24.54 -16.90
CA VAL E 236 -3.31 23.20 -16.41
C VAL E 236 -2.67 22.20 -17.35
N SER E 237 -1.83 21.33 -16.79
CA SER E 237 -1.11 20.32 -17.55
C SER E 237 -1.48 18.92 -17.06
N ALA E 238 -1.42 17.94 -17.95
CA ALA E 238 -1.84 16.59 -17.58
C ALA E 238 -1.24 15.50 -18.46
N VAL E 239 -1.00 14.35 -17.85
CA VAL E 239 -0.79 13.11 -18.58
C VAL E 239 -1.52 12.03 -17.82
N ASP E 240 -2.26 11.19 -18.54
CA ASP E 240 -2.96 10.08 -17.91
C ASP E 240 -2.90 8.84 -18.80
N ILE E 241 -1.69 8.30 -18.91
CA ILE E 241 -1.48 7.03 -19.56
C ILE E 241 -1.91 5.95 -18.58
N CYS E 242 -3.00 5.26 -18.93
CA CYS E 242 -3.62 4.28 -18.04
C CYS E 242 -2.97 2.92 -18.15
N GLY E 243 -2.40 2.65 -19.32
CA GLY E 243 -1.78 1.38 -19.60
C GLY E 243 -1.87 1.07 -21.08
N LEU E 244 -1.67 -0.20 -21.42
CA LEU E 244 -1.71 -0.63 -22.81
C LEU E 244 -3.01 -1.32 -23.13
N PHE E 245 -3.58 -0.99 -24.29
CA PHE E 245 -4.69 -1.77 -24.83
C PHE E 245 -4.15 -2.85 -25.75
N THR E 246 -4.59 -4.10 -25.53
CA THR E 246 -4.14 -5.21 -26.36
C THR E 246 -5.20 -5.61 -27.39
N ASN E 247 -4.87 -5.42 -28.66
CA ASN E 247 -5.69 -5.90 -29.77
C ASN E 247 -5.74 -7.42 -29.84
N THR E 248 -6.74 -7.94 -30.52
CA THR E 248 -6.87 -9.37 -30.72
C THR E 248 -5.56 -9.94 -31.26
N SER E 249 -4.94 -9.19 -32.17
CA SER E 249 -3.71 -9.63 -32.84
C SER E 249 -2.49 -9.63 -31.92
N GLY E 250 -2.61 -9.00 -30.76
CA GLY E 250 -1.49 -8.92 -29.84
C GLY E 250 -0.78 -7.58 -29.87
N THR E 251 -1.14 -6.74 -30.84
CA THR E 251 -0.57 -5.40 -30.91
C THR E 251 -1.08 -4.56 -29.75
N GLN E 252 -0.30 -3.55 -29.36
CA GLN E 252 -0.65 -2.76 -28.19
C GLN E 252 -0.50 -1.27 -28.44
N GLN E 253 -1.45 -0.50 -27.92
CA GLN E 253 -1.39 0.95 -28.02
C GLN E 253 -1.68 1.59 -26.67
N TRP E 254 -1.01 2.70 -26.37
CA TRP E 254 -1.22 3.38 -25.11
C TRP E 254 -2.69 3.82 -25.00
N LYS E 255 -3.21 3.78 -23.78
CA LYS E 255 -4.56 4.24 -23.51
C LYS E 255 -4.52 5.41 -22.56
N GLY E 256 -5.20 6.49 -22.92
CA GLY E 256 -5.30 7.66 -22.07
C GLY E 256 -6.74 8.05 -21.83
N LEU E 257 -6.97 8.82 -20.77
CA LEU E 257 -8.30 9.32 -20.44
C LEU E 257 -8.22 10.81 -20.15
N PRO E 258 -9.33 11.54 -20.36
CA PRO E 258 -9.34 12.96 -20.07
C PRO E 258 -9.19 13.25 -18.59
N ARG E 259 -8.86 14.49 -18.27
CA ARG E 259 -8.65 14.91 -16.90
C ARG E 259 -9.42 16.20 -16.67
N TYR E 260 -10.14 16.25 -15.57
CA TYR E 260 -10.92 17.43 -15.20
C TYR E 260 -10.20 18.26 -14.14
N PHE E 261 -10.25 19.57 -14.31
CA PHE E 261 -9.70 20.49 -13.34
C PHE E 261 -10.75 21.47 -12.85
N LYS E 262 -10.78 21.68 -11.54
CA LYS E 262 -11.62 22.68 -10.92
CA LYS E 262 -11.62 22.68 -10.92
C LYS E 262 -10.79 23.50 -9.95
N ILE E 263 -10.36 24.67 -10.39
CA ILE E 263 -9.47 25.52 -9.62
C ILE E 263 -10.22 26.68 -8.97
N THR E 264 -9.94 26.90 -7.68
CA THR E 264 -10.45 28.07 -7.00
C THR E 264 -9.33 29.09 -6.84
N LEU E 265 -9.64 30.35 -7.12
CA LEU E 265 -8.64 31.40 -7.13
C LEU E 265 -9.08 32.58 -6.27
N ARG E 266 -8.10 33.32 -5.75
CA ARG E 266 -8.40 34.54 -5.02
C ARG E 266 -7.58 35.69 -5.58
N LYS E 267 -8.04 36.91 -5.33
CA LYS E 267 -7.30 38.08 -5.74
C LYS E 267 -6.23 38.37 -4.70
N ARG E 268 -4.99 38.51 -5.17
CA ARG E 268 -3.85 38.75 -4.30
C ARG E 268 -3.17 40.06 -4.65
N SER E 269 -2.78 40.81 -3.64
CA SER E 269 -1.99 42.01 -3.85
C SER E 269 -0.53 41.65 -4.01
N VAL E 270 0.10 42.18 -5.06
CA VAL E 270 1.53 41.94 -5.27
C VAL E 270 2.24 43.25 -5.59
N LYS E 271 3.56 43.27 -5.38
CA LYS E 271 4.36 44.43 -5.72
C LYS E 271 4.65 44.46 -7.22
N ASN E 272 4.69 45.66 -7.79
CA ASN E 272 4.87 45.80 -9.23
C ASN E 272 5.63 47.08 -9.61
C2 BGC F . -26.41 -29.64 -22.24
C3 BGC F . -25.51 -28.48 -21.83
C4 BGC F . -24.99 -27.72 -23.05
C5 BGC F . -26.20 -27.37 -23.92
C6 BGC F . -25.80 -26.51 -25.12
C1 BGC F . -27.44 -29.27 -23.31
O1 BGC F . -28.03 -30.43 -23.83
O2 BGC F . -27.10 -30.12 -21.10
O3 BGC F . -24.43 -28.96 -21.07
O4 BGC F . -24.24 -26.55 -22.72
O5 BGC F . -26.82 -28.55 -24.36
O6 BGC F . -26.83 -25.58 -25.39
C1 GAL F . -24.78 -25.64 -21.74
C2 GAL F . -23.58 -25.11 -20.96
C3 GAL F . -23.78 -23.76 -20.29
C4 GAL F . -24.52 -22.78 -21.17
C5 GAL F . -25.84 -23.47 -21.54
C6 GAL F . -26.75 -22.55 -22.33
O2 GAL F . -23.26 -26.03 -19.93
O3 GAL F . -22.50 -23.30 -20.01
O4 GAL F . -23.80 -22.43 -22.33
O5 GAL F . -25.60 -24.64 -22.30
O6 GAL F . -28.07 -22.66 -21.87
C1 NGA F . -23.46 -21.03 -22.40
C2 NGA F . -22.16 -20.91 -23.19
C3 NGA F . -21.74 -19.47 -23.44
C4 NGA F . -22.92 -18.65 -23.94
C5 NGA F . -24.13 -18.82 -23.03
C6 NGA F . -25.33 -18.03 -23.54
C7 NGA F . -20.40 -22.61 -23.01
C8 NGA F . -19.36 -23.22 -22.11
N2 NGA F . -21.10 -21.61 -22.47
O3 NGA F . -20.67 -19.46 -24.39
O4 NGA F . -23.23 -19.07 -25.28
O5 NGA F . -24.47 -20.21 -22.93
O6 NGA F . -26.47 -18.31 -22.71
O7 NGA F . -20.58 -23.01 -24.15
C1 GAL F . -19.81 -18.33 -24.18
C2 GAL F . -18.48 -18.52 -24.91
C3 GAL F . -17.56 -17.33 -24.70
C4 GAL F . -18.26 -16.01 -25.00
C5 GAL F . -19.62 -15.98 -24.30
C6 GAL F . -20.45 -14.76 -24.70
O2 GAL F . -17.84 -19.69 -24.44
O3 GAL F . -16.43 -17.45 -25.54
O4 GAL F . -18.40 -15.88 -26.40
O5 GAL F . -20.39 -17.13 -24.61
O6 GAL F . -21.69 -14.82 -24.05
C1 SIA F . -20.81 -22.10 -18.86
C2 SIA F . -22.23 -22.62 -18.76
C3 SIA F . -22.38 -23.56 -17.57
C4 SIA F . -22.27 -22.85 -16.22
C5 SIA F . -23.11 -21.58 -16.17
C6 SIA F . -22.87 -20.74 -17.43
C7 SIA F . -23.74 -19.47 -17.43
C8 SIA F . -23.74 -18.73 -18.76
C9 SIA F . -24.23 -17.30 -18.57
C10 SIA F . -23.72 -20.36 -14.14
C11 SIA F . -23.22 -19.57 -12.98
N5 SIA F . -22.80 -20.81 -14.99
O1A SIA F . -19.87 -22.78 -18.37
O1B SIA F . -20.60 -21.04 -19.48
O4 SIA F . -22.71 -23.76 -15.19
O6 SIA F . -23.15 -21.54 -18.59
O7 SIA F . -25.09 -19.85 -17.13
O8 SIA F . -22.42 -18.68 -19.33
O9 SIA F . -24.19 -16.61 -19.83
O10 SIA F . -24.92 -20.58 -14.30
C2 BGC G . 31.45 -32.15 -6.27
C3 BGC G . 30.19 -31.37 -5.92
C4 BGC G . 29.03 -32.33 -5.68
C5 BGC G . 29.47 -33.36 -4.63
C6 BGC G . 28.33 -34.29 -4.24
C1 BGC G . 31.70 -33.30 -5.30
O1 BGC G . 32.76 -34.10 -5.78
O2 BGC G . 32.56 -31.27 -6.24
O3 BGC G . 29.88 -30.48 -6.96
O4 BGC G . 27.84 -31.67 -5.24
O5 BGC G . 30.54 -34.10 -5.18
O6 BGC G . 28.30 -34.41 -2.83
C1 GAL G . 27.95 -30.61 -4.28
C2 GAL G . 26.94 -29.55 -4.71
C3 GAL G . 26.46 -28.61 -3.59
C4 GAL G . 26.22 -29.38 -2.30
C5 GAL G . 27.50 -30.10 -1.95
C6 GAL G . 27.35 -30.80 -0.60
O2 GAL G . 27.53 -28.73 -5.70
O3 GAL G . 25.27 -28.02 -4.05
O4 GAL G . 25.17 -30.31 -2.47
O5 GAL G . 27.82 -31.06 -2.94
O6 GAL G . 28.46 -31.63 -0.35
C1 NGA G . 24.06 -30.06 -1.60
C2 NGA G . 22.78 -30.52 -2.28
C3 NGA G . 21.55 -30.42 -1.37
C4 NGA G . 21.83 -31.05 -0.01
C5 NGA G . 23.09 -30.42 0.56
C6 NGA G . 23.43 -31.00 1.94
C7 NGA G . 22.35 -30.31 -4.66
C8 NGA G . 22.16 -29.39 -5.83
N2 NGA G . 22.58 -29.72 -3.48
O3 NGA G . 20.46 -31.07 -2.00
O4 NGA G . 21.97 -32.46 -0.16
O5 NGA G . 24.20 -30.65 -0.32
O6 NGA G . 24.75 -30.60 2.30
O7 NGA G . 22.29 -31.51 -4.77
C1 GAL G . 19.18 -30.58 -1.55
C2 GAL G . 18.09 -31.09 -2.47
C3 GAL G . 16.73 -30.50 -2.10
C4 GAL G . 16.45 -30.70 -0.61
C5 GAL G . 17.66 -30.27 0.22
C6 GAL G . 17.47 -30.57 1.70
O2 GAL G . 18.39 -30.75 -3.82
O3 GAL G . 15.74 -31.11 -2.87
O4 GAL G . 16.13 -32.06 -0.37
O5 GAL G . 18.84 -30.92 -0.22
O6 GAL G . 18.60 -30.10 2.41
C1 SIA G . 23.69 -26.29 -4.32
C2 SIA G . 25.05 -26.62 -3.78
C3 SIA G . 26.11 -25.75 -4.44
C4 SIA G . 25.92 -24.27 -4.05
C5 SIA G . 25.85 -24.10 -2.54
C6 SIA G . 24.80 -25.05 -1.99
C7 SIA G . 24.74 -25.02 -0.47
C8 SIA G . 23.93 -26.18 0.08
C9 SIA G . 23.39 -25.87 1.46
C10 SIA G . 26.24 -21.98 -1.34
C11 SIA G . 25.68 -20.60 -1.11
N5 SIA G . 25.52 -22.73 -2.17
O1A SIA G . 23.59 -25.69 -5.42
O1B SIA G . 22.68 -26.66 -3.67
O4 SIA G . 27.01 -23.48 -4.57
O6 SIA G . 25.10 -26.40 -2.37
O7 SIA G . 26.07 -25.08 0.07
O8 SIA G . 22.83 -26.47 -0.80
O9 SIA G . 22.76 -27.05 1.99
O10 SIA G . 27.27 -22.34 -0.78
C2 BGC H . -5.00 -5.18 -45.54
C3 BGC H . -4.59 -5.50 -44.11
C4 BGC H . -5.72 -5.16 -43.15
C5 BGC H . -7.02 -5.81 -43.60
C6 BGC H . -8.17 -5.43 -42.68
C1 BGC H . -6.35 -5.80 -45.87
O1 BGC H . -6.77 -5.34 -47.14
O2 BGC H . -4.03 -5.70 -46.43
O3 BGC H . -3.44 -4.77 -43.78
O4 BGC H . -5.39 -5.59 -41.85
O5 BGC H . -7.33 -5.42 -44.91
O6 BGC H . -8.60 -6.57 -41.97
C1 GAL H . -5.38 -4.46 -40.96
C2 GAL H . -5.18 -4.97 -39.53
C3 GAL H . -4.98 -3.83 -38.54
C4 GAL H . -4.01 -2.80 -39.07
C5 GAL H . -4.45 -2.36 -40.45
C6 GAL H . -3.57 -1.25 -41.01
O2 GAL H . -6.32 -5.73 -39.17
O3 GAL H . -4.50 -4.39 -37.35
O4 GAL H . -2.72 -3.38 -39.10
O5 GAL H . -4.41 -3.49 -41.30
O6 GAL H . -3.98 -0.91 -42.31
C1 NGA H . -1.74 -2.69 -38.31
C2 NGA H . -0.64 -3.66 -37.90
C3 NGA H . 0.46 -2.96 -37.09
C4 NGA H . 0.90 -1.68 -37.79
C5 NGA H . -0.29 -0.81 -38.14
C6 NGA H . 0.15 0.44 -38.88
C7 NGA H . -1.11 -6.01 -37.52
C8 NGA H . -1.71 -7.03 -36.61
N2 NGA H . -1.18 -4.75 -37.11
O3 NGA H . 1.55 -3.87 -36.92
O4 NGA H . 1.61 -2.03 -38.99
O5 NGA H . -1.21 -1.53 -38.94
O6 NGA H . -0.93 1.37 -38.96
O7 NGA H . -0.58 -6.33 -38.57
C1 GAL H . 2.32 -3.65 -35.73
C2 GAL H . 3.23 -4.84 -35.48
C3 GAL H . 4.05 -4.63 -34.21
C4 GAL H . 4.71 -3.25 -34.18
C5 GAL H . 3.71 -2.16 -34.55
C6 GAL H . 4.41 -0.81 -34.71
O2 GAL H . 2.46 -6.02 -35.36
O3 GAL H . 5.03 -5.63 -34.13
O4 GAL H . 5.79 -3.21 -35.10
O5 GAL H . 3.08 -2.47 -35.77
O6 GAL H . 3.48 0.14 -35.20
C1 SIA H . -4.33 -4.66 -35.02
C2 SIA H . -5.05 -3.91 -36.11
C3 SIA H . -6.55 -4.16 -36.04
C4 SIA H . -7.18 -3.56 -34.77
C5 SIA H . -6.84 -2.09 -34.62
C6 SIA H . -5.33 -1.90 -34.76
C7 SIA H . -4.95 -0.42 -34.74
C8 SIA H . -3.49 -0.21 -35.15
C9 SIA H . -2.94 1.09 -34.58
C10 SIA H . -8.01 -0.46 -33.18
C11 SIA H . -8.34 -0.09 -31.77
N5 SIA H . -7.27 -1.57 -33.33
O1A SIA H . -4.84 -5.70 -34.56
O1B SIA H . -3.21 -4.24 -34.65
O4 SIA H . -8.61 -3.71 -34.84
O6 SIA H . -4.85 -2.49 -35.98
O7 SIA H . -5.81 0.30 -35.63
O8 SIA H . -2.66 -1.29 -34.71
O9 SIA H . -1.64 1.35 -35.14
O10 SIA H . -8.38 0.22 -34.12
C1 EDO I . -9.68 0.69 -27.06
O1 EDO I . -10.71 0.41 -28.02
C2 EDO I . -10.13 1.79 -26.12
O2 EDO I . -10.32 1.25 -24.80
C1 EDO J . -14.71 2.38 -2.62
O1 EDO J . -15.61 1.63 -1.80
C2 EDO J . -15.01 3.86 -2.47
O2 EDO J . -13.78 4.58 -2.28
C1 EDO K . -21.24 -17.61 -8.79
O1 EDO K . -21.72 -18.93 -8.51
C2 EDO K . -21.49 -16.69 -7.60
O2 EDO K . -20.31 -16.59 -6.79
C1 EDO L . 24.10 -15.87 -0.77
O1 EDO L . 25.33 -15.96 -1.50
C2 EDO L . 24.10 -14.63 0.12
O2 EDO L . 23.14 -13.68 -0.37
C1 EDO M . 13.55 7.72 -0.36
O1 EDO M . 12.84 7.17 0.76
C2 EDO M . 13.26 6.88 -1.60
O2 EDO M . 13.26 7.72 -2.74
C1 EDO N . -1.51 11.28 -9.85
O1 EDO N . -2.88 11.16 -10.24
C2 EDO N . -1.32 12.60 -9.11
O2 EDO N . -0.57 12.35 -7.90
#